data_6XNQ
#
_entry.id   6XNQ
#
_cell.length_a   122.990
_cell.length_b   102.660
_cell.length_c   147.660
_cell.angle_alpha   90.000
_cell.angle_beta   95.930
_cell.angle_gamma   90.000
#
_symmetry.space_group_name_H-M   'C 1 2 1'
#
loop_
_entity.id
_entity.type
_entity.pdbx_description
1 polymer 'Argininosuccinate synthase'
2 non-polymer 1,2-ETHANEDIOL
3 non-polymer 'SULFATE ION'
4 water water
#
_entity_poly.entity_id   1
_entity_poly.type   'polypeptide(L)'
_entity_poly.pdbx_seq_one_letter_code
;MAHHHHHHMKKVIKKIALAYSGGLDTSIMIPWLKEHYEHAEVIAVICDLGQQEDLDAIKNKALKSGASKAYVVDVKNEFA
TQYLWPLVKSGALYEDQYILGTISRPLIAQKLVEIALTEQVNAVAHGATGKGNDQVRFEYSIKALAPQLEIIAPWRTWDI
KSRQEAIVYAKAHGIEVPVTPKAPYSRDHNIWYISHEGGVLEDPSQEMPNDVLLMTAPVSQTPDEEEVVVLDFKKGVPVA
LNGQELSPVDLLNSLNQKAGQHGIGVADIVENRLVGMKIRGIYEAPAAAVLYKAHKLLESLCLTRSTLHLKQSLQQTYAN
LVYEGRWFSQTKQALDAFIDVTQQHVTGCVKLKLFKGNIIPAGMHSPYSLHHPELATFEEDNVYNQKDAEGFINLFSLSA
KIYSQVHQGGNYD
;
_entity_poly.pdbx_strand_id   A,B,C,D
#
loop_
_chem_comp.id
_chem_comp.type
_chem_comp.name
_chem_comp.formula
EDO non-polymer 1,2-ETHANEDIOL 'C2 H6 O2'
SO4 non-polymer 'SULFATE ION' 'O4 S -2'
#
# COMPACT_ATOMS: atom_id res chain seq x y z
N VAL A 12 32.29 35.82 -5.74
CA VAL A 12 33.35 35.42 -4.81
C VAL A 12 32.77 35.19 -3.42
N ILE A 13 33.06 34.04 -2.84
CA ILE A 13 32.48 33.65 -1.55
C ILE A 13 33.06 34.56 -0.46
N LYS A 14 32.26 35.50 0.03
CA LYS A 14 32.69 36.42 1.07
C LYS A 14 32.14 36.07 2.45
N LYS A 15 31.02 35.35 2.51
CA LYS A 15 30.38 34.98 3.78
CA LYS A 15 30.42 34.98 3.78
C LYS A 15 29.89 33.54 3.70
N ILE A 16 30.13 32.78 4.76
CA ILE A 16 29.72 31.38 4.87
C ILE A 16 29.01 31.21 6.21
N ALA A 17 27.82 30.61 6.18
CA ALA A 17 27.13 30.25 7.40
C ALA A 17 27.35 28.76 7.67
N LEU A 18 27.77 28.44 8.89
CA LEU A 18 28.16 27.08 9.28
C LEU A 18 27.26 26.59 10.40
N ALA A 19 26.68 25.40 10.25
CA ALA A 19 25.97 24.75 11.34
C ALA A 19 27.00 24.20 12.33
N TYR A 20 27.03 24.77 13.53
CA TYR A 20 28.15 24.62 14.45
C TYR A 20 27.70 23.94 15.73
N SER A 21 28.38 22.86 16.09
CA SER A 21 28.01 22.08 17.27
C SER A 21 28.93 22.29 18.46
N GLY A 22 30.12 22.83 18.26
CA GLY A 22 31.10 22.93 19.31
C GLY A 22 32.05 21.77 19.38
N GLY A 23 31.74 20.65 18.72
CA GLY A 23 32.64 19.53 18.67
C GLY A 23 33.89 19.82 17.89
N LEU A 24 34.83 18.87 17.93
CA LEU A 24 36.11 19.06 17.28
C LEU A 24 35.94 19.34 15.78
N ASP A 25 35.08 18.56 15.12
CA ASP A 25 34.91 18.68 13.67
C ASP A 25 34.49 20.08 13.25
N THR A 26 33.34 20.55 13.74
CA THR A 26 32.89 21.86 13.29
C THR A 26 33.76 22.98 13.86
N SER A 27 34.47 22.73 14.95
CA SER A 27 35.36 23.75 15.48
C SER A 27 36.50 24.03 14.51
N ILE A 28 37.20 22.98 14.04
CA ILE A 28 38.27 23.20 13.08
C ILE A 28 37.75 23.62 11.71
N MET A 29 36.45 23.47 11.44
CA MET A 29 35.94 23.92 10.14
C MET A 29 35.99 25.44 10.00
N ILE A 30 35.91 26.17 11.10
CA ILE A 30 35.97 27.63 11.02
C ILE A 30 37.32 28.06 10.44
N PRO A 31 38.48 27.70 11.03
CA PRO A 31 39.74 28.09 10.37
C PRO A 31 39.92 27.47 9.01
N TRP A 32 39.44 26.24 8.81
CA TRP A 32 39.60 25.60 7.51
C TRP A 32 38.85 26.37 6.43
N LEU A 33 37.59 26.72 6.71
CA LEU A 33 36.82 27.52 5.76
C LEU A 33 37.50 28.85 5.48
N LYS A 34 37.99 29.52 6.52
CA LYS A 34 38.60 30.83 6.33
C LYS A 34 39.88 30.75 5.51
N GLU A 35 40.62 29.64 5.60
CA GLU A 35 41.84 29.49 4.83
CA GLU A 35 41.84 29.53 4.82
C GLU A 35 41.58 29.04 3.40
N HIS A 36 40.52 28.26 3.18
CA HIS A 36 40.23 27.78 1.83
C HIS A 36 39.34 28.72 1.03
N TYR A 37 38.74 29.72 1.68
CA TYR A 37 37.99 30.79 1.01
C TYR A 37 38.59 32.10 1.53
N GLU A 38 39.61 32.60 0.84
CA GLU A 38 40.31 33.79 1.30
C GLU A 38 39.34 34.95 1.45
N HIS A 39 39.54 35.74 2.50
CA HIS A 39 38.68 36.89 2.81
C HIS A 39 37.23 36.47 3.00
N ALA A 40 36.97 35.21 3.36
CA ALA A 40 35.63 34.78 3.69
C ALA A 40 35.41 34.86 5.20
N GLU A 41 34.27 35.37 5.56
CA GLU A 41 33.83 35.50 6.94
C GLU A 41 32.91 34.32 7.26
N VAL A 42 33.00 33.78 8.48
CA VAL A 42 32.24 32.59 8.87
C VAL A 42 31.27 32.95 9.99
N ILE A 43 29.99 32.69 9.76
CA ILE A 43 28.93 32.92 10.73
C ILE A 43 28.51 31.55 11.30
N ALA A 44 28.66 31.37 12.61
CA ALA A 44 28.29 30.12 13.25
C ALA A 44 26.83 30.15 13.67
N VAL A 45 26.14 29.02 13.46
CA VAL A 45 24.74 28.88 13.86
C VAL A 45 24.64 27.69 14.82
N ILE A 46 24.21 27.98 16.05
CA ILE A 46 24.07 26.97 17.11
C ILE A 46 22.59 26.83 17.44
N CYS A 47 22.08 25.59 17.43
CA CYS A 47 20.67 25.33 17.72
C CYS A 47 20.53 24.61 19.06
N ASP A 48 19.63 25.10 19.91
CA ASP A 48 19.23 24.38 21.12
C ASP A 48 18.07 23.47 20.79
N LEU A 49 18.34 22.16 20.74
CA LEU A 49 17.33 21.14 20.53
C LEU A 49 17.11 20.27 21.76
N GLY A 50 17.67 20.67 22.91
CA GLY A 50 17.67 19.85 24.10
C GLY A 50 18.87 18.96 24.29
N GLN A 51 20.01 19.26 23.64
CA GLN A 51 21.18 18.43 23.85
C GLN A 51 21.82 18.64 25.21
N GLN A 52 21.34 19.63 25.99
CA GLN A 52 21.75 19.81 27.39
C GLN A 52 23.25 20.09 27.50
N GLU A 53 23.73 20.98 26.65
CA GLU A 53 25.10 21.44 26.70
C GLU A 53 25.16 22.92 27.05
N ASP A 54 26.37 23.41 27.29
CA ASP A 54 26.61 24.82 27.64
C ASP A 54 26.71 25.58 26.33
N LEU A 55 25.59 26.14 25.88
CA LEU A 55 25.58 26.76 24.55
C LEU A 55 26.27 28.12 24.55
N ASP A 56 26.32 28.81 25.69
CA ASP A 56 27.12 30.03 25.74
C ASP A 56 28.60 29.71 25.61
N ALA A 57 29.04 28.58 26.18
CA ALA A 57 30.42 28.15 26.00
C ALA A 57 30.71 27.82 24.55
N ILE A 58 29.76 27.16 23.88
CA ILE A 58 29.91 26.84 22.47
C ILE A 58 29.94 28.12 21.63
N LYS A 59 29.04 29.06 21.94
CA LYS A 59 29.03 30.36 21.29
C LYS A 59 30.39 31.05 21.41
N ASN A 60 30.91 31.11 22.64
CA ASN A 60 32.20 31.76 22.87
C ASN A 60 33.32 31.06 22.12
N LYS A 61 33.27 29.73 22.04
CA LYS A 61 34.32 28.98 21.35
C LYS A 61 34.30 29.24 19.84
N ALA A 62 33.11 29.36 19.26
CA ALA A 62 33.01 29.75 17.86
C ALA A 62 33.64 31.10 17.62
N LEU A 63 33.35 32.06 18.50
CA LEU A 63 33.93 33.40 18.39
C LEU A 63 35.44 33.36 18.57
N LYS A 64 35.92 32.51 19.50
CA LYS A 64 37.35 32.42 19.71
C LYS A 64 38.05 31.81 18.50
N SER A 65 37.39 30.90 17.79
CA SER A 65 37.97 30.25 16.63
C SER A 65 37.95 31.13 15.38
N GLY A 66 37.37 32.31 15.45
CA GLY A 66 37.40 33.24 14.34
C GLY A 66 36.06 33.49 13.66
N ALA A 67 34.96 32.99 14.20
CA ALA A 67 33.65 33.31 13.62
C ALA A 67 33.34 34.78 13.87
N SER A 68 32.79 35.45 12.85
CA SER A 68 32.47 36.88 12.97
C SER A 68 31.23 37.12 13.81
N LYS A 69 30.25 36.21 13.72
CA LYS A 69 29.02 36.20 14.49
C LYS A 69 28.77 34.77 14.92
N ALA A 70 28.13 34.58 16.08
CA ALA A 70 27.72 33.25 16.53
C ALA A 70 26.30 33.36 17.07
N TYR A 71 25.35 32.85 16.29
CA TYR A 71 23.95 32.80 16.71
C TYR A 71 23.70 31.58 17.59
N VAL A 72 22.91 31.76 18.65
CA VAL A 72 22.36 30.66 19.43
C VAL A 72 20.85 30.75 19.32
N VAL A 73 20.24 29.78 18.67
CA VAL A 73 18.80 29.79 18.41
C VAL A 73 18.16 28.73 19.29
N ASP A 74 17.22 29.14 20.14
CA ASP A 74 16.51 28.22 21.02
C ASP A 74 15.28 27.71 20.27
N VAL A 75 15.36 26.49 19.75
CA VAL A 75 14.27 25.96 18.93
C VAL A 75 13.58 24.77 19.61
N LYS A 76 13.75 24.60 20.92
CA LYS A 76 13.13 23.46 21.59
C LYS A 76 11.61 23.48 21.43
N ASN A 77 10.98 24.64 21.69
CA ASN A 77 9.53 24.77 21.56
C ASN A 77 9.06 24.40 20.15
N GLU A 78 9.72 24.96 19.13
CA GLU A 78 9.30 24.72 17.76
C GLU A 78 9.65 23.29 17.32
N PHE A 79 10.76 22.75 17.81
CA PHE A 79 11.06 21.34 17.55
C PHE A 79 9.93 20.45 18.05
N ALA A 80 9.42 20.71 19.25
CA ALA A 80 8.33 19.91 19.81
C ALA A 80 7.04 20.08 18.99
N THR A 81 6.61 21.34 18.74
CA THR A 81 5.29 21.56 18.14
C THR A 81 5.27 21.40 16.62
N GLN A 82 6.39 21.67 15.94
CA GLN A 82 6.40 21.58 14.49
C GLN A 82 6.98 20.27 13.95
N TYR A 83 7.69 19.50 14.78
CA TYR A 83 8.31 18.26 14.34
C TYR A 83 7.83 17.07 15.16
N LEU A 84 8.02 17.08 16.48
CA LEU A 84 7.69 15.93 17.32
C LEU A 84 6.18 15.71 17.39
N TRP A 85 5.40 16.78 17.44
CA TRP A 85 3.94 16.61 17.52
C TRP A 85 3.39 15.99 16.24
N PRO A 86 3.73 16.48 15.02
CA PRO A 86 3.36 15.72 13.81
C PRO A 86 3.84 14.29 13.84
N LEU A 87 5.03 14.03 14.40
CA LEU A 87 5.52 12.65 14.44
C LEU A 87 4.67 11.77 15.36
N VAL A 88 4.34 12.28 16.56
CA VAL A 88 3.46 11.56 17.45
C VAL A 88 2.12 11.30 16.79
N LYS A 89 1.58 12.29 16.08
CA LYS A 89 0.29 12.12 15.41
C LYS A 89 0.38 11.06 14.31
N SER A 90 1.52 10.96 13.65
CA SER A 90 1.66 9.98 12.58
C SER A 90 1.72 8.55 13.12
N GLY A 91 2.26 8.38 14.33
CA GLY A 91 2.51 7.06 14.87
C GLY A 91 3.62 6.30 14.18
N ALA A 92 4.42 6.96 13.35
CA ALA A 92 5.39 6.28 12.50
C ALA A 92 6.61 5.81 13.28
N LEU A 93 7.08 4.61 12.94
CA LEU A 93 8.34 4.08 13.43
C LEU A 93 9.07 3.51 12.23
N TYR A 94 10.29 3.96 12.00
CA TYR A 94 11.04 3.52 10.83
C TYR A 94 11.34 2.03 10.96
N GLU A 95 10.89 1.24 9.98
CA GLU A 95 11.05 -0.20 9.92
C GLU A 95 10.49 -0.87 11.17
N ASP A 96 9.44 -0.27 11.73
CA ASP A 96 8.73 -0.76 12.91
C ASP A 96 9.63 -0.79 14.15
N GLN A 97 10.67 0.04 14.20
CA GLN A 97 11.60 -0.04 15.34
C GLN A 97 12.12 1.33 15.77
N TYR A 98 12.44 2.20 14.81
CA TYR A 98 13.27 3.36 15.08
C TYR A 98 12.45 4.64 15.29
N ILE A 99 12.73 5.34 16.40
CA ILE A 99 11.93 6.47 16.87
C ILE A 99 12.25 7.78 16.17
N LEU A 100 13.16 7.78 15.21
CA LEU A 100 13.32 8.90 14.27
C LEU A 100 13.82 10.19 14.95
N GLY A 101 14.76 10.05 15.88
CA GLY A 101 15.37 11.24 16.48
C GLY A 101 16.09 12.14 15.49
N THR A 102 16.50 11.59 14.33
CA THR A 102 17.14 12.43 13.30
C THR A 102 16.16 13.34 12.58
N ILE A 103 14.91 13.39 13.04
CA ILE A 103 13.97 14.42 12.64
C ILE A 103 14.48 15.83 12.97
N SER A 104 15.51 15.94 13.81
CA SER A 104 16.08 17.25 14.09
C SER A 104 16.82 17.85 12.90
N ARG A 105 17.30 17.02 11.96
CA ARG A 105 18.19 17.54 10.91
C ARG A 105 17.52 18.56 10.01
N PRO A 106 16.31 18.35 9.47
CA PRO A 106 15.68 19.45 8.71
C PRO A 106 15.53 20.73 9.50
N LEU A 107 15.26 20.65 10.80
CA LEU A 107 15.15 21.88 11.60
C LEU A 107 16.48 22.60 11.68
N ILE A 108 17.58 21.88 11.93
CA ILE A 108 18.90 22.50 11.93
C ILE A 108 19.15 23.20 10.59
N ALA A 109 18.85 22.49 9.50
CA ALA A 109 19.01 23.09 8.17
C ALA A 109 18.13 24.31 7.99
N GLN A 110 16.89 24.25 8.47
CA GLN A 110 16.00 25.40 8.35
C GLN A 110 16.59 26.63 9.03
N LYS A 111 17.10 26.48 10.25
CA LYS A 111 17.62 27.65 10.96
C LYS A 111 18.88 28.19 10.28
N LEU A 112 19.74 27.29 9.80
CA LEU A 112 20.91 27.66 9.03
C LEU A 112 20.53 28.49 7.81
N VAL A 113 19.48 28.08 7.11
CA VAL A 113 19.09 28.78 5.89
C VAL A 113 18.48 30.15 6.20
N GLU A 114 17.66 30.24 7.25
CA GLU A 114 17.06 31.53 7.59
C GLU A 114 18.13 32.57 7.84
N ILE A 115 19.13 32.21 8.65
CA ILE A 115 20.25 33.10 8.98
C ILE A 115 21.09 33.38 7.74
N ALA A 116 21.37 32.35 6.96
CA ALA A 116 22.07 32.50 5.69
C ALA A 116 21.41 33.57 4.83
N LEU A 117 20.09 33.46 4.64
CA LEU A 117 19.38 34.44 3.82
C LEU A 117 19.46 35.83 4.45
N THR A 118 19.23 35.92 5.76
CA THR A 118 19.30 37.21 6.45
C THR A 118 20.67 37.84 6.32
N GLU A 119 21.73 37.05 6.53
CA GLU A 119 23.08 37.57 6.48
C GLU A 119 23.61 37.67 5.06
N GLN A 120 22.82 37.26 4.07
CA GLN A 120 23.20 37.37 2.67
C GLN A 120 24.53 36.66 2.40
N VAL A 121 24.66 35.44 2.95
CA VAL A 121 25.88 34.66 2.74
C VAL A 121 25.91 34.06 1.32
N ASN A 122 27.10 33.69 0.89
CA ASN A 122 27.27 33.10 -0.43
C ASN A 122 27.23 31.57 -0.40
N ALA A 123 27.34 30.97 0.77
CA ALA A 123 27.37 29.52 0.88
C ALA A 123 27.05 29.12 2.31
N VAL A 124 26.58 27.90 2.47
CA VAL A 124 26.38 27.33 3.80
C VAL A 124 27.24 26.09 3.93
N ALA A 125 27.55 25.74 5.17
CA ALA A 125 28.41 24.59 5.46
C ALA A 125 27.83 23.82 6.63
N HIS A 126 28.06 22.51 6.62
CA HIS A 126 27.65 21.63 7.70
C HIS A 126 28.78 20.62 7.93
N GLY A 127 28.80 20.05 9.13
CA GLY A 127 29.90 19.17 9.51
C GLY A 127 29.58 17.70 9.47
N ALA A 128 28.59 17.29 8.67
CA ALA A 128 28.27 15.86 8.57
C ALA A 128 29.36 15.12 7.80
N THR A 129 29.63 13.88 8.21
CA THR A 129 30.69 13.11 7.57
C THR A 129 30.25 12.59 6.19
N GLY A 130 31.22 12.14 5.41
CA GLY A 130 30.95 11.62 4.08
C GLY A 130 30.43 10.20 4.04
N LYS A 131 29.93 9.69 5.18
CA LYS A 131 29.59 8.29 5.33
C LYS A 131 28.15 8.00 5.69
N GLY A 132 27.47 8.88 6.46
CA GLY A 132 26.17 8.58 7.00
C GLY A 132 25.01 9.15 6.19
N ASN A 133 23.80 8.95 6.74
CA ASN A 133 22.60 9.56 6.19
C ASN A 133 22.56 11.07 6.44
N ASP A 134 23.26 11.57 7.44
CA ASP A 134 23.03 12.96 7.88
C ASP A 134 23.35 13.96 6.77
N GLN A 135 24.42 13.73 6.00
CA GLN A 135 24.73 14.61 4.89
C GLN A 135 23.55 14.70 3.92
N VAL A 136 22.85 13.58 3.68
CA VAL A 136 21.68 13.63 2.81
C VAL A 136 20.58 14.46 3.43
N ARG A 137 20.30 14.24 4.72
CA ARG A 137 19.22 14.98 5.37
C ARG A 137 19.49 16.48 5.32
N PHE A 138 20.73 16.89 5.64
CA PHE A 138 21.07 18.33 5.61
C PHE A 138 20.93 18.90 4.21
N GLU A 139 21.52 18.24 3.22
CA GLU A 139 21.57 18.87 1.91
C GLU A 139 20.25 18.80 1.17
N TYR A 140 19.47 17.73 1.35
CA TYR A 140 18.13 17.73 0.78
C TYR A 140 17.35 18.94 1.31
N SER A 141 17.40 19.17 2.63
CA SER A 141 16.66 20.28 3.21
C SER A 141 17.15 21.62 2.68
N ILE A 142 18.47 21.81 2.56
CA ILE A 142 18.97 23.10 2.07
C ILE A 142 18.51 23.33 0.65
N LYS A 143 18.56 22.29 -0.19
CA LYS A 143 18.12 22.44 -1.57
C LYS A 143 16.63 22.73 -1.65
N ALA A 144 15.85 22.12 -0.75
CA ALA A 144 14.41 22.35 -0.73
C ALA A 144 14.08 23.78 -0.30
N LEU A 145 14.86 24.36 0.60
CA LEU A 145 14.56 25.68 1.15
C LEU A 145 15.24 26.82 0.39
N ALA A 146 16.40 26.56 -0.19
CA ALA A 146 17.21 27.61 -0.78
C ALA A 146 18.03 26.99 -1.89
N PRO A 147 17.41 26.68 -3.02
CA PRO A 147 18.14 25.99 -4.09
C PRO A 147 19.30 26.78 -4.65
N GLN A 148 19.33 28.10 -4.42
CA GLN A 148 20.41 28.95 -4.93
C GLN A 148 21.66 28.97 -4.06
N LEU A 149 21.59 28.49 -2.81
CA LEU A 149 22.75 28.55 -1.91
C LEU A 149 23.73 27.43 -2.20
N GLU A 150 24.99 27.80 -2.42
CA GLU A 150 26.05 26.82 -2.52
C GLU A 150 26.24 26.12 -1.18
N ILE A 151 26.47 24.80 -1.24
CA ILE A 151 26.70 23.98 -0.04
C ILE A 151 28.16 23.56 0.00
N ILE A 152 28.80 23.77 1.16
CA ILE A 152 30.17 23.34 1.41
C ILE A 152 30.14 22.26 2.49
N ALA A 153 30.71 21.09 2.18
CA ALA A 153 30.80 19.98 3.13
C ALA A 153 32.27 19.63 3.31
N PRO A 154 32.95 20.18 4.32
CA PRO A 154 34.40 20.00 4.44
C PRO A 154 34.83 18.54 4.58
N TRP A 155 34.03 17.68 5.23
CA TRP A 155 34.39 16.27 5.35
C TRP A 155 34.59 15.63 3.98
N ARG A 156 33.87 16.08 2.96
CA ARG A 156 34.01 15.57 1.61
C ARG A 156 35.11 16.25 0.81
N THR A 157 35.92 17.10 1.43
CA THR A 157 36.89 17.87 0.64
C THR A 157 38.28 17.90 1.24
N TRP A 158 38.41 18.07 2.56
CA TRP A 158 39.70 18.36 3.17
C TRP A 158 40.56 17.10 3.26
N ASP A 159 41.84 17.30 3.59
CA ASP A 159 42.82 16.22 3.67
C ASP A 159 42.85 15.55 5.04
N ILE A 160 41.88 15.84 5.90
CA ILE A 160 41.83 15.28 7.25
C ILE A 160 41.03 13.99 7.20
N LYS A 161 41.65 12.89 7.64
CA LYS A 161 41.07 11.56 7.55
C LYS A 161 40.64 10.98 8.89
N SER A 162 41.38 11.25 9.97
CA SER A 162 41.11 10.64 11.27
C SER A 162 40.94 11.71 12.33
N ARG A 163 40.39 11.30 13.48
CA ARG A 163 40.29 12.21 14.62
C ARG A 163 41.66 12.71 15.06
N GLN A 164 42.66 11.83 15.07
CA GLN A 164 43.99 12.29 15.47
C GLN A 164 44.52 13.33 14.51
N GLU A 165 44.21 13.21 13.22
CA GLU A 165 44.62 14.24 12.28
C GLU A 165 43.86 15.54 12.54
N ALA A 166 42.56 15.45 12.84
CA ALA A 166 41.80 16.64 13.21
C ALA A 166 42.40 17.33 14.42
N ILE A 167 42.84 16.55 15.41
CA ILE A 167 43.44 17.12 16.61
C ILE A 167 44.73 17.85 16.28
N VAL A 168 45.60 17.24 15.46
CA VAL A 168 46.81 17.92 15.01
C VAL A 168 46.45 19.26 14.36
N TYR A 169 45.43 19.25 13.49
CA TYR A 169 45.03 20.47 12.81
C TYR A 169 44.54 21.53 13.79
N ALA A 170 43.75 21.12 14.77
CA ALA A 170 43.20 22.08 15.74
C ALA A 170 44.31 22.81 16.48
N LYS A 171 45.27 22.04 17.01
CA LYS A 171 46.37 22.64 17.77
C LYS A 171 47.14 23.64 16.92
N ALA A 172 47.40 23.31 15.66
CA ALA A 172 48.10 24.23 14.76
C ALA A 172 47.26 25.45 14.38
N HIS A 173 45.98 25.52 14.78
CA HIS A 173 45.14 26.68 14.47
C HIS A 173 44.52 27.28 15.72
N GLY A 174 45.14 27.10 16.88
CA GLY A 174 44.73 27.79 18.09
C GLY A 174 43.46 27.29 18.76
N ILE A 175 42.95 26.13 18.35
CA ILE A 175 41.70 25.59 18.89
C ILE A 175 42.00 24.65 20.03
N GLU A 176 41.32 24.85 21.16
CA GLU A 176 41.58 24.09 22.37
C GLU A 176 41.14 22.63 22.17
N VAL A 177 42.09 21.71 22.29
CA VAL A 177 41.76 20.29 22.39
C VAL A 177 42.39 19.75 23.68
N PRO A 178 41.64 19.73 24.77
CA PRO A 178 42.17 19.16 26.01
C PRO A 178 42.16 17.63 25.94
N VAL A 179 43.09 17.03 26.70
CA VAL A 179 43.14 15.57 26.74
C VAL A 179 41.93 15.06 27.51
N THR A 180 40.97 14.52 26.78
CA THR A 180 39.93 13.68 27.32
C THR A 180 39.78 12.56 26.29
N PRO A 181 39.63 11.31 26.74
CA PRO A 181 39.69 10.19 25.81
C PRO A 181 38.56 10.23 24.78
N LYS A 182 38.80 9.51 23.67
CA LYS A 182 37.76 9.35 22.66
C LYS A 182 36.52 8.71 23.28
N ALA A 183 35.36 9.28 22.97
CA ALA A 183 34.12 8.66 23.41
C ALA A 183 34.01 7.27 22.81
N PRO A 184 33.60 6.26 23.58
CA PRO A 184 33.49 4.90 23.02
C PRO A 184 32.33 4.75 22.03
N TYR A 185 31.39 5.69 22.00
CA TYR A 185 30.25 5.65 21.10
C TYR A 185 30.02 7.04 20.52
N SER A 186 29.54 7.07 19.28
CA SER A 186 29.08 8.31 18.67
CA SER A 186 29.08 8.31 18.67
C SER A 186 27.64 8.55 19.10
N ARG A 187 27.36 9.75 19.59
CA ARG A 187 26.06 10.01 20.19
C ARG A 187 25.41 11.26 19.61
N ASP A 188 24.08 11.23 19.59
CA ASP A 188 23.25 12.38 19.23
C ASP A 188 22.22 12.51 20.34
N HIS A 189 21.94 13.74 20.77
CA HIS A 189 21.08 13.97 21.93
C HIS A 189 20.18 15.17 21.65
N ASN A 190 18.87 14.98 21.75
CA ASN A 190 17.97 16.12 21.79
C ASN A 190 16.84 15.75 22.73
N ILE A 191 15.83 16.64 22.83
CA ILE A 191 14.78 16.42 23.83
C ILE A 191 13.98 15.15 23.57
N TRP A 192 14.03 14.62 22.35
CA TRP A 192 13.28 13.44 21.95
C TRP A 192 14.01 12.14 22.21
N TYR A 193 15.33 12.11 22.00
CA TYR A 193 16.03 10.83 22.07
C TYR A 193 17.51 11.05 22.35
N ILE A 194 18.20 9.93 22.60
CA ILE A 194 19.64 9.84 22.54
C ILE A 194 19.98 8.63 21.69
N SER A 195 20.88 8.79 20.73
CA SER A 195 21.38 7.67 19.94
C SER A 195 22.81 7.34 20.35
N HIS A 196 23.15 6.05 20.22
CA HIS A 196 24.49 5.55 20.47
C HIS A 196 24.85 4.60 19.34
N GLU A 197 25.99 4.84 18.70
CA GLU A 197 26.40 4.04 17.55
C GLU A 197 27.92 3.91 17.57
N GLY A 198 28.43 2.98 16.76
CA GLY A 198 29.85 2.85 16.57
C GLY A 198 30.53 2.06 17.66
N GLY A 199 31.86 1.97 17.55
CA GLY A 199 32.60 1.20 18.51
C GLY A 199 32.17 -0.26 18.51
N VAL A 200 32.12 -0.85 19.70
CA VAL A 200 31.73 -2.26 19.81
C VAL A 200 30.26 -2.48 19.46
N LEU A 201 29.45 -1.42 19.44
CA LEU A 201 28.06 -1.54 19.00
C LEU A 201 27.95 -1.95 17.54
N GLU A 202 29.01 -1.81 16.76
CA GLU A 202 28.93 -2.13 15.34
C GLU A 202 28.66 -3.61 15.11
N ASP A 203 29.07 -4.46 16.03
CA ASP A 203 28.93 -5.91 15.89
C ASP A 203 27.59 -6.35 16.48
N PRO A 204 26.59 -6.71 15.67
CA PRO A 204 25.27 -7.10 16.23
C PRO A 204 25.31 -8.39 17.03
N SER A 205 26.37 -9.17 16.98
CA SER A 205 26.44 -10.36 17.80
C SER A 205 26.83 -10.06 19.25
N GLN A 206 27.17 -8.81 19.56
CA GLN A 206 27.59 -8.41 20.90
C GLN A 206 26.46 -7.66 21.58
N GLU A 207 26.08 -8.11 22.78
CA GLU A 207 25.01 -7.43 23.48
C GLU A 207 25.45 -6.01 23.84
N MET A 208 24.46 -5.19 24.17
CA MET A 208 24.74 -3.82 24.57
C MET A 208 25.61 -3.78 25.82
N PRO A 209 26.75 -3.09 25.81
CA PRO A 209 27.56 -2.98 27.04
C PRO A 209 26.84 -2.16 28.10
N ASN A 210 27.32 -2.27 29.34
CA ASN A 210 26.59 -1.70 30.46
C ASN A 210 26.88 -0.23 30.70
N ASP A 211 27.64 0.42 29.82
CA ASP A 211 28.00 1.83 29.94
C ASP A 211 27.41 2.69 28.82
N VAL A 212 26.39 2.19 28.11
CA VAL A 212 25.84 2.92 26.97
C VAL A 212 24.80 3.94 27.42
N LEU A 213 23.85 3.51 28.25
CA LEU A 213 22.68 4.33 28.54
C LEU A 213 23.04 5.56 29.36
N LEU A 214 22.44 6.69 29.00
CA LEU A 214 22.72 7.96 29.66
C LEU A 214 21.52 8.56 30.37
N MET A 215 20.30 8.28 29.90
CA MET A 215 19.11 8.89 30.49
C MET A 215 18.06 7.86 30.88
N THR A 216 18.35 6.57 30.73
CA THR A 216 17.39 5.51 31.01
C THR A 216 18.05 4.53 31.95
N ALA A 217 17.40 4.28 33.09
CA ALA A 217 17.94 3.35 34.08
C ALA A 217 17.91 1.92 33.54
N PRO A 218 18.97 1.14 33.76
CA PRO A 218 18.87 -0.30 33.51
C PRO A 218 17.72 -0.88 34.32
N VAL A 219 17.00 -1.83 33.71
CA VAL A 219 15.77 -2.34 34.33
C VAL A 219 16.04 -2.87 35.73
N SER A 220 17.20 -3.48 35.94
CA SER A 220 17.46 -4.09 37.25
C SER A 220 17.57 -3.07 38.39
N GLN A 221 17.71 -1.79 38.12
CA GLN A 221 17.79 -0.81 39.20
C GLN A 221 16.58 0.13 39.27
N THR A 222 15.53 -0.16 38.51
CA THR A 222 14.34 0.67 38.49
C THR A 222 13.55 0.50 39.80
N PRO A 223 12.71 1.48 40.14
CA PRO A 223 11.93 1.38 41.38
C PRO A 223 11.09 0.11 41.44
N ASP A 224 10.84 -0.35 42.67
CA ASP A 224 10.02 -1.52 42.95
C ASP A 224 8.54 -1.19 43.04
N GLU A 225 8.18 0.08 42.99
CA GLU A 225 6.79 0.51 42.97
C GLU A 225 6.49 1.14 41.61
N GLU A 226 5.38 0.75 41.00
CA GLU A 226 4.96 1.36 39.75
C GLU A 226 4.62 2.83 39.96
N GLU A 227 4.66 3.61 38.88
CA GLU A 227 4.26 5.01 38.92
C GLU A 227 3.13 5.21 37.93
N VAL A 228 2.04 5.82 38.41
CA VAL A 228 0.88 6.11 37.57
C VAL A 228 1.11 7.47 36.91
N VAL A 229 0.92 7.53 35.59
CA VAL A 229 0.88 8.82 34.89
C VAL A 229 -0.46 8.89 34.15
N VAL A 230 -1.03 10.09 34.10
CA VAL A 230 -2.28 10.33 33.39
C VAL A 230 -2.00 11.36 32.32
N LEU A 231 -2.27 11.02 31.07
CA LEU A 231 -2.01 11.90 29.94
C LEU A 231 -3.33 12.35 29.34
N ASP A 232 -3.51 13.66 29.19
CA ASP A 232 -4.63 14.20 28.44
C ASP A 232 -4.14 14.60 27.05
N PHE A 233 -4.83 14.13 26.02
CA PHE A 233 -4.53 14.43 24.63
C PHE A 233 -5.63 15.32 24.07
N LYS A 234 -5.26 16.27 23.20
CA LYS A 234 -6.23 17.05 22.42
C LYS A 234 -5.79 17.03 20.97
N LYS A 235 -6.68 16.57 20.09
CA LYS A 235 -6.38 16.47 18.65
C LYS A 235 -5.05 15.77 18.39
N GLY A 236 -4.81 14.66 19.10
CA GLY A 236 -3.69 13.78 18.82
C GLY A 236 -2.40 14.08 19.54
N VAL A 237 -2.31 15.17 20.30
CA VAL A 237 -1.07 15.52 20.99
C VAL A 237 -1.31 15.69 22.48
N PRO A 238 -0.32 15.43 23.34
CA PRO A 238 -0.54 15.55 24.79
C PRO A 238 -0.55 17.01 25.23
N VAL A 239 -1.50 17.34 26.10
CA VAL A 239 -1.63 18.71 26.60
C VAL A 239 -1.50 18.79 28.11
N ALA A 240 -1.59 17.68 28.84
CA ALA A 240 -1.51 17.73 30.28
C ALA A 240 -0.94 16.41 30.81
N LEU A 241 -0.29 16.49 31.96
CA LEU A 241 0.30 15.32 32.60
C LEU A 241 -0.07 15.35 34.07
N ASN A 242 -0.77 14.31 34.53
CA ASN A 242 -1.24 14.21 35.91
C ASN A 242 -2.12 15.41 36.27
N GLY A 243 -2.95 15.84 35.33
CA GLY A 243 -3.88 16.91 35.57
C GLY A 243 -3.29 18.30 35.49
N GLN A 244 -2.02 18.43 35.11
CA GLN A 244 -1.37 19.73 35.00
C GLN A 244 -1.13 20.03 33.53
N GLU A 245 -1.72 21.12 33.04
CA GLU A 245 -1.42 21.56 31.68
C GLU A 245 0.04 21.98 31.60
N LEU A 246 0.77 21.43 30.62
CA LEU A 246 2.20 21.71 30.48
C LEU A 246 2.51 22.02 29.03
N SER A 247 3.47 22.93 28.82
CA SER A 247 3.97 23.16 27.48
C SER A 247 4.58 21.86 26.94
N PRO A 248 4.65 21.73 25.61
CA PRO A 248 5.25 20.51 25.03
C PRO A 248 6.62 20.17 25.58
N VAL A 249 7.51 21.16 25.67
CA VAL A 249 8.86 20.91 26.19
C VAL A 249 8.82 20.51 27.67
N ASP A 250 8.00 21.19 28.48
CA ASP A 250 7.89 20.79 29.89
C ASP A 250 7.33 19.39 30.04
N LEU A 251 6.35 19.04 29.21
CA LEU A 251 5.76 17.71 29.32
C LEU A 251 6.75 16.63 28.86
N LEU A 252 7.48 16.90 27.77
CA LEU A 252 8.53 15.97 27.36
C LEU A 252 9.60 15.84 28.44
N ASN A 253 10.05 16.95 29.03
CA ASN A 253 11.07 16.86 30.07
C ASN A 253 10.59 16.02 31.24
N SER A 254 9.37 16.27 31.72
CA SER A 254 8.86 15.53 32.87
C SER A 254 8.69 14.05 32.55
N LEU A 255 8.16 13.73 31.37
CA LEU A 255 7.92 12.34 31.03
CA LEU A 255 7.92 12.33 31.02
C LEU A 255 9.23 11.60 30.76
N ASN A 256 10.22 12.31 30.18
CA ASN A 256 11.54 11.69 29.98
C ASN A 256 12.16 11.32 31.32
N GLN A 257 12.00 12.18 32.32
CA GLN A 257 12.52 11.90 33.64
C GLN A 257 11.81 10.71 34.27
N LYS A 258 10.48 10.75 34.29
CA LYS A 258 9.71 9.68 34.93
CA LYS A 258 9.71 9.68 34.93
C LYS A 258 9.91 8.36 34.23
N ALA A 259 9.69 8.32 32.91
CA ALA A 259 9.83 7.04 32.22
C ALA A 259 11.28 6.59 32.19
N GLY A 260 12.23 7.53 32.14
CA GLY A 260 13.63 7.15 32.22
C GLY A 260 13.97 6.48 33.53
N GLN A 261 13.45 7.02 34.63
CA GLN A 261 13.69 6.43 35.95
C GLN A 261 13.21 4.99 35.99
N HIS A 262 12.10 4.70 35.33
CA HIS A 262 11.51 3.37 35.31
C HIS A 262 12.03 2.51 34.16
N GLY A 263 13.10 2.94 33.49
CA GLY A 263 13.80 2.08 32.55
C GLY A 263 13.14 1.90 31.20
N ILE A 264 12.25 2.80 30.81
CA ILE A 264 11.39 2.57 29.65
C ILE A 264 12.00 3.14 28.38
N GLY A 265 11.92 2.39 27.29
CA GLY A 265 12.07 2.94 25.95
C GLY A 265 13.39 2.67 25.23
N VAL A 266 14.23 1.76 25.72
CA VAL A 266 15.49 1.49 25.05
C VAL A 266 15.22 0.58 23.87
N ALA A 267 15.76 0.91 22.71
CA ALA A 267 15.66 0.06 21.54
C ALA A 267 17.08 -0.28 21.08
N ASP A 268 17.32 -1.57 20.87
CA ASP A 268 18.62 -2.07 20.41
C ASP A 268 18.32 -2.67 19.06
N ILE A 269 18.69 -2.00 17.97
CA ILE A 269 18.15 -2.36 16.68
C ILE A 269 19.18 -2.27 15.58
N VAL A 270 18.95 -3.05 14.52
CA VAL A 270 19.70 -2.94 13.27
C VAL A 270 18.75 -2.34 12.22
N GLU A 271 19.17 -1.26 11.57
CA GLU A 271 18.28 -0.60 10.61
C GLU A 271 19.00 -0.43 9.28
N ASN A 272 18.22 -0.31 8.19
CA ASN A 272 18.79 -0.08 6.87
C ASN A 272 18.99 1.40 6.64
N ARG A 273 20.20 1.78 6.26
CA ARG A 273 20.40 3.18 5.94
C ARG A 273 19.85 3.46 4.53
N LEU A 274 19.75 4.74 4.20
CA LEU A 274 19.60 5.11 2.81
C LEU A 274 20.96 5.07 2.11
N VAL A 275 21.96 5.72 2.71
CA VAL A 275 23.34 5.74 2.20
C VAL A 275 24.15 4.75 3.02
N GLY A 276 24.56 3.65 2.40
CA GLY A 276 25.28 2.58 3.07
C GLY A 276 24.41 1.36 3.27
N MET A 277 24.90 0.44 4.09
CA MET A 277 24.15 -0.78 4.32
C MET A 277 23.31 -0.67 5.58
N LYS A 278 23.67 -1.46 6.58
CA LYS A 278 22.92 -1.58 7.83
CA LYS A 278 22.91 -1.56 7.83
C LYS A 278 23.72 -0.96 8.97
N ILE A 279 23.02 -0.52 10.01
CA ILE A 279 23.69 0.06 11.17
C ILE A 279 23.02 -0.44 12.44
N ARG A 280 23.82 -0.84 13.42
CA ARG A 280 23.33 -1.18 14.75
C ARG A 280 23.42 0.06 15.64
N GLY A 281 22.33 0.40 16.33
CA GLY A 281 22.37 1.48 17.29
C GLY A 281 21.52 1.17 18.51
N ILE A 282 21.82 1.87 19.59
CA ILE A 282 21.00 1.90 20.80
C ILE A 282 20.29 3.24 20.83
N TYR A 283 18.98 3.24 21.04
CA TYR A 283 18.22 4.48 21.04
C TYR A 283 17.41 4.58 22.32
N GLU A 284 17.61 5.66 23.07
CA GLU A 284 16.84 5.97 24.27
C GLU A 284 15.79 7.01 23.93
N ALA A 285 14.54 6.78 24.33
CA ALA A 285 13.51 7.79 24.14
C ALA A 285 12.35 7.46 25.07
N PRO A 286 12.50 7.72 26.37
CA PRO A 286 11.47 7.27 27.32
C PRO A 286 10.14 7.95 27.10
N ALA A 287 10.13 9.29 27.03
CA ALA A 287 8.86 10.00 26.81
C ALA A 287 8.21 9.61 25.49
N ALA A 288 9.01 9.47 24.43
CA ALA A 288 8.48 9.06 23.13
C ALA A 288 7.73 7.73 23.22
N ALA A 289 8.32 6.76 23.91
CA ALA A 289 7.68 5.46 24.03
C ALA A 289 6.34 5.58 24.75
N VAL A 290 6.28 6.38 25.82
CA VAL A 290 5.04 6.55 26.56
C VAL A 290 3.99 7.27 25.72
N LEU A 291 4.40 8.35 25.03
CA LEU A 291 3.47 9.08 24.17
C LEU A 291 2.97 8.21 23.03
N TYR A 292 3.87 7.43 22.40
CA TYR A 292 3.43 6.53 21.33
C TYR A 292 2.41 5.52 21.84
N LYS A 293 2.64 4.96 23.02
CA LYS A 293 1.70 4.00 23.59
C LYS A 293 0.34 4.64 23.84
N ALA A 294 0.33 5.81 24.50
CA ALA A 294 -0.92 6.48 24.81
C ALA A 294 -1.65 6.89 23.54
N HIS A 295 -0.91 7.33 22.52
CA HIS A 295 -1.52 7.76 21.27
C HIS A 295 -2.17 6.58 20.55
N LYS A 296 -1.49 5.44 20.53
CA LYS A 296 -2.03 4.25 19.90
C LYS A 296 -3.31 3.78 20.60
N LEU A 297 -3.32 3.78 21.94
CA LEU A 297 -4.53 3.43 22.69
C LEU A 297 -5.69 4.38 22.35
N LEU A 298 -5.45 5.69 22.33
CA LEU A 298 -6.55 6.61 22.05
C LEU A 298 -7.06 6.46 20.62
N GLU A 299 -6.16 6.23 19.66
CA GLU A 299 -6.61 5.98 18.29
C GLU A 299 -7.49 4.73 18.23
N SER A 300 -7.13 3.68 18.98
CA SER A 300 -7.90 2.45 18.93
C SER A 300 -9.31 2.65 19.46
N LEU A 301 -9.51 3.68 20.26
CA LEU A 301 -10.80 4.04 20.80
C LEU A 301 -11.58 4.99 19.89
N CYS A 302 -10.89 5.91 19.20
CA CYS A 302 -11.56 7.04 18.59
C CYS A 302 -11.71 6.97 17.08
N LEU A 303 -10.92 6.15 16.39
CA LEU A 303 -10.96 6.03 14.93
C LEU A 303 -11.86 4.86 14.52
N THR A 304 -12.54 5.04 13.39
CA THR A 304 -13.22 3.90 12.79
C THR A 304 -12.19 2.88 12.31
N ARG A 305 -12.67 1.68 12.03
CA ARG A 305 -11.79 0.63 11.53
C ARG A 305 -11.15 1.04 10.20
N SER A 306 -11.95 1.59 9.28
CA SER A 306 -11.44 1.98 7.97
C SER A 306 -10.40 3.10 8.10
N THR A 307 -10.66 4.10 8.95
CA THR A 307 -9.66 5.15 9.13
C THR A 307 -8.39 4.61 9.78
N LEU A 308 -8.54 3.80 10.82
CA LEU A 308 -7.35 3.24 11.48
C LEU A 308 -6.50 2.43 10.49
N HIS A 309 -7.14 1.56 9.72
CA HIS A 309 -6.37 0.69 8.83
C HIS A 309 -5.66 1.50 7.75
N LEU A 310 -6.33 2.51 7.20
CA LEU A 310 -5.67 3.32 6.16
C LEU A 310 -4.50 4.10 6.76
N LYS A 311 -4.71 4.73 7.92
CA LYS A 311 -3.63 5.47 8.55
C LYS A 311 -2.44 4.57 8.89
N GLN A 312 -2.70 3.36 9.40
CA GLN A 312 -1.59 2.47 9.71
C GLN A 312 -0.84 2.07 8.44
N SER A 313 -1.55 1.94 7.31
CA SER A 313 -0.89 1.65 6.05
C SER A 313 0.03 2.76 5.60
N LEU A 314 -0.15 4.00 6.07
CA LEU A 314 0.67 5.12 5.64
C LEU A 314 1.78 5.47 6.61
N GLN A 315 1.83 4.82 7.78
CA GLN A 315 2.89 5.07 8.76
C GLN A 315 4.27 4.80 8.17
N GLN A 316 4.42 3.71 7.40
CA GLN A 316 5.73 3.39 6.81
C GLN A 316 6.16 4.48 5.83
N THR A 317 5.25 4.90 4.96
CA THR A 317 5.54 6.00 4.03
C THR A 317 6.03 7.22 4.78
N TYR A 318 5.34 7.56 5.87
CA TYR A 318 5.75 8.72 6.66
C TYR A 318 7.10 8.48 7.32
N ALA A 319 7.31 7.29 7.89
CA ALA A 319 8.58 6.99 8.54
C ALA A 319 9.74 7.10 7.55
N ASN A 320 9.58 6.51 6.36
CA ASN A 320 10.66 6.55 5.38
C ASN A 320 10.98 7.97 4.97
N LEU A 321 9.94 8.79 4.83
CA LEU A 321 10.14 10.18 4.45
C LEU A 321 10.95 10.93 5.50
N VAL A 322 10.57 10.79 6.77
CA VAL A 322 11.31 11.46 7.84
C VAL A 322 12.73 10.91 7.93
N TYR A 323 12.87 9.58 7.90
CA TYR A 323 14.20 8.96 7.97
C TYR A 323 15.13 9.49 6.87
N GLU A 324 14.61 9.65 5.66
CA GLU A 324 15.43 9.99 4.51
C GLU A 324 15.69 11.49 4.38
N GLY A 325 15.15 12.31 5.27
CA GLY A 325 15.43 13.73 5.22
C GLY A 325 14.52 14.53 4.30
N ARG A 326 13.39 13.94 3.89
CA ARG A 326 12.49 14.56 2.92
C ARG A 326 11.37 15.36 3.58
N TRP A 327 11.62 15.89 4.78
CA TRP A 327 10.65 16.68 5.53
C TRP A 327 10.05 17.82 4.71
N PHE A 328 10.91 18.59 4.03
CA PHE A 328 10.43 19.74 3.25
C PHE A 328 10.09 19.28 1.84
N SER A 329 8.88 18.72 1.70
CA SER A 329 8.42 18.22 0.41
C SER A 329 6.90 18.31 0.37
N GLN A 330 6.36 18.47 -0.84
CA GLN A 330 4.91 18.43 -0.98
C GLN A 330 4.35 17.08 -0.54
N THR A 331 5.07 15.99 -0.80
CA THR A 331 4.61 14.67 -0.36
C THR A 331 4.34 14.68 1.15
N LYS A 332 5.26 15.27 1.91
CA LYS A 332 5.07 15.35 3.36
CA LYS A 332 5.07 15.35 3.36
C LYS A 332 3.88 16.23 3.71
N GLN A 333 3.73 17.37 3.03
CA GLN A 333 2.59 18.25 3.28
C GLN A 333 1.27 17.51 3.07
N ALA A 334 1.19 16.71 2.01
CA ALA A 334 -0.04 15.99 1.73
C ALA A 334 -0.33 14.95 2.81
N LEU A 335 0.72 14.25 3.27
CA LEU A 335 0.53 13.30 4.36
C LEU A 335 0.07 13.99 5.64
N ASP A 336 0.62 15.18 5.94
CA ASP A 336 0.23 15.88 7.16
C ASP A 336 -1.25 16.27 7.12
N ALA A 337 -1.73 16.68 5.94
CA ALA A 337 -3.14 17.05 5.83
C ALA A 337 -4.04 15.85 6.06
N PHE A 338 -3.65 14.68 5.53
CA PHE A 338 -4.35 13.44 5.83
C PHE A 338 -4.35 13.17 7.33
N ILE A 339 -3.16 13.14 7.93
CA ILE A 339 -3.04 12.82 9.35
C ILE A 339 -3.88 13.78 10.19
N ASP A 340 -3.82 15.08 9.86
CA ASP A 340 -4.51 16.06 10.70
C ASP A 340 -6.02 15.80 10.75
N VAL A 341 -6.64 15.44 9.62
CA VAL A 341 -8.05 15.02 9.66
C VAL A 341 -8.25 13.86 10.63
N THR A 342 -7.42 12.81 10.51
CA THR A 342 -7.59 11.63 11.36
C THR A 342 -7.45 11.95 12.84
N GLN A 343 -6.78 13.05 13.19
CA GLN A 343 -6.54 13.37 14.59
C GLN A 343 -7.58 14.30 15.20
N GLN A 344 -8.61 14.70 14.43
CA GLN A 344 -9.55 15.71 14.93
CA GLN A 344 -9.60 15.69 14.90
C GLN A 344 -10.22 15.28 16.23
N HIS A 345 -10.51 13.98 16.39
CA HIS A 345 -11.20 13.49 17.58
C HIS A 345 -10.31 12.65 18.50
N VAL A 346 -9.00 12.65 18.30
CA VAL A 346 -8.11 11.85 19.13
C VAL A 346 -7.85 12.68 20.37
N THR A 347 -8.85 12.70 21.25
CA THR A 347 -8.95 13.60 22.38
C THR A 347 -9.50 12.81 23.56
N GLY A 348 -8.80 12.83 24.68
CA GLY A 348 -9.25 12.08 25.83
C GLY A 348 -8.11 11.88 26.81
N CYS A 349 -8.29 10.89 27.68
CA CYS A 349 -7.47 10.67 28.85
C CYS A 349 -6.94 9.25 28.81
N VAL A 350 -5.64 9.07 29.04
CA VAL A 350 -5.04 7.74 29.11
C VAL A 350 -4.24 7.62 30.40
N LYS A 351 -4.55 6.61 31.21
CA LYS A 351 -3.82 6.32 32.42
C LYS A 351 -2.86 5.17 32.16
N LEU A 352 -1.58 5.34 32.54
CA LEU A 352 -0.55 4.34 32.28
C LEU A 352 0.22 4.08 33.56
N LYS A 353 0.59 2.82 33.79
CA LYS A 353 1.48 2.47 34.90
C LYS A 353 2.88 2.21 34.34
N LEU A 354 3.87 2.92 34.87
CA LEU A 354 5.26 2.76 34.45
C LEU A 354 5.96 1.86 35.44
N PHE A 355 6.59 0.80 34.96
CA PHE A 355 7.10 -0.20 35.89
C PHE A 355 8.12 -1.09 35.18
N LYS A 356 9.37 -0.97 35.60
CA LYS A 356 10.45 -1.87 35.23
C LYS A 356 10.50 -2.12 33.72
N GLY A 357 10.53 -1.03 32.97
CA GLY A 357 10.63 -1.11 31.52
C GLY A 357 9.31 -1.25 30.81
N ASN A 358 8.21 -1.42 31.54
CA ASN A 358 6.90 -1.68 30.98
C ASN A 358 6.03 -0.44 31.05
N ILE A 359 5.24 -0.23 30.01
CA ILE A 359 4.20 0.79 29.97
C ILE A 359 2.88 0.04 30.01
N ILE A 360 2.20 0.08 31.14
CA ILE A 360 1.07 -0.81 31.39
C ILE A 360 -0.23 -0.02 31.30
N PRO A 361 -1.14 -0.38 30.40
CA PRO A 361 -2.44 0.30 30.36
C PRO A 361 -3.17 0.21 31.70
N ALA A 362 -3.73 1.34 32.13
CA ALA A 362 -4.51 1.41 33.36
C ALA A 362 -5.83 2.14 33.16
N GLY A 363 -6.37 2.11 31.96
CA GLY A 363 -7.65 2.74 31.69
C GLY A 363 -7.51 3.91 30.74
N MET A 364 -8.54 4.11 29.90
CA MET A 364 -8.60 5.27 29.04
C MET A 364 -10.05 5.64 28.78
N HIS A 365 -10.27 6.89 28.39
CA HIS A 365 -11.62 7.32 28.06
C HIS A 365 -11.55 8.56 27.17
N SER A 366 -12.65 8.79 26.44
CA SER A 366 -12.68 9.88 25.48
C SER A 366 -14.14 10.26 25.25
N PRO A 367 -14.47 11.55 25.15
CA PRO A 367 -15.84 11.93 24.78
C PRO A 367 -16.21 11.45 23.38
N TYR A 368 -15.23 11.06 22.57
CA TYR A 368 -15.45 10.62 21.20
C TYR A 368 -15.22 9.13 21.03
N SER A 369 -15.21 8.39 22.14
CA SER A 369 -15.08 6.94 22.08
C SER A 369 -16.17 6.35 21.19
N LEU A 370 -15.76 5.48 20.27
CA LEU A 370 -16.71 4.71 19.47
C LEU A 370 -17.08 3.39 20.12
N HIS A 371 -16.54 3.12 21.31
CA HIS A 371 -16.78 1.86 22.01
C HIS A 371 -18.04 1.98 22.85
N HIS A 372 -19.04 1.16 22.54
CA HIS A 372 -20.31 1.20 23.30
C HIS A 372 -20.90 -0.20 23.47
N ASN A 385 -28.53 -8.10 16.02
CA ASN A 385 -29.52 -9.16 15.81
C ASN A 385 -28.87 -10.44 15.27
N GLN A 386 -29.45 -11.59 15.63
CA GLN A 386 -28.98 -12.85 15.07
C GLN A 386 -29.26 -12.93 13.57
N LYS A 387 -30.39 -12.38 13.13
CA LYS A 387 -30.72 -12.41 11.71
C LYS A 387 -29.77 -11.55 10.89
N ASP A 388 -29.31 -10.42 11.46
CA ASP A 388 -28.33 -9.61 10.73
C ASP A 388 -27.04 -10.40 10.49
N ALA A 389 -26.56 -11.09 11.52
CA ALA A 389 -25.31 -11.84 11.38
C ALA A 389 -25.41 -12.89 10.28
N GLU A 390 -26.53 -13.60 10.20
CA GLU A 390 -26.64 -14.62 9.16
C GLU A 390 -26.53 -14.02 7.77
N GLY A 391 -27.20 -12.88 7.54
CA GLY A 391 -27.11 -12.24 6.24
C GLY A 391 -25.72 -11.73 5.95
N PHE A 392 -25.06 -11.14 6.95
CA PHE A 392 -23.70 -10.66 6.72
C PHE A 392 -22.77 -11.81 6.40
N ILE A 393 -22.86 -12.91 7.16
CA ILE A 393 -22.02 -14.08 6.92
C ILE A 393 -22.20 -14.59 5.50
N ASN A 394 -23.45 -14.69 5.04
CA ASN A 394 -23.70 -15.29 3.75
C ASN A 394 -23.14 -14.44 2.61
N LEU A 395 -23.26 -13.12 2.72
CA LEU A 395 -22.72 -12.30 1.64
C LEU A 395 -21.22 -12.14 1.77
N PHE A 396 -20.69 -12.07 2.98
CA PHE A 396 -19.25 -11.93 3.15
C PHE A 396 -18.52 -13.16 2.63
N SER A 397 -19.11 -14.34 2.76
CA SER A 397 -18.48 -15.60 2.37
CA SER A 397 -18.46 -15.58 2.35
C SER A 397 -18.94 -16.09 1.00
N LEU A 398 -19.72 -15.29 0.27
CA LEU A 398 -20.29 -15.74 -1.00
C LEU A 398 -19.19 -15.99 -2.03
N SER A 399 -18.25 -15.07 -2.14
CA SER A 399 -17.15 -15.26 -3.09
C SER A 399 -16.40 -16.55 -2.80
N ALA A 400 -16.14 -16.83 -1.51
CA ALA A 400 -15.43 -18.05 -1.16
C ALA A 400 -16.22 -19.29 -1.59
N LYS A 401 -17.54 -19.27 -1.39
CA LYS A 401 -18.37 -20.41 -1.78
C LYS A 401 -18.35 -20.62 -3.28
N ILE A 402 -18.49 -19.53 -4.05
CA ILE A 402 -18.49 -19.64 -5.51
CA ILE A 402 -18.49 -19.65 -5.51
C ILE A 402 -17.13 -20.14 -5.99
N TYR A 403 -16.06 -19.57 -5.45
CA TYR A 403 -14.72 -20.01 -5.82
C TYR A 403 -14.54 -21.50 -5.55
N SER A 404 -14.99 -21.97 -4.39
CA SER A 404 -14.78 -23.37 -4.06
CA SER A 404 -14.80 -23.37 -4.03
C SER A 404 -15.68 -24.29 -4.88
N GLN A 405 -16.81 -23.79 -5.36
CA GLN A 405 -17.64 -24.59 -6.25
C GLN A 405 -17.02 -24.68 -7.64
N VAL A 406 -16.48 -23.57 -8.14
CA VAL A 406 -15.80 -23.57 -9.43
C VAL A 406 -14.58 -24.48 -9.39
N HIS A 407 -13.81 -24.41 -8.30
CA HIS A 407 -12.61 -25.22 -8.14
C HIS A 407 -12.88 -26.42 -7.23
N GLN A 408 -13.93 -27.16 -7.57
CA GLN A 408 -14.44 -28.26 -6.75
C GLN A 408 -13.32 -29.19 -6.33
N GLY A 409 -13.07 -29.25 -5.02
CA GLY A 409 -12.09 -30.15 -4.45
C GLY A 409 -10.69 -29.59 -4.34
N GLY A 410 -10.41 -28.44 -4.94
CA GLY A 410 -9.06 -27.87 -4.88
C GLY A 410 -8.63 -27.55 -3.47
N ASN A 411 -7.32 -27.50 -3.29
CA ASN A 411 -6.70 -27.30 -1.98
C ASN A 411 -6.34 -25.84 -1.77
N TYR A 412 -6.02 -25.50 -0.51
CA TYR A 412 -5.45 -24.19 -0.17
C TYR A 412 -4.14 -24.36 0.60
N VAL B 12 -32.23 -35.26 2.83
CA VAL B 12 -32.66 -35.13 4.21
C VAL B 12 -31.45 -35.19 5.14
N ILE B 13 -31.50 -34.44 6.24
CA ILE B 13 -30.40 -34.36 7.19
C ILE B 13 -30.56 -35.49 8.20
N LYS B 14 -29.79 -36.55 7.99
CA LYS B 14 -29.78 -37.69 8.90
C LYS B 14 -28.62 -37.64 9.89
N LYS B 15 -27.55 -36.90 9.57
CA LYS B 15 -26.32 -36.99 10.33
C LYS B 15 -25.63 -35.63 10.35
N ILE B 16 -25.23 -35.19 11.54
CA ILE B 16 -24.68 -33.86 11.78
C ILE B 16 -23.37 -33.99 12.55
N ALA B 17 -22.34 -33.28 12.10
CA ALA B 17 -21.08 -33.19 12.84
C ALA B 17 -21.03 -31.86 13.58
N LEU B 18 -20.79 -31.91 14.89
CA LEU B 18 -20.79 -30.74 15.76
C LEU B 18 -19.40 -30.49 16.30
N ALA B 19 -18.90 -29.26 16.12
CA ALA B 19 -17.68 -28.83 16.79
C ALA B 19 -17.98 -28.66 18.27
N TYR B 20 -17.46 -29.56 19.08
CA TYR B 20 -17.91 -29.74 20.45
C TYR B 20 -16.83 -29.31 21.43
N SER B 21 -17.14 -28.35 22.28
CA SER B 21 -16.17 -27.81 23.23
C SER B 21 -16.27 -28.42 24.62
N GLY B 22 -17.39 -29.05 24.95
CA GLY B 22 -17.61 -29.57 26.28
C GLY B 22 -18.34 -28.63 27.21
N GLY B 23 -18.47 -27.35 26.84
CA GLY B 23 -19.24 -26.42 27.65
C GLY B 23 -20.74 -26.71 27.62
N LEU B 24 -21.47 -25.98 28.46
CA LEU B 24 -22.92 -26.20 28.56
C LEU B 24 -23.62 -25.94 27.23
N ASP B 25 -23.20 -24.87 26.53
CA ASP B 25 -23.84 -24.49 25.27
C ASP B 25 -23.78 -25.62 24.23
N THR B 26 -22.57 -26.11 23.93
CA THR B 26 -22.49 -27.14 22.90
C THR B 26 -23.04 -28.48 23.39
N SER B 27 -23.12 -28.68 24.71
CA SER B 27 -23.76 -29.90 25.23
C SER B 27 -25.26 -29.89 24.99
N ILE B 28 -25.93 -28.78 25.29
CA ILE B 28 -27.37 -28.76 25.05
C ILE B 28 -27.69 -28.69 23.56
N MET B 29 -26.71 -28.31 22.73
CA MET B 29 -26.92 -28.34 21.29
C MET B 29 -27.15 -29.75 20.76
N ILE B 30 -26.65 -30.76 21.45
CA ILE B 30 -26.79 -32.13 20.96
C ILE B 30 -28.27 -32.52 21.00
N PRO B 31 -28.97 -32.45 22.15
CA PRO B 31 -30.42 -32.73 22.11
C PRO B 31 -31.18 -31.75 21.25
N TRP B 32 -30.77 -30.48 21.23
CA TRP B 32 -31.45 -29.49 20.42
C TRP B 32 -31.40 -29.86 18.94
N LEU B 33 -30.20 -30.22 18.45
CA LEU B 33 -30.05 -30.66 17.06
C LEU B 33 -30.91 -31.87 16.77
N LYS B 34 -30.92 -32.85 17.67
CA LYS B 34 -31.69 -34.07 17.44
C LYS B 34 -33.18 -33.79 17.41
N GLU B 35 -33.64 -32.78 18.14
CA GLU B 35 -35.06 -32.47 18.14
C GLU B 35 -35.47 -31.60 16.96
N HIS B 36 -34.60 -30.70 16.50
CA HIS B 36 -34.97 -29.83 15.39
C HIS B 36 -34.68 -30.44 14.02
N TYR B 37 -33.91 -31.53 13.98
CA TYR B 37 -33.66 -32.30 12.75
C TYR B 37 -34.02 -33.74 13.10
N GLU B 38 -35.29 -34.08 12.86
CA GLU B 38 -35.88 -35.31 13.38
C GLU B 38 -35.04 -36.53 13.04
N HIS B 39 -34.77 -37.35 14.07
CA HIS B 39 -34.03 -38.60 13.94
C HIS B 39 -32.61 -38.37 13.40
N ALA B 40 -32.00 -37.24 13.71
CA ALA B 40 -30.64 -36.99 13.26
C ALA B 40 -29.64 -37.55 14.26
N GLU B 41 -28.61 -38.15 13.73
CA GLU B 41 -27.45 -38.58 14.48
C GLU B 41 -26.49 -37.40 14.60
N VAL B 42 -25.89 -37.23 15.78
CA VAL B 42 -24.93 -36.15 16.01
C VAL B 42 -23.58 -36.75 16.35
N ILE B 43 -22.56 -36.35 15.59
CA ILE B 43 -21.17 -36.75 15.78
C ILE B 43 -20.43 -35.57 16.40
N ALA B 44 -19.75 -35.78 17.52
CA ALA B 44 -19.01 -34.70 18.16
C ALA B 44 -17.55 -34.73 17.73
N VAL B 45 -17.00 -33.55 17.46
CA VAL B 45 -15.59 -33.41 17.09
C VAL B 45 -14.93 -32.50 18.12
N ILE B 46 -13.89 -33.02 18.78
CA ILE B 46 -13.16 -32.34 19.85
C ILE B 46 -11.71 -32.20 19.42
N CYS B 47 -11.21 -30.98 19.35
CA CYS B 47 -9.85 -30.73 18.90
C CYS B 47 -8.96 -30.36 20.08
N ASP B 48 -7.83 -31.04 20.21
CA ASP B 48 -6.82 -30.66 21.21
C ASP B 48 -5.89 -29.67 20.53
N LEU B 49 -6.03 -28.41 20.91
CA LEU B 49 -5.20 -27.32 20.43
C LEU B 49 -4.31 -26.78 21.52
N GLY B 50 -4.26 -27.43 22.68
CA GLY B 50 -3.54 -26.93 23.82
C GLY B 50 -4.39 -26.23 24.87
N GLN B 51 -5.71 -26.39 24.83
CA GLN B 51 -6.55 -25.76 25.85
C GLN B 51 -6.38 -26.38 27.24
N GLN B 52 -5.60 -27.47 27.35
CA GLN B 52 -5.23 -28.07 28.63
C GLN B 52 -6.46 -28.39 29.47
N GLU B 53 -7.43 -29.05 28.84
CA GLU B 53 -8.61 -29.55 29.51
C GLU B 53 -8.60 -31.07 29.52
N ASP B 54 -9.51 -31.63 30.32
CA ASP B 54 -9.65 -33.08 30.43
C ASP B 54 -10.45 -33.55 29.22
N LEU B 55 -9.74 -33.93 28.16
CA LEU B 55 -10.42 -34.29 26.92
C LEU B 55 -11.21 -35.58 27.07
N ASP B 56 -10.79 -36.47 27.96
CA ASP B 56 -11.57 -37.68 28.24
C ASP B 56 -12.93 -37.32 28.83
N ALA B 57 -12.95 -36.39 29.79
CA ALA B 57 -14.21 -35.93 30.36
C ALA B 57 -15.08 -35.29 29.28
N ILE B 58 -14.47 -34.52 28.38
CA ILE B 58 -15.25 -33.86 27.33
C ILE B 58 -15.83 -34.89 26.39
N LYS B 59 -15.02 -35.87 25.98
CA LYS B 59 -15.51 -36.95 25.14
C LYS B 59 -16.66 -37.68 25.82
N ASN B 60 -16.51 -37.99 27.10
CA ASN B 60 -17.58 -38.69 27.81
C ASN B 60 -18.83 -37.84 27.92
N LYS B 61 -18.68 -36.53 28.16
CA LYS B 61 -19.85 -35.66 28.25
C LYS B 61 -20.59 -35.60 26.92
N ALA B 62 -19.87 -35.55 25.80
CA ALA B 62 -20.49 -35.60 24.48
C ALA B 62 -21.34 -36.85 24.32
N LEU B 63 -20.78 -38.01 24.64
CA LEU B 63 -21.53 -39.27 24.51
C LEU B 63 -22.72 -39.30 25.45
N LYS B 64 -22.54 -38.86 26.70
CA LYS B 64 -23.65 -38.86 27.66
C LYS B 64 -24.75 -37.91 27.22
N SER B 65 -24.39 -36.82 26.52
CA SER B 65 -25.35 -35.84 26.04
C SER B 65 -26.12 -36.29 24.80
N GLY B 66 -25.80 -37.45 24.23
CA GLY B 66 -26.55 -37.97 23.10
C GLY B 66 -25.77 -38.09 21.81
N ALA B 67 -24.47 -37.76 21.76
CA ALA B 67 -23.70 -37.97 20.53
C ALA B 67 -23.49 -39.47 20.30
N SER B 68 -23.62 -39.89 19.04
CA SER B 68 -23.38 -41.29 18.74
C SER B 68 -21.90 -41.64 18.75
N LYS B 69 -21.05 -40.67 18.41
CA LYS B 69 -19.60 -40.82 18.37
C LYS B 69 -18.99 -39.51 18.85
N ALA B 70 -17.78 -39.61 19.42
CA ALA B 70 -17.07 -38.40 19.85
C ALA B 70 -15.60 -38.57 19.47
N TYR B 71 -15.19 -37.86 18.42
CA TYR B 71 -13.79 -37.88 18.00
C TYR B 71 -12.99 -36.87 18.82
N VAL B 72 -11.82 -37.29 19.29
CA VAL B 72 -10.85 -36.40 19.90
C VAL B 72 -9.59 -36.49 19.04
N VAL B 73 -9.17 -35.36 18.46
CA VAL B 73 -8.01 -35.33 17.58
C VAL B 73 -6.97 -34.39 18.17
N ASP B 74 -5.75 -34.90 18.33
CA ASP B 74 -4.62 -34.09 18.79
C ASP B 74 -4.11 -33.32 17.57
N VAL B 75 -4.42 -32.03 17.49
CA VAL B 75 -4.00 -31.26 16.34
C VAL B 75 -2.95 -30.22 16.71
N LYS B 76 -2.26 -30.41 17.85
CA LYS B 76 -1.28 -29.40 18.29
C LYS B 76 -0.14 -29.26 17.30
N ASN B 77 0.42 -30.38 16.80
CA ASN B 77 1.51 -30.24 15.84
C ASN B 77 1.04 -29.65 14.52
N GLU B 78 -0.15 -30.05 14.06
CA GLU B 78 -0.69 -29.50 12.82
C GLU B 78 -0.94 -27.99 12.96
N PHE B 79 -1.47 -27.57 14.11
CA PHE B 79 -1.66 -26.15 14.40
C PHE B 79 -0.34 -25.39 14.35
N ALA B 80 0.70 -25.91 15.01
CA ALA B 80 1.97 -25.21 15.07
C ALA B 80 2.61 -25.11 13.70
N THR B 81 2.67 -26.23 12.96
CA THR B 81 3.43 -26.24 11.71
C THR B 81 2.67 -25.62 10.55
N GLN B 82 1.35 -25.75 10.49
CA GLN B 82 0.60 -25.29 9.33
CA GLN B 82 0.59 -25.29 9.33
C GLN B 82 -0.10 -23.95 9.55
N TYR B 83 -0.17 -23.48 10.79
CA TYR B 83 -0.80 -22.20 11.10
C TYR B 83 0.15 -21.25 11.81
N LEU B 84 0.69 -21.63 12.97
CA LEU B 84 1.52 -20.71 13.77
C LEU B 84 2.85 -20.40 13.09
N TRP B 85 3.44 -21.38 12.41
CA TRP B 85 4.70 -21.12 11.73
C TRP B 85 4.53 -20.15 10.56
N PRO B 86 3.54 -20.32 9.67
CA PRO B 86 3.26 -19.25 8.70
C PRO B 86 2.99 -17.91 9.34
N LEU B 87 2.28 -17.88 10.49
CA LEU B 87 2.06 -16.60 11.16
C LEU B 87 3.38 -15.98 11.63
N VAL B 88 4.25 -16.79 12.24
CA VAL B 88 5.55 -16.26 12.66
C VAL B 88 6.31 -15.68 11.47
N LYS B 89 6.31 -16.40 10.35
CA LYS B 89 7.02 -15.91 9.16
C LYS B 89 6.45 -14.59 8.66
N SER B 90 5.13 -14.41 8.79
CA SER B 90 4.49 -13.21 8.29
C SER B 90 4.84 -11.98 9.14
N GLY B 91 5.09 -12.16 10.44
CA GLY B 91 5.23 -11.03 11.35
C GLY B 91 3.96 -10.24 11.58
N ALA B 92 2.82 -10.78 11.19
CA ALA B 92 1.57 -10.01 11.21
C ALA B 92 1.04 -9.86 12.63
N LEU B 93 0.62 -8.64 12.97
CA LEU B 93 -0.08 -8.33 14.21
C LEU B 93 -1.30 -7.49 13.83
N TYR B 94 -2.49 -7.98 14.17
CA TYR B 94 -3.70 -7.27 13.76
C TYR B 94 -3.75 -5.90 14.43
N GLU B 95 -3.93 -4.86 13.61
CA GLU B 95 -3.95 -3.46 14.07
C GLU B 95 -2.71 -3.14 14.91
N ASP B 96 -1.59 -3.79 14.60
CA ASP B 96 -0.30 -3.56 15.28
C ASP B 96 -0.35 -3.95 16.75
N GLN B 97 -1.25 -4.86 17.14
CA GLN B 97 -1.42 -5.12 18.58
C GLN B 97 -1.79 -6.57 18.88
N TYR B 98 -2.65 -7.17 18.08
CA TYR B 98 -3.31 -8.41 18.46
C TYR B 98 -2.59 -9.59 17.82
N ILE B 99 -2.26 -10.59 18.65
CA ILE B 99 -1.40 -11.71 18.24
C ILE B 99 -2.14 -12.82 17.50
N LEU B 100 -3.45 -12.67 17.26
CA LEU B 100 -4.17 -13.50 16.27
C LEU B 100 -4.31 -14.97 16.72
N GLY B 101 -4.54 -15.19 18.01
CA GLY B 101 -4.82 -16.54 18.45
C GLY B 101 -6.08 -17.15 17.86
N THR B 102 -6.99 -16.32 17.31
CA THR B 102 -8.17 -16.88 16.62
C THR B 102 -7.81 -17.51 15.28
N ILE B 103 -6.52 -17.59 14.95
CA ILE B 103 -6.06 -18.41 13.83
C ILE B 103 -6.47 -19.88 14.03
N SER B 104 -6.87 -20.26 15.25
CA SER B 104 -7.31 -21.65 15.45
C SER B 104 -8.64 -21.96 14.77
N ARG B 105 -9.48 -20.95 14.48
CA ARG B 105 -10.81 -21.23 13.94
C ARG B 105 -10.77 -21.92 12.58
N PRO B 106 -9.96 -21.49 11.60
CA PRO B 106 -9.90 -22.28 10.34
C PRO B 106 -9.49 -23.72 10.56
N LEU B 107 -8.59 -23.98 11.52
CA LEU B 107 -8.17 -25.35 11.79
C LEU B 107 -9.31 -26.16 12.37
N ILE B 108 -10.05 -25.60 13.31
CA ILE B 108 -11.21 -26.31 13.84
C ILE B 108 -12.19 -26.64 12.73
N ALA B 109 -12.47 -25.66 11.86
CA ALA B 109 -13.36 -25.90 10.73
C ALA B 109 -12.80 -26.98 9.81
N GLN B 110 -11.47 -26.98 9.62
CA GLN B 110 -10.83 -27.98 8.77
C GLN B 110 -11.03 -29.40 9.31
N LYS B 111 -10.79 -29.60 10.61
CA LYS B 111 -10.97 -30.93 11.21
C LYS B 111 -12.44 -31.36 11.14
N LEU B 112 -13.34 -30.41 11.42
CA LEU B 112 -14.76 -30.69 11.38
C LEU B 112 -15.17 -31.20 10.00
N VAL B 113 -14.72 -30.51 8.94
CA VAL B 113 -15.03 -30.91 7.57
C VAL B 113 -14.37 -32.23 7.21
N GLU B 114 -13.11 -32.42 7.61
CA GLU B 114 -12.40 -33.66 7.33
C GLU B 114 -13.16 -34.86 7.90
N ILE B 115 -13.61 -34.75 9.13
CA ILE B 115 -14.33 -35.86 9.77
C ILE B 115 -15.72 -36.01 9.17
N ALA B 116 -16.40 -34.89 8.93
CA ALA B 116 -17.72 -34.91 8.29
C ALA B 116 -17.70 -35.70 7.00
N LEU B 117 -16.69 -35.51 6.16
CA LEU B 117 -16.64 -36.18 4.87
C LEU B 117 -16.32 -37.67 5.00
N THR B 118 -15.67 -38.10 6.09
CA THR B 118 -15.48 -39.52 6.36
C THR B 118 -16.71 -40.19 6.97
N GLU B 119 -17.61 -39.41 7.54
CA GLU B 119 -18.79 -39.91 8.24
C GLU B 119 -20.09 -39.76 7.47
N GLN B 120 -20.04 -39.29 6.23
CA GLN B 120 -21.23 -39.10 5.39
C GLN B 120 -22.26 -38.20 6.07
N VAL B 121 -21.80 -37.11 6.70
CA VAL B 121 -22.76 -36.22 7.33
C VAL B 121 -23.30 -35.23 6.30
N ASN B 122 -24.53 -34.80 6.53
CA ASN B 122 -25.21 -33.84 5.66
C ASN B 122 -25.01 -32.40 6.09
N ALA B 123 -24.70 -32.16 7.36
CA ALA B 123 -24.58 -30.79 7.84
C ALA B 123 -23.55 -30.75 8.96
N VAL B 124 -22.95 -29.58 9.14
CA VAL B 124 -22.07 -29.37 10.27
C VAL B 124 -22.65 -28.27 11.12
N ALA B 125 -22.32 -28.29 12.42
CA ALA B 125 -22.82 -27.31 13.38
C ALA B 125 -21.67 -26.83 14.24
N HIS B 126 -21.77 -25.59 14.71
CA HIS B 126 -20.78 -25.02 15.61
C HIS B 126 -21.50 -24.21 16.67
N GLY B 127 -20.79 -23.92 17.75
CA GLY B 127 -21.41 -23.25 18.86
C GLY B 127 -21.02 -21.78 19.02
N ALA B 128 -20.48 -21.18 17.97
CA ALA B 128 -20.16 -19.75 18.03
C ALA B 128 -21.44 -18.93 18.20
N THR B 129 -21.38 -17.87 18.99
CA THR B 129 -22.56 -17.07 19.26
C THR B 129 -22.89 -16.15 18.07
N GLY B 130 -24.09 -15.57 18.11
CA GLY B 130 -24.56 -14.69 17.07
C GLY B 130 -23.99 -13.29 17.09
N LYS B 131 -23.00 -13.02 17.93
CA LYS B 131 -22.54 -11.65 18.16
C LYS B 131 -21.12 -11.38 17.68
N GLY B 132 -20.24 -12.37 17.68
CA GLY B 132 -18.83 -12.14 17.46
C GLY B 132 -18.35 -12.45 16.04
N ASN B 133 -17.04 -12.39 15.87
CA ASN B 133 -16.40 -12.75 14.61
C ASN B 133 -16.32 -14.25 14.41
N ASP B 134 -16.41 -15.06 15.47
CA ASP B 134 -16.10 -16.48 15.34
C ASP B 134 -17.04 -17.18 14.37
N GLN B 135 -18.31 -16.80 14.36
CA GLN B 135 -19.24 -17.41 13.42
C GLN B 135 -18.79 -17.19 11.98
N VAL B 136 -18.33 -15.98 11.66
CA VAL B 136 -17.81 -15.71 10.32
C VAL B 136 -16.59 -16.57 10.03
N ARG B 137 -15.66 -16.63 10.98
CA ARG B 137 -14.46 -17.42 10.74
C ARG B 137 -14.81 -18.89 10.45
N PHE B 138 -15.70 -19.47 11.25
CA PHE B 138 -16.09 -20.86 11.03
C PHE B 138 -16.75 -21.03 9.67
N GLU B 139 -17.74 -20.20 9.37
CA GLU B 139 -18.57 -20.47 8.21
C GLU B 139 -17.89 -20.07 6.90
N TYR B 140 -17.05 -19.04 6.91
CA TYR B 140 -16.20 -18.81 5.74
C TYR B 140 -15.36 -20.05 5.45
N SER B 141 -14.71 -20.61 6.48
CA SER B 141 -13.84 -21.75 6.25
C SER B 141 -14.63 -22.95 5.74
N ILE B 142 -15.80 -23.21 6.32
CA ILE B 142 -16.58 -24.36 5.89
C ILE B 142 -16.99 -24.21 4.42
N LYS B 143 -17.41 -23.00 4.03
CA LYS B 143 -17.82 -22.78 2.63
C LYS B 143 -16.64 -22.90 1.68
N ALA B 144 -15.46 -22.46 2.11
CA ALA B 144 -14.27 -22.57 1.28
C ALA B 144 -13.83 -24.02 1.12
N LEU B 145 -14.02 -24.84 2.16
CA LEU B 145 -13.54 -26.23 2.13
C LEU B 145 -14.60 -27.19 1.61
N ALA B 146 -15.87 -26.87 1.82
CA ALA B 146 -16.93 -27.82 1.49
C ALA B 146 -18.22 -27.05 1.26
N PRO B 147 -18.36 -26.37 0.11
CA PRO B 147 -19.57 -25.56 -0.12
C PRO B 147 -20.84 -26.37 -0.18
N GLN B 148 -20.74 -27.69 -0.35
CA GLN B 148 -21.93 -28.53 -0.41
C GLN B 148 -22.52 -28.85 0.95
N LEU B 149 -21.79 -28.60 2.04
CA LEU B 149 -22.25 -28.96 3.38
C LEU B 149 -23.14 -27.86 3.94
N GLU B 150 -24.32 -28.25 4.43
CA GLU B 150 -25.16 -27.31 5.15
C GLU B 150 -24.55 -26.97 6.51
N ILE B 151 -24.72 -25.72 6.92
CA ILE B 151 -24.18 -25.21 8.18
C ILE B 151 -25.34 -24.90 9.12
N ILE B 152 -25.21 -25.33 10.38
CA ILE B 152 -26.21 -25.06 11.40
C ILE B 152 -25.53 -24.31 12.54
N ALA B 153 -26.08 -23.15 12.92
CA ALA B 153 -25.56 -22.36 14.02
C ALA B 153 -26.67 -22.15 15.03
N PRO B 154 -26.82 -23.03 16.02
CA PRO B 154 -28.01 -22.94 16.89
C PRO B 154 -28.13 -21.61 17.62
N TRP B 155 -27.03 -20.90 17.91
CA TRP B 155 -27.16 -19.61 18.58
C TRP B 155 -27.93 -18.61 17.72
N ARG B 156 -27.95 -18.79 16.40
CA ARG B 156 -28.70 -17.87 15.55
C ARG B 156 -30.15 -18.30 15.37
N THR B 157 -30.53 -19.47 15.87
CA THR B 157 -31.86 -20.02 15.61
C THR B 157 -32.68 -20.26 16.87
N TRP B 158 -32.05 -20.72 17.96
CA TRP B 158 -32.84 -21.18 19.10
C TRP B 158 -33.29 -20.00 19.96
N ASP B 159 -34.14 -20.30 20.93
CA ASP B 159 -34.72 -19.29 21.80
C ASP B 159 -33.96 -19.12 23.12
N ILE B 160 -32.82 -19.77 23.27
CA ILE B 160 -32.02 -19.65 24.49
C ILE B 160 -31.20 -18.37 24.43
N LYS B 161 -31.36 -17.50 25.43
CA LYS B 161 -30.71 -16.19 25.43
C LYS B 161 -29.78 -15.96 26.60
N SER B 162 -29.89 -16.73 27.68
CA SER B 162 -29.06 -16.51 28.86
C SER B 162 -28.48 -17.83 29.37
N ARG B 163 -27.53 -17.70 30.29
CA ARG B 163 -26.99 -18.88 30.97
C ARG B 163 -28.08 -19.61 31.73
N GLN B 164 -28.96 -18.85 32.40
CA GLN B 164 -30.05 -19.48 33.14
C GLN B 164 -31.01 -20.20 32.20
N GLU B 165 -31.28 -19.63 31.03
CA GLU B 165 -32.14 -20.29 30.06
C GLU B 165 -31.48 -21.55 29.53
N ALA B 166 -30.16 -21.54 29.34
CA ALA B 166 -29.45 -22.75 28.97
C ALA B 166 -29.56 -23.80 30.07
N ILE B 167 -29.52 -23.36 31.33
CA ILE B 167 -29.63 -24.30 32.45
C ILE B 167 -31.01 -24.92 32.49
N VAL B 168 -32.05 -24.10 32.33
CA VAL B 168 -33.42 -24.61 32.26
C VAL B 168 -33.55 -25.64 31.15
N TYR B 169 -33.02 -25.31 29.97
CA TYR B 169 -33.10 -26.26 28.86
C TYR B 169 -32.32 -27.53 29.16
N ALA B 170 -31.13 -27.41 29.76
CA ALA B 170 -30.32 -28.58 30.08
C ALA B 170 -31.07 -29.52 31.03
N LYS B 171 -31.70 -28.96 32.06
CA LYS B 171 -32.42 -29.77 33.03
C LYS B 171 -33.56 -30.53 32.35
N ALA B 172 -34.29 -29.86 31.46
CA ALA B 172 -35.40 -30.49 30.76
C ALA B 172 -34.95 -31.53 29.73
N HIS B 173 -33.66 -31.59 29.40
CA HIS B 173 -33.20 -32.48 28.34
C HIS B 173 -32.06 -33.39 28.78
N GLY B 174 -31.92 -33.65 30.08
CA GLY B 174 -30.98 -34.65 30.52
C GLY B 174 -29.51 -34.30 30.41
N ILE B 175 -29.17 -33.02 30.36
CA ILE B 175 -27.78 -32.58 30.23
C ILE B 175 -27.26 -32.14 31.58
N GLU B 176 -26.08 -32.65 31.96
CA GLU B 176 -25.49 -32.29 33.25
C GLU B 176 -25.08 -30.82 33.26
N VAL B 177 -25.46 -30.11 34.31
CA VAL B 177 -25.05 -28.72 34.52
C VAL B 177 -23.84 -28.73 35.45
N PRO B 178 -22.70 -28.18 35.04
CA PRO B 178 -21.52 -28.21 35.90
C PRO B 178 -21.77 -27.46 37.21
N VAL B 179 -21.10 -27.94 38.27
CA VAL B 179 -21.26 -27.30 39.58
C VAL B 179 -20.63 -25.91 39.57
N THR B 180 -19.41 -25.78 39.02
CA THR B 180 -18.71 -24.49 39.02
C THR B 180 -19.30 -23.55 37.98
N PRO B 181 -19.28 -22.25 38.24
CA PRO B 181 -19.83 -21.30 37.26
C PRO B 181 -18.87 -21.12 36.09
N LYS B 182 -19.38 -20.54 35.01
CA LYS B 182 -18.51 -20.03 33.98
C LYS B 182 -17.61 -18.95 34.57
N ALA B 183 -16.35 -18.91 34.10
CA ALA B 183 -15.36 -17.92 34.54
C ALA B 183 -15.94 -16.51 34.46
N PRO B 184 -15.40 -15.55 35.22
CA PRO B 184 -15.88 -14.16 35.07
C PRO B 184 -15.63 -13.60 33.69
N TYR B 185 -14.73 -14.21 32.92
CA TYR B 185 -14.38 -13.71 31.60
C TYR B 185 -14.59 -14.82 30.58
N SER B 186 -15.03 -14.46 29.39
CA SER B 186 -15.05 -15.42 28.29
C SER B 186 -13.63 -15.64 27.79
N ARG B 187 -13.21 -16.91 27.71
CA ARG B 187 -11.82 -17.21 27.43
C ARG B 187 -11.68 -18.21 26.29
N ASP B 188 -10.60 -18.04 25.54
CA ASP B 188 -10.14 -18.95 24.50
C ASP B 188 -8.69 -19.29 24.84
N HIS B 189 -8.33 -20.55 24.73
CA HIS B 189 -7.02 -21.01 25.19
C HIS B 189 -6.47 -22.03 24.21
N ASN B 190 -5.28 -21.78 23.66
CA ASN B 190 -4.58 -22.79 22.87
C ASN B 190 -3.08 -22.63 23.13
N ILE B 191 -2.26 -23.44 22.44
CA ILE B 191 -0.82 -23.43 22.70
C ILE B 191 -0.21 -22.06 22.40
N TRP B 192 -0.87 -21.23 21.59
CA TRP B 192 -0.33 -19.95 21.16
C TRP B 192 -0.71 -18.81 22.10
N TYR B 193 -1.93 -18.83 22.66
CA TYR B 193 -2.37 -17.66 23.42
C TYR B 193 -3.49 -18.03 24.37
N ILE B 194 -3.85 -17.07 25.22
CA ILE B 194 -5.08 -17.11 26.00
C ILE B 194 -5.73 -15.74 25.86
N SER B 195 -7.02 -15.72 25.53
CA SER B 195 -7.75 -14.46 25.44
C SER B 195 -8.72 -14.34 26.61
N HIS B 196 -8.95 -13.10 27.04
CA HIS B 196 -9.92 -12.80 28.11
C HIS B 196 -10.75 -11.61 27.66
N GLU B 197 -12.07 -11.79 27.66
CA GLU B 197 -12.98 -10.78 27.16
C GLU B 197 -14.25 -10.80 28.01
N GLY B 198 -15.03 -9.71 27.94
CA GLY B 198 -16.30 -9.65 28.62
C GLY B 198 -16.18 -9.26 30.09
N GLY B 199 -17.32 -9.29 30.77
CA GLY B 199 -17.32 -8.87 32.16
C GLY B 199 -16.92 -7.43 32.32
N VAL B 200 -16.23 -7.13 33.43
CA VAL B 200 -15.78 -5.77 33.66
C VAL B 200 -14.72 -5.34 32.66
N LEU B 201 -14.19 -6.26 31.87
CA LEU B 201 -13.23 -5.90 30.83
C LEU B 201 -13.87 -5.11 29.70
N GLU B 202 -15.20 -5.19 29.54
CA GLU B 202 -15.87 -4.44 28.50
C GLU B 202 -15.68 -2.94 28.65
N ASP B 203 -15.29 -2.48 29.83
CA ASP B 203 -15.14 -1.05 30.12
C ASP B 203 -13.67 -0.66 29.96
N PRO B 204 -13.27 0.00 28.85
CA PRO B 204 -11.86 0.35 28.68
C PRO B 204 -11.34 1.39 29.67
N SER B 205 -12.22 2.06 30.41
CA SER B 205 -11.75 2.97 31.46
C SER B 205 -11.29 2.22 32.71
N GLN B 206 -11.50 0.91 32.77
CA GLN B 206 -11.16 0.12 33.94
C GLN B 206 -9.89 -0.68 33.69
N GLU B 207 -8.97 -0.63 34.65
CA GLU B 207 -7.72 -1.37 34.59
C GLU B 207 -7.99 -2.88 34.60
N MET B 208 -7.04 -3.64 34.04
CA MET B 208 -7.15 -5.10 34.10
C MET B 208 -7.25 -5.58 35.55
N PRO B 209 -8.27 -6.36 35.90
CA PRO B 209 -8.35 -6.89 37.27
C PRO B 209 -7.22 -7.87 37.58
N ASN B 210 -7.01 -8.13 38.87
CA ASN B 210 -5.87 -8.97 39.26
C ASN B 210 -6.17 -10.47 39.19
N ASP B 211 -7.35 -10.86 38.74
CA ASP B 211 -7.69 -12.28 38.62
C ASP B 211 -7.83 -12.74 37.17
N VAL B 212 -7.26 -11.98 36.23
CA VAL B 212 -7.42 -12.31 34.82
C VAL B 212 -6.38 -13.32 34.36
N LEU B 213 -5.10 -13.04 34.60
CA LEU B 213 -4.02 -13.78 33.94
C LEU B 213 -4.02 -15.24 34.36
N LEU B 214 -3.71 -16.12 33.41
CA LEU B 214 -3.73 -17.56 33.68
C LEU B 214 -2.37 -18.25 33.47
N MET B 215 -1.52 -17.75 32.56
CA MET B 215 -0.26 -18.41 32.24
C MET B 215 0.92 -17.47 32.32
N THR B 216 0.73 -16.23 32.76
CA THR B 216 1.77 -15.22 32.80
C THR B 216 1.82 -14.63 34.20
N ALA B 217 3.01 -14.57 34.76
CA ALA B 217 3.16 -13.96 36.09
C ALA B 217 2.96 -12.46 35.99
N PRO B 218 2.28 -11.85 36.97
CA PRO B 218 2.29 -10.38 37.06
C PRO B 218 3.72 -9.88 37.13
N VAL B 219 3.97 -8.73 36.50
CA VAL B 219 5.34 -8.24 36.37
CA VAL B 219 5.34 -8.24 36.37
C VAL B 219 6.00 -8.07 37.72
N SER B 220 5.25 -7.61 38.72
CA SER B 220 5.81 -7.46 40.04
C SER B 220 6.19 -8.79 40.70
N GLN B 221 5.77 -9.93 40.14
CA GLN B 221 6.03 -11.23 40.76
C GLN B 221 6.94 -12.10 39.92
N THR B 222 7.88 -11.49 39.26
CA THR B 222 8.82 -12.13 38.36
C THR B 222 10.19 -12.25 38.99
N PRO B 223 11.03 -13.17 38.50
CA PRO B 223 12.35 -13.36 39.11
C PRO B 223 13.18 -12.10 39.07
N ASP B 224 14.03 -11.95 40.08
CA ASP B 224 14.93 -10.80 40.16
C ASP B 224 16.21 -11.00 39.37
N GLU B 225 16.42 -12.18 38.78
CA GLU B 225 17.53 -12.44 37.88
C GLU B 225 16.97 -12.74 36.50
N GLU B 226 17.57 -12.14 35.47
CA GLU B 226 17.20 -12.41 34.09
C GLU B 226 17.47 -13.86 33.70
N GLU B 227 16.78 -14.31 32.66
CA GLU B 227 17.02 -15.62 32.07
C GLU B 227 17.37 -15.43 30.61
N VAL B 228 18.48 -16.04 30.19
CA VAL B 228 18.94 -15.99 28.80
C VAL B 228 18.31 -17.15 28.04
N VAL B 229 17.77 -16.86 26.84
CA VAL B 229 17.34 -17.89 25.92
C VAL B 229 18.05 -17.67 24.59
N VAL B 230 18.36 -18.76 23.91
CA VAL B 230 19.00 -18.73 22.60
C VAL B 230 18.09 -19.45 21.63
N LEU B 231 17.65 -18.76 20.60
CA LEU B 231 16.77 -19.34 19.60
C LEU B 231 17.50 -19.48 18.27
N ASP B 232 17.49 -20.70 17.73
CA ASP B 232 17.97 -20.94 16.37
C ASP B 232 16.78 -20.98 15.44
N PHE B 233 16.86 -20.23 14.34
CA PHE B 233 15.84 -20.17 13.30
C PHE B 233 16.38 -20.79 12.01
N LYS B 234 15.51 -21.49 11.28
CA LYS B 234 15.81 -21.95 9.94
C LYS B 234 14.64 -21.58 9.03
N LYS B 235 14.92 -20.81 7.98
CA LYS B 235 13.91 -20.34 7.03
C LYS B 235 12.72 -19.70 7.72
N GLY B 236 13.01 -18.86 8.71
CA GLY B 236 12.00 -18.05 9.34
C GLY B 236 11.29 -18.68 10.51
N VAL B 237 11.53 -19.95 10.83
CA VAL B 237 10.85 -20.55 11.98
C VAL B 237 11.86 -21.09 12.99
N PRO B 238 11.51 -21.15 14.28
CA PRO B 238 12.46 -21.62 15.29
C PRO B 238 12.58 -23.13 15.29
N VAL B 239 13.81 -23.62 15.38
CA VAL B 239 14.09 -25.06 15.36
C VAL B 239 14.80 -25.54 16.61
N ALA B 240 15.35 -24.66 17.43
CA ALA B 240 16.06 -25.08 18.63
C ALA B 240 15.98 -23.98 19.67
N LEU B 241 16.02 -24.40 20.93
CA LEU B 241 16.00 -23.51 22.08
C LEU B 241 17.14 -23.91 23.00
N ASN B 242 18.01 -22.96 23.34
CA ASN B 242 19.16 -23.21 24.22
C ASN B 242 20.01 -24.37 23.70
N GLY B 243 20.17 -24.42 22.38
CA GLY B 243 20.99 -25.43 21.75
C GLY B 243 20.35 -26.80 21.62
N GLN B 244 19.08 -26.95 22.00
CA GLN B 244 18.40 -28.24 21.94
C GLN B 244 17.35 -28.19 20.83
N GLU B 245 17.47 -29.07 19.86
CA GLU B 245 16.45 -29.15 18.82
C GLU B 245 15.15 -29.65 19.44
N LEU B 246 14.07 -28.94 19.17
CA LEU B 246 12.77 -29.26 19.72
C LEU B 246 11.71 -29.21 18.64
N SER B 247 10.73 -30.09 18.75
CA SER B 247 9.54 -30.01 17.92
C SER B 247 8.85 -28.67 18.14
N PRO B 248 8.05 -28.21 17.18
CA PRO B 248 7.33 -26.95 17.37
C PRO B 248 6.52 -26.91 18.66
N VAL B 249 5.83 -27.99 19.01
CA VAL B 249 5.01 -28.00 20.22
C VAL B 249 5.89 -27.93 21.47
N ASP B 250 6.98 -28.71 21.50
CA ASP B 250 7.84 -28.68 22.67
C ASP B 250 8.49 -27.32 22.84
N LEU B 251 8.86 -26.69 21.72
CA LEU B 251 9.50 -25.38 21.80
C LEU B 251 8.51 -24.32 22.29
N LEU B 252 7.30 -24.33 21.75
CA LEU B 252 6.24 -23.43 22.22
C LEU B 252 5.95 -23.66 23.70
N ASN B 253 5.81 -24.93 24.12
CA ASN B 253 5.57 -25.22 25.52
C ASN B 253 6.69 -24.71 26.41
N SER B 254 7.94 -24.97 26.02
CA SER B 254 9.05 -24.54 26.84
C SER B 254 9.16 -23.01 26.89
N LEU B 255 8.97 -22.35 25.75
CA LEU B 255 9.08 -20.90 25.73
C LEU B 255 7.90 -20.23 26.44
N ASN B 256 6.70 -20.83 26.35
CA ASN B 256 5.56 -20.27 27.09
C ASN B 256 5.82 -20.29 28.58
N GLN B 257 6.40 -21.38 29.08
CA GLN B 257 6.69 -21.49 30.50
C GLN B 257 7.75 -20.47 30.91
N LYS B 258 8.88 -20.43 30.19
CA LYS B 258 9.96 -19.53 30.54
CA LYS B 258 9.96 -19.53 30.54
C LYS B 258 9.53 -18.07 30.45
N ALA B 259 8.97 -17.67 29.30
CA ALA B 259 8.61 -16.26 29.17
C ALA B 259 7.44 -15.89 30.07
N GLY B 260 6.52 -16.83 30.32
CA GLY B 260 5.40 -16.56 31.21
C GLY B 260 5.87 -16.33 32.64
N GLN B 261 6.87 -17.10 33.07
CA GLN B 261 7.42 -16.91 34.41
C GLN B 261 8.02 -15.52 34.56
N HIS B 262 8.54 -14.94 33.49
CA HIS B 262 9.10 -13.60 33.52
C HIS B 262 8.10 -12.51 33.13
N GLY B 263 6.81 -12.84 33.11
CA GLY B 263 5.79 -11.83 32.97
C GLY B 263 5.64 -11.26 31.57
N ILE B 264 6.15 -11.95 30.55
CA ILE B 264 6.25 -11.41 29.19
C ILE B 264 4.99 -11.71 28.39
N GLY B 265 4.52 -10.71 27.64
CA GLY B 265 3.61 -10.95 26.53
C GLY B 265 2.15 -10.58 26.74
N VAL B 266 1.81 -9.88 27.81
CA VAL B 266 0.41 -9.53 28.04
C VAL B 266 0.06 -8.30 27.21
N ALA B 267 -1.04 -8.37 26.47
CA ALA B 267 -1.55 -7.23 25.71
C ALA B 267 -2.93 -6.87 26.23
N ASP B 268 -3.14 -5.60 26.52
CA ASP B 268 -4.44 -5.08 26.95
C ASP B 268 -4.87 -4.11 25.87
N ILE B 269 -5.82 -4.50 25.02
CA ILE B 269 -6.05 -3.75 23.79
C ILE B 269 -7.54 -3.61 23.50
N VAL B 270 -7.84 -2.59 22.71
CA VAL B 270 -9.15 -2.45 22.08
C VAL B 270 -8.96 -2.63 20.58
N GLU B 271 -9.73 -3.54 19.99
CA GLU B 271 -9.55 -3.85 18.58
C GLU B 271 -10.90 -3.69 17.88
N ASN B 272 -10.85 -3.45 16.58
CA ASN B 272 -12.05 -3.41 15.77
C ASN B 272 -12.44 -4.82 15.33
N ARG B 273 -13.66 -5.19 15.61
CA ARG B 273 -14.18 -6.43 15.08
C ARG B 273 -14.45 -6.27 13.59
N LEU B 274 -14.65 -7.40 12.90
CA LEU B 274 -15.31 -7.31 11.61
C LEU B 274 -16.82 -7.23 11.81
N VAL B 275 -17.35 -8.10 12.68
CA VAL B 275 -18.78 -8.16 13.01
C VAL B 275 -18.97 -7.44 14.33
N GLY B 276 -19.52 -6.24 14.27
CA GLY B 276 -19.78 -5.43 15.44
C GLY B 276 -18.91 -4.20 15.50
N MET B 277 -18.73 -3.69 16.71
CA MET B 277 -17.95 -2.46 16.83
C MET B 277 -16.55 -2.77 17.34
N LYS B 278 -16.28 -2.41 18.59
CA LYS B 278 -14.96 -2.59 19.17
CA LYS B 278 -14.96 -2.58 19.18
C LYS B 278 -15.07 -3.53 20.36
N ILE B 279 -13.94 -4.18 20.69
CA ILE B 279 -13.90 -5.10 21.80
C ILE B 279 -12.59 -4.89 22.56
N ARG B 280 -12.69 -4.80 23.88
CA ARG B 280 -11.53 -4.75 24.77
C ARG B 280 -11.18 -6.18 25.22
N GLY B 281 -9.92 -6.56 25.07
CA GLY B 281 -9.50 -7.88 25.50
C GLY B 281 -8.15 -7.84 26.17
N ILE B 282 -7.87 -8.89 26.93
CA ILE B 282 -6.55 -9.18 27.47
C ILE B 282 -6.05 -10.43 26.77
N TYR B 283 -4.84 -10.38 26.23
CA TYR B 283 -4.28 -11.51 25.48
C TYR B 283 -2.91 -11.85 26.04
N GLU B 284 -2.76 -13.10 26.45
CA GLU B 284 -1.48 -13.64 26.92
C GLU B 284 -0.89 -14.50 25.82
N ALA B 285 0.38 -14.26 25.49
CA ALA B 285 1.07 -15.11 24.52
C ALA B 285 2.57 -14.94 24.72
N PRO B 286 3.14 -15.57 25.76
CA PRO B 286 4.57 -15.33 26.08
C PRO B 286 5.54 -15.80 25.00
N ALA B 287 5.41 -17.06 24.55
CA ALA B 287 6.29 -17.57 23.50
C ALA B 287 6.12 -16.78 22.21
N ALA B 288 4.86 -16.47 21.84
CA ALA B 288 4.60 -15.68 20.64
C ALA B 288 5.36 -14.36 20.67
N ALA B 289 5.35 -13.68 21.80
CA ALA B 289 6.06 -12.39 21.87
C ALA B 289 7.56 -12.58 21.70
N VAL B 290 8.12 -13.62 22.30
CA VAL B 290 9.55 -13.86 22.15
C VAL B 290 9.89 -14.26 20.73
N LEU B 291 9.07 -15.12 20.11
CA LEU B 291 9.33 -15.54 18.73
C LEU B 291 9.22 -14.36 17.77
N TYR B 292 8.20 -13.52 17.96
CA TYR B 292 8.05 -12.33 17.13
C TYR B 292 9.25 -11.41 17.24
N LYS B 293 9.77 -11.22 18.45
CA LYS B 293 10.93 -10.37 18.65
C LYS B 293 12.15 -10.94 17.92
N ALA B 294 12.43 -12.22 18.16
CA ALA B 294 13.60 -12.84 17.55
C ALA B 294 13.48 -12.83 16.02
N HIS B 295 12.28 -13.12 15.50
CA HIS B 295 12.08 -13.14 14.05
C HIS B 295 12.31 -11.76 13.45
N LYS B 296 11.76 -10.72 14.10
CA LYS B 296 11.98 -9.36 13.63
C LYS B 296 13.47 -9.01 13.62
N LEU B 297 14.19 -9.41 14.67
CA LEU B 297 15.65 -9.20 14.73
C LEU B 297 16.36 -9.84 13.55
N LEU B 298 16.07 -11.12 13.27
CA LEU B 298 16.79 -11.80 12.19
C LEU B 298 16.43 -11.21 10.84
N GLU B 299 15.16 -10.83 10.64
CA GLU B 299 14.80 -10.17 9.37
C GLU B 299 15.56 -8.86 9.19
N SER B 300 15.86 -8.14 10.27
CA SER B 300 16.59 -6.89 10.14
C SER B 300 18.01 -7.14 9.69
N LEU B 301 18.50 -8.35 9.89
CA LEU B 301 19.86 -8.72 9.51
C LEU B 301 19.93 -9.34 8.12
N CYS B 302 18.91 -10.11 7.72
CA CYS B 302 19.03 -10.99 6.56
C CYS B 302 18.31 -10.49 5.32
N LEU B 303 17.38 -9.54 5.43
CA LEU B 303 16.64 -9.04 4.28
C LEU B 303 17.24 -7.74 3.79
N THR B 304 17.16 -7.52 2.48
CA THR B 304 17.48 -6.21 1.97
C THR B 304 16.42 -5.21 2.41
N ARG B 305 16.77 -3.92 2.27
CA ARG B 305 15.85 -2.85 2.60
C ARG B 305 14.57 -2.95 1.77
N SER B 306 14.69 -3.12 0.46
CA SER B 306 13.47 -3.15 -0.36
C SER B 306 12.59 -4.34 0.01
N THR B 307 13.19 -5.51 0.26
CA THR B 307 12.38 -6.67 0.65
C THR B 307 11.72 -6.43 2.01
N LEU B 308 12.50 -5.93 2.98
CA LEU B 308 11.93 -5.65 4.29
C LEU B 308 10.74 -4.69 4.18
N HIS B 309 10.92 -3.60 3.46
CA HIS B 309 9.86 -2.59 3.40
C HIS B 309 8.61 -3.14 2.71
N LEU B 310 8.80 -3.89 1.61
CA LEU B 310 7.63 -4.47 0.93
C LEU B 310 6.93 -5.48 1.83
N LYS B 311 7.70 -6.35 2.49
CA LYS B 311 7.08 -7.33 3.38
C LYS B 311 6.37 -6.66 4.54
N GLN B 312 6.98 -5.64 5.16
CA GLN B 312 6.30 -4.94 6.24
C GLN B 312 5.00 -4.30 5.76
N SER B 313 4.95 -3.82 4.50
CA SER B 313 3.73 -3.23 3.97
C SER B 313 2.62 -4.26 3.76
N LEU B 314 2.95 -5.54 3.67
CA LEU B 314 1.95 -6.59 3.47
C LEU B 314 1.52 -7.25 4.78
N GLN B 315 2.19 -6.93 5.89
CA GLN B 315 1.82 -7.54 7.17
C GLN B 315 0.38 -7.23 7.53
N GLN B 316 -0.07 -5.98 7.31
CA GLN B 316 -1.44 -5.63 7.66
C GLN B 316 -2.45 -6.41 6.83
N THR B 317 -2.20 -6.51 5.53
CA THR B 317 -3.05 -7.32 4.68
C THR B 317 -3.15 -8.75 5.21
N TYR B 318 -2.02 -9.33 5.58
CA TYR B 318 -2.01 -10.69 6.13
C TYR B 318 -2.78 -10.74 7.45
N ALA B 319 -2.53 -9.77 8.33
CA ALA B 319 -3.19 -9.77 9.63
C ALA B 319 -4.70 -9.70 9.47
N ASN B 320 -5.17 -8.80 8.60
CA ASN B 320 -6.61 -8.64 8.37
C ASN B 320 -7.21 -9.91 7.82
N LEU B 321 -6.51 -10.54 6.88
CA LEU B 321 -7.00 -11.79 6.32
C LEU B 321 -7.16 -12.84 7.41
N VAL B 322 -6.15 -13.01 8.27
CA VAL B 322 -6.26 -13.99 9.35
C VAL B 322 -7.37 -13.60 10.32
N TYR B 323 -7.42 -12.32 10.69
CA TYR B 323 -8.42 -11.89 11.68
C TYR B 323 -9.84 -12.15 11.17
N GLU B 324 -10.07 -11.95 9.88
CA GLU B 324 -11.41 -12.06 9.31
C GLU B 324 -11.78 -13.50 8.97
N GLY B 325 -10.89 -14.45 9.20
CA GLY B 325 -11.24 -15.84 8.92
C GLY B 325 -11.06 -16.27 7.48
N ARG B 326 -10.34 -15.50 6.65
CA ARG B 326 -10.17 -15.80 5.24
C ARG B 326 -8.94 -16.64 4.96
N TRP B 327 -8.54 -17.45 5.94
CA TRP B 327 -7.38 -18.33 5.81
C TRP B 327 -7.42 -19.16 4.52
N PHE B 328 -8.55 -19.81 4.26
CA PHE B 328 -8.65 -20.66 3.08
C PHE B 328 -9.13 -19.84 1.89
N SER B 329 -8.16 -19.17 1.25
CA SER B 329 -8.45 -18.36 0.07
C SER B 329 -7.21 -18.29 -0.82
N GLN B 330 -7.44 -18.04 -2.11
CA GLN B 330 -6.29 -17.89 -3.00
C GLN B 330 -5.47 -16.66 -2.63
N THR B 331 -6.13 -15.62 -2.11
CA THR B 331 -5.38 -14.44 -1.67
C THR B 331 -4.34 -14.82 -0.61
N LYS B 332 -4.72 -15.65 0.36
CA LYS B 332 -3.77 -16.09 1.37
CA LYS B 332 -3.77 -16.08 1.37
C LYS B 332 -2.66 -16.94 0.76
N GLN B 333 -3.01 -17.82 -0.19
CA GLN B 333 -1.98 -18.63 -0.83
C GLN B 333 -0.95 -17.77 -1.55
N ALA B 334 -1.40 -16.68 -2.18
CA ALA B 334 -0.46 -15.83 -2.89
C ALA B 334 0.45 -15.09 -1.92
N LEU B 335 -0.11 -14.61 -0.80
CA LEU B 335 0.73 -14.00 0.23
C LEU B 335 1.76 -14.98 0.77
N ASP B 336 1.33 -16.21 1.06
CA ASP B 336 2.23 -17.23 1.56
C ASP B 336 3.41 -17.46 0.63
N ALA B 337 3.14 -17.51 -0.68
CA ALA B 337 4.20 -17.72 -1.66
C ALA B 337 5.18 -16.57 -1.61
N PHE B 338 4.67 -15.34 -1.54
CA PHE B 338 5.52 -14.16 -1.33
C PHE B 338 6.36 -14.34 -0.08
N ILE B 339 5.72 -14.64 1.04
CA ILE B 339 6.42 -14.72 2.31
C ILE B 339 7.50 -15.80 2.28
N ASP B 340 7.18 -16.98 1.72
CA ASP B 340 8.14 -18.07 1.73
C ASP B 340 9.44 -17.69 1.02
N VAL B 341 9.35 -16.96 -0.08
CA VAL B 341 10.58 -16.46 -0.73
C VAL B 341 11.37 -15.60 0.23
N THR B 342 10.70 -14.64 0.89
CA THR B 342 11.43 -13.73 1.78
C THR B 342 12.08 -14.44 2.95
N GLN B 343 11.61 -15.63 3.29
CA GLN B 343 12.14 -16.30 4.46
C GLN B 343 13.27 -17.27 4.14
N GLN B 344 13.69 -17.38 2.86
CA GLN B 344 14.66 -18.41 2.51
CA GLN B 344 14.66 -18.40 2.49
C GLN B 344 15.96 -18.28 3.29
N HIS B 345 16.38 -17.06 3.60
CA HIS B 345 17.65 -16.84 4.28
C HIS B 345 17.49 -16.32 5.71
N VAL B 346 16.28 -16.38 6.27
CA VAL B 346 16.05 -15.89 7.63
C VAL B 346 16.44 -17.04 8.55
N THR B 347 17.75 -17.21 8.70
CA THR B 347 18.34 -18.37 9.33
C THR B 347 19.48 -17.87 10.22
N GLY B 348 19.45 -18.23 11.50
CA GLY B 348 20.51 -17.78 12.37
C GLY B 348 20.14 -17.96 13.82
N CYS B 349 20.86 -17.24 14.65
CA CYS B 349 20.85 -17.41 16.09
C CYS B 349 20.50 -16.07 16.74
N VAL B 350 19.57 -16.08 17.68
CA VAL B 350 19.20 -14.88 18.42
C VAL B 350 19.27 -15.20 19.90
N LYS B 351 20.07 -14.44 20.63
CA LYS B 351 20.12 -14.55 22.08
C LYS B 351 19.32 -13.40 22.68
N LEU B 352 18.45 -13.73 23.65
CA LEU B 352 17.58 -12.76 24.30
C LEU B 352 17.62 -12.91 25.81
N LYS B 353 17.53 -11.78 26.51
CA LYS B 353 17.37 -11.79 27.96
C LYS B 353 15.90 -11.54 28.28
N LEU B 354 15.32 -12.42 29.10
CA LEU B 354 13.96 -12.31 29.59
C LEU B 354 14.00 -11.78 31.01
N PHE B 355 13.29 -10.68 31.27
CA PHE B 355 13.43 -10.02 32.55
C PHE B 355 12.31 -9.02 32.80
N LYS B 356 11.48 -9.29 33.80
CA LYS B 356 10.50 -8.33 34.31
C LYS B 356 9.60 -7.80 33.21
N GLY B 357 9.13 -8.70 32.35
CA GLY B 357 8.25 -8.31 31.27
C GLY B 357 8.96 -7.85 30.01
N ASN B 358 10.27 -7.73 30.03
CA ASN B 358 11.03 -7.24 28.89
C ASN B 358 11.69 -8.40 28.16
N ILE B 359 11.77 -8.27 26.83
CA ILE B 359 12.56 -9.14 25.97
C ILE B 359 13.72 -8.29 25.47
N ILE B 360 14.92 -8.54 25.99
CA ILE B 360 16.06 -7.67 25.76
C ILE B 360 17.02 -8.36 24.80
N PRO B 361 17.34 -7.75 23.66
CA PRO B 361 18.30 -8.34 22.73
C PRO B 361 19.66 -8.56 23.39
N ALA B 362 20.27 -9.69 23.09
CA ALA B 362 21.57 -9.98 23.67
C ALA B 362 22.54 -10.52 22.61
N GLY B 363 22.33 -10.13 21.35
CA GLY B 363 23.22 -10.54 20.27
C GLY B 363 22.51 -11.42 19.27
N MET B 364 22.90 -11.34 18.00
CA MET B 364 22.37 -12.23 16.99
C MET B 364 23.42 -12.42 15.91
N HIS B 365 23.30 -13.53 15.18
CA HIS B 365 24.19 -13.73 14.04
CA HIS B 365 24.22 -13.82 14.09
C HIS B 365 23.50 -14.65 13.02
N SER B 366 23.94 -14.51 11.77
CA SER B 366 23.39 -15.30 10.68
C SER B 366 24.48 -15.52 9.66
N PRO B 367 24.62 -16.73 9.10
CA PRO B 367 25.51 -16.90 7.95
C PRO B 367 25.08 -16.08 6.75
N TYR B 368 23.84 -15.57 6.72
CA TYR B 368 23.36 -14.75 5.62
C TYR B 368 23.19 -13.29 6.01
N SER B 369 23.82 -12.87 7.10
CA SER B 369 23.77 -11.47 7.50
C SER B 369 24.25 -10.58 6.36
N LEU B 370 23.52 -9.50 6.10
CA LEU B 370 23.96 -8.48 5.15
C LEU B 370 24.75 -7.35 5.82
N HIS B 371 24.97 -7.43 7.12
CA HIS B 371 25.70 -6.41 7.84
C HIS B 371 27.19 -6.72 7.78
N HIS B 372 27.96 -5.79 7.20
CA HIS B 372 29.42 -5.94 7.11
C HIS B 372 30.12 -4.60 7.32
N ASN B 385 32.71 5.44 -0.10
CA ASN B 385 33.53 6.53 -0.57
C ASN B 385 32.86 7.89 -0.34
N GLN B 386 33.68 8.94 -0.20
CA GLN B 386 33.14 10.30 -0.04
C GLN B 386 32.68 10.90 -1.37
N LYS B 387 33.36 10.56 -2.47
CA LYS B 387 32.93 11.06 -3.77
C LYS B 387 31.62 10.39 -4.21
N ASP B 388 31.44 9.11 -3.87
CA ASP B 388 30.17 8.45 -4.18
C ASP B 388 29.01 9.16 -3.50
N ALA B 389 29.17 9.49 -2.21
CA ALA B 389 28.07 10.10 -1.47
C ALA B 389 27.64 11.41 -2.10
N GLU B 390 28.59 12.23 -2.55
CA GLU B 390 28.22 13.51 -3.13
C GLU B 390 27.38 13.33 -4.38
N GLY B 391 27.74 12.37 -5.23
CA GLY B 391 26.94 12.12 -6.42
C GLY B 391 25.55 11.64 -6.07
N PHE B 392 25.45 10.75 -5.08
CA PHE B 392 24.14 10.27 -4.67
C PHE B 392 23.28 11.41 -4.13
N ILE B 393 23.86 12.25 -3.25
CA ILE B 393 23.11 13.37 -2.69
C ILE B 393 22.54 14.26 -3.78
N ASN B 394 23.38 14.63 -4.75
CA ASN B 394 22.94 15.57 -5.79
C ASN B 394 21.78 15.00 -6.59
N LEU B 395 21.83 13.71 -6.93
CA LEU B 395 20.75 13.15 -7.71
C LEU B 395 19.53 12.82 -6.86
N PHE B 396 19.74 12.39 -5.61
CA PHE B 396 18.63 12.09 -4.73
C PHE B 396 17.81 13.34 -4.45
N SER B 397 18.48 14.48 -4.35
CA SER B 397 17.82 15.75 -4.01
CA SER B 397 17.85 15.75 -4.01
C SER B 397 17.52 16.62 -5.22
N LEU B 398 17.73 16.10 -6.44
CA LEU B 398 17.55 16.92 -7.63
C LEU B 398 16.09 17.36 -7.81
N SER B 399 15.16 16.43 -7.61
CA SER B 399 13.74 16.75 -7.70
C SER B 399 13.37 17.88 -6.73
N ALA B 400 13.83 17.81 -5.48
CA ALA B 400 13.52 18.86 -4.51
C ALA B 400 14.11 20.20 -4.95
N LYS B 401 15.31 20.16 -5.54
CA LYS B 401 15.93 21.39 -6.00
C LYS B 401 15.12 22.00 -7.14
N ILE B 402 14.70 21.17 -8.09
CA ILE B 402 13.89 21.68 -9.21
C ILE B 402 12.55 22.21 -8.70
N TYR B 403 11.89 21.45 -7.83
CA TYR B 403 10.61 21.89 -7.28
C TYR B 403 10.74 23.24 -6.57
N SER B 404 11.80 23.40 -5.79
CA SER B 404 11.96 24.65 -5.04
CA SER B 404 11.98 24.65 -5.04
C SER B 404 12.30 25.82 -5.97
N GLN B 405 13.00 25.55 -7.07
CA GLN B 405 13.26 26.63 -8.02
C GLN B 405 11.98 27.07 -8.72
N VAL B 406 11.12 26.11 -9.06
CA VAL B 406 9.85 26.42 -9.69
C VAL B 406 8.95 27.20 -8.74
N HIS B 407 8.84 26.74 -7.50
CA HIS B 407 7.97 27.38 -6.51
C HIS B 407 8.72 28.36 -5.61
N GLN B 408 9.47 29.25 -6.25
CA GLN B 408 10.30 30.22 -5.56
C GLN B 408 9.49 31.06 -4.59
N GLY B 409 9.93 31.09 -3.33
CA GLY B 409 9.24 31.82 -2.27
C GLY B 409 8.13 31.06 -1.59
N GLY B 410 7.93 29.78 -1.94
CA GLY B 410 6.88 28.99 -1.32
C GLY B 410 7.32 28.36 0.00
N ASN B 411 6.33 27.96 0.79
CA ASN B 411 6.52 27.39 2.10
C ASN B 411 6.28 25.88 2.07
N TYR B 412 6.76 25.19 3.11
CA TYR B 412 6.34 23.81 3.37
C TYR B 412 5.68 23.72 4.74
N VAL C 12 45.69 -7.58 -13.40
CA VAL C 12 45.76 -6.72 -14.58
C VAL C 12 44.61 -7.05 -15.51
N ILE C 13 44.08 -6.04 -16.19
CA ILE C 13 42.93 -6.20 -17.09
C ILE C 13 43.46 -6.62 -18.47
N LYS C 14 43.36 -7.90 -18.78
CA LYS C 14 43.76 -8.43 -20.07
C LYS C 14 42.60 -8.61 -21.04
N LYS C 15 41.36 -8.68 -20.55
CA LYS C 15 40.23 -9.10 -21.36
C LYS C 15 39.00 -8.35 -20.88
N ILE C 16 38.24 -7.79 -21.82
CA ILE C 16 37.05 -7.00 -21.53
C ILE C 16 35.93 -7.46 -22.45
N ALA C 17 34.75 -7.68 -21.87
CA ALA C 17 33.54 -7.98 -22.64
C ALA C 17 32.70 -6.71 -22.76
N LEU C 18 32.33 -6.36 -23.98
CA LEU C 18 31.61 -5.13 -24.28
C LEU C 18 30.23 -5.48 -24.84
N ALA C 19 29.19 -4.91 -24.23
CA ALA C 19 27.86 -4.96 -24.80
C ALA C 19 27.82 -4.02 -26.00
N TYR C 20 27.74 -4.57 -27.20
CA TYR C 20 28.03 -3.86 -28.44
C TYR C 20 26.75 -3.72 -29.25
N SER C 21 26.36 -2.47 -29.53
CA SER C 21 25.15 -2.17 -30.28
CA SER C 21 25.14 -2.17 -30.28
C SER C 21 25.39 -2.02 -31.77
N GLY C 22 26.63 -1.79 -32.19
CA GLY C 22 26.93 -1.51 -33.57
C GLY C 22 26.92 -0.04 -33.91
N GLY C 23 26.39 0.82 -33.05
CA GLY C 23 26.44 2.25 -33.28
C GLY C 23 27.85 2.80 -33.20
N LEU C 24 27.99 4.08 -33.56
CA LEU C 24 29.31 4.71 -33.57
C LEU C 24 29.93 4.72 -32.17
N ASP C 25 29.12 5.00 -31.14
CA ASP C 25 29.61 5.08 -29.77
C ASP C 25 30.30 3.78 -29.35
N THR C 26 29.58 2.66 -29.41
CA THR C 26 30.22 1.43 -28.95
C THR C 26 31.30 0.93 -29.90
N SER C 27 31.30 1.39 -31.16
CA SER C 27 32.39 1.02 -32.05
C SER C 27 33.70 1.69 -31.65
N ILE C 28 33.67 2.99 -31.36
CA ILE C 28 34.90 3.67 -30.97
C ILE C 28 35.33 3.27 -29.56
N MET C 29 34.42 2.70 -28.77
CA MET C 29 34.80 2.21 -27.45
C MET C 29 35.81 1.06 -27.55
N ILE C 30 35.82 0.34 -28.66
CA ILE C 30 36.72 -0.80 -28.78
C ILE C 30 38.16 -0.29 -28.79
N PRO C 31 38.57 0.59 -29.72
CA PRO C 31 39.94 1.12 -29.62
C PRO C 31 40.17 1.92 -28.35
N TRP C 32 39.14 2.63 -27.86
CA TRP C 32 39.31 3.39 -26.63
C TRP C 32 39.66 2.47 -25.47
N LEU C 33 38.92 1.37 -25.32
CA LEU C 33 39.23 0.41 -24.26
C LEU C 33 40.65 -0.15 -24.41
N LYS C 34 41.03 -0.49 -25.64
CA LYS C 34 42.35 -1.10 -25.88
C LYS C 34 43.48 -0.12 -25.60
N GLU C 35 43.22 1.18 -25.66
CA GLU C 35 44.25 2.17 -25.40
C GLU C 35 44.31 2.56 -23.93
N HIS C 36 43.18 2.54 -23.24
CA HIS C 36 43.16 2.92 -21.82
C HIS C 36 43.42 1.75 -20.90
N TYR C 37 43.39 0.52 -21.43
CA TYR C 37 43.75 -0.70 -20.70
C TYR C 37 44.76 -1.42 -21.58
N GLU C 38 46.05 -1.11 -21.36
CA GLU C 38 47.10 -1.51 -22.28
C GLU C 38 47.05 -3.00 -22.58
N HIS C 39 47.11 -3.33 -23.88
CA HIS C 39 47.14 -4.72 -24.35
C HIS C 39 45.89 -5.50 -23.95
N ALA C 40 44.75 -4.84 -23.85
CA ALA C 40 43.51 -5.53 -23.51
C ALA C 40 42.84 -6.04 -24.78
N GLU C 41 42.35 -7.26 -24.69
CA GLU C 41 41.50 -7.87 -25.70
C GLU C 41 40.05 -7.48 -25.42
N VAL C 42 39.30 -7.18 -26.47
CA VAL C 42 37.89 -6.80 -26.32
C VAL C 42 37.01 -7.81 -27.04
N ILE C 43 36.07 -8.40 -26.29
CA ILE C 43 35.09 -9.34 -26.83
C ILE C 43 33.75 -8.62 -26.94
N ALA C 44 33.15 -8.66 -28.12
CA ALA C 44 31.88 -7.98 -28.36
C ALA C 44 30.73 -8.94 -28.15
N VAL C 45 29.69 -8.47 -27.49
CA VAL C 45 28.49 -9.26 -27.24
C VAL C 45 27.32 -8.52 -27.87
N ILE C 46 26.62 -9.18 -28.79
CA ILE C 46 25.51 -8.61 -29.54
C ILE C 46 24.27 -9.45 -29.27
N CYS C 47 23.21 -8.81 -28.78
CA CYS C 47 21.97 -9.49 -28.45
C CYS C 47 20.88 -9.18 -29.47
N ASP C 48 20.25 -10.23 -30.00
CA ASP C 48 19.08 -10.07 -30.86
C ASP C 48 17.85 -10.08 -29.96
N LEU C 49 17.25 -8.92 -29.77
CA LEU C 49 16.02 -8.76 -29.01
C LEU C 49 14.85 -8.35 -29.89
N GLY C 50 15.01 -8.38 -31.20
CA GLY C 50 14.01 -7.90 -32.10
C GLY C 50 14.23 -6.50 -32.64
N GLN C 51 15.43 -5.96 -32.52
CA GLN C 51 15.67 -4.63 -33.07
C GLN C 51 15.66 -4.62 -34.59
N GLN C 52 15.54 -5.77 -35.24
CA GLN C 52 15.38 -5.87 -36.69
C GLN C 52 16.50 -5.12 -37.41
N GLU C 53 17.72 -5.37 -36.98
CA GLU C 53 18.92 -4.85 -37.61
C GLU C 53 19.71 -6.00 -38.24
N ASP C 54 20.67 -5.62 -39.09
CA ASP C 54 21.53 -6.59 -39.76
C ASP C 54 22.60 -7.01 -38.78
N LEU C 55 22.35 -8.09 -38.05
CA LEU C 55 23.25 -8.49 -36.98
C LEU C 55 24.59 -9.01 -37.51
N ASP C 56 24.60 -9.62 -38.71
CA ASP C 56 25.86 -10.02 -39.31
C ASP C 56 26.72 -8.80 -39.64
N ALA C 57 26.11 -7.73 -40.17
CA ALA C 57 26.84 -6.49 -40.39
C ALA C 57 27.39 -5.94 -39.08
N ILE C 58 26.60 -6.01 -38.01
CA ILE C 58 27.06 -5.51 -36.73
C ILE C 58 28.21 -6.36 -36.21
N LYS C 59 28.09 -7.68 -36.35
CA LYS C 59 29.18 -8.58 -35.97
C LYS C 59 30.45 -8.23 -36.72
N ASN C 60 30.35 -8.03 -38.04
CA ASN C 60 31.53 -7.73 -38.83
C ASN C 60 32.15 -6.40 -38.45
N LYS C 61 31.31 -5.40 -38.15
CA LYS C 61 31.84 -4.10 -37.70
C LYS C 61 32.59 -4.23 -36.38
N ALA C 62 32.08 -5.03 -35.43
CA ALA C 62 32.80 -5.26 -34.19
C ALA C 62 34.19 -5.81 -34.47
N LEU C 63 34.28 -6.83 -35.32
CA LEU C 63 35.58 -7.42 -35.65
C LEU C 63 36.47 -6.42 -36.37
N LYS C 64 35.92 -5.69 -37.34
CA LYS C 64 36.72 -4.71 -38.07
C LYS C 64 37.20 -3.60 -37.16
N SER C 65 36.43 -3.27 -36.13
CA SER C 65 36.78 -2.25 -35.16
C SER C 65 37.83 -2.70 -34.15
N GLY C 66 38.24 -3.97 -34.18
CA GLY C 66 39.29 -4.43 -33.30
C GLY C 66 38.89 -5.44 -32.24
N ALA C 67 37.62 -5.86 -32.19
CA ALA C 67 37.24 -6.91 -31.25
C ALA C 67 37.86 -8.25 -31.68
N SER C 68 38.35 -9.01 -30.70
CA SER C 68 38.95 -10.31 -31.02
C SER C 68 37.90 -11.37 -31.32
N LYS C 69 36.72 -11.26 -30.71
CA LYS C 69 35.60 -12.15 -30.93
C LYS C 69 34.33 -11.32 -30.87
N ALA C 70 33.31 -11.76 -31.59
CA ALA C 70 32.03 -11.08 -31.60
C ALA C 70 30.91 -12.11 -31.56
N TYR C 71 30.25 -12.23 -30.41
CA TYR C 71 29.11 -13.12 -30.21
C TYR C 71 27.81 -12.45 -30.64
N VAL C 72 26.97 -13.21 -31.34
CA VAL C 72 25.59 -12.81 -31.60
C VAL C 72 24.70 -13.86 -30.97
N VAL C 73 23.91 -13.44 -29.99
CA VAL C 73 23.05 -14.36 -29.26
CA VAL C 73 23.04 -14.34 -29.24
C VAL C 73 21.60 -13.98 -29.55
N ASP C 74 20.84 -14.95 -30.02
CA ASP C 74 19.42 -14.74 -30.31
C ASP C 74 18.68 -15.00 -29.01
N VAL C 75 18.24 -13.93 -28.34
CA VAL C 75 17.55 -14.06 -27.07
C VAL C 75 16.08 -13.69 -27.19
N LYS C 76 15.53 -13.69 -28.40
CA LYS C 76 14.14 -13.25 -28.57
C LYS C 76 13.17 -14.14 -27.81
N ASN C 77 13.29 -15.46 -27.90
CA ASN C 77 12.37 -16.35 -27.19
CA ASN C 77 12.35 -16.31 -27.18
C ASN C 77 12.52 -16.19 -25.68
N GLU C 78 13.77 -16.10 -25.20
CA GLU C 78 14.04 -15.96 -23.78
C GLU C 78 13.56 -14.61 -23.25
N PHE C 79 13.72 -13.55 -24.05
CA PHE C 79 13.12 -12.27 -23.69
C PHE C 79 11.62 -12.43 -23.48
N ALA C 80 10.95 -13.09 -24.43
CA ALA C 80 9.50 -13.24 -24.33
C ALA C 80 9.11 -14.11 -23.14
N THR C 81 9.75 -15.28 -22.97
CA THR C 81 9.26 -16.18 -21.92
C THR C 81 9.74 -15.80 -20.52
N GLN C 82 10.93 -15.21 -20.38
CA GLN C 82 11.49 -14.94 -19.06
CA GLN C 82 11.47 -14.94 -19.06
C GLN C 82 11.28 -13.51 -18.59
N TYR C 83 10.94 -12.58 -19.49
CA TYR C 83 10.74 -11.19 -19.11
C TYR C 83 9.35 -10.68 -19.48
N LEU C 84 8.97 -10.74 -20.76
CA LEU C 84 7.69 -10.18 -21.20
C LEU C 84 6.50 -10.96 -20.64
N TRP C 85 6.63 -12.29 -20.52
CA TRP C 85 5.51 -13.06 -19.96
C TRP C 85 5.29 -12.74 -18.48
N PRO C 86 6.32 -12.71 -17.62
CA PRO C 86 6.10 -12.18 -16.26
C PRO C 86 5.52 -10.78 -16.25
N LEU C 87 5.96 -9.92 -17.17
CA LEU C 87 5.41 -8.56 -17.22
C LEU C 87 3.92 -8.58 -17.54
N VAL C 88 3.51 -9.37 -18.54
CA VAL C 88 2.09 -9.48 -18.86
C VAL C 88 1.31 -9.97 -17.64
N LYS C 89 1.84 -11.00 -16.97
CA LYS C 89 1.16 -11.53 -15.79
C LYS C 89 1.00 -10.48 -14.71
N SER C 90 2.00 -9.60 -14.56
CA SER C 90 1.93 -8.58 -13.51
C SER C 90 0.88 -7.53 -13.82
N GLY C 91 0.63 -7.26 -15.09
CA GLY C 91 -0.22 -6.13 -15.45
C GLY C 91 0.37 -4.77 -15.15
N ALA C 92 1.67 -4.70 -14.89
CA ALA C 92 2.32 -3.48 -14.43
C ALA C 92 2.52 -2.48 -15.55
N LEU C 93 2.21 -1.21 -15.28
CA LEU C 93 2.48 -0.07 -16.16
C LEU C 93 3.11 1.02 -15.31
N TYR C 94 4.30 1.47 -15.67
CA TYR C 94 4.98 2.46 -14.85
C TYR C 94 4.24 3.79 -14.85
N GLU C 95 3.93 4.30 -13.65
CA GLU C 95 3.16 5.54 -13.48
C GLU C 95 1.85 5.49 -14.25
N ASP C 96 1.31 4.28 -14.40
CA ASP C 96 0.03 4.02 -15.08
C ASP C 96 0.08 4.39 -16.55
N GLN C 97 1.27 4.39 -17.18
CA GLN C 97 1.37 4.87 -18.55
C GLN C 97 2.39 4.11 -19.38
N TYR C 98 3.54 3.77 -18.80
CA TYR C 98 4.69 3.36 -19.59
C TYR C 98 4.82 1.84 -19.61
N ILE C 99 4.96 1.28 -20.82
CA ILE C 99 4.89 -0.16 -21.04
C ILE C 99 6.19 -0.88 -20.74
N LEU C 100 7.23 -0.18 -20.28
CA LEU C 100 8.39 -0.82 -19.65
C LEU C 100 9.24 -1.63 -20.65
N GLY C 101 9.37 -1.12 -21.88
CA GLY C 101 10.23 -1.78 -22.84
C GLY C 101 11.70 -1.84 -22.45
N THR C 102 12.13 -0.99 -21.49
CA THR C 102 13.52 -1.07 -20.97
C THR C 102 13.73 -2.27 -20.07
N ILE C 103 12.71 -3.13 -19.97
CA ILE C 103 12.87 -4.44 -19.35
C ILE C 103 13.97 -5.25 -20.06
N SER C 104 14.35 -4.85 -21.27
CA SER C 104 15.43 -5.57 -21.97
C SER C 104 16.79 -5.38 -21.33
N ARG C 105 17.00 -4.31 -20.56
CA ARG C 105 18.35 -4.05 -20.03
C ARG C 105 18.88 -5.14 -19.11
N PRO C 106 18.13 -5.67 -18.14
CA PRO C 106 18.67 -6.81 -17.35
C PRO C 106 19.06 -8.01 -18.20
N LEU C 107 18.32 -8.30 -19.27
CA LEU C 107 18.66 -9.44 -20.12
C LEU C 107 19.98 -9.20 -20.86
N ILE C 108 20.17 -7.99 -21.38
CA ILE C 108 21.45 -7.66 -22.02
C ILE C 108 22.58 -7.82 -21.03
N ALA C 109 22.40 -7.31 -19.81
CA ALA C 109 23.43 -7.47 -18.79
C ALA C 109 23.68 -8.94 -18.48
N GLN C 110 22.62 -9.75 -18.46
CA GLN C 110 22.76 -11.17 -18.11
C GLN C 110 23.58 -11.92 -19.17
N LYS C 111 23.27 -11.68 -20.46
CA LYS C 111 24.07 -12.29 -21.52
C LYS C 111 25.52 -11.81 -21.46
N LEU C 112 25.72 -10.52 -21.21
CA LEU C 112 27.07 -9.98 -21.08
C LEU C 112 27.85 -10.69 -19.98
N VAL C 113 27.23 -10.84 -18.80
CA VAL C 113 27.92 -11.46 -17.69
C VAL C 113 28.19 -12.94 -17.98
N GLU C 114 27.23 -13.62 -18.62
CA GLU C 114 27.40 -15.04 -18.93
C GLU C 114 28.62 -15.27 -19.80
N ILE C 115 28.77 -14.46 -20.84
CA ILE C 115 29.91 -14.59 -21.74
C ILE C 115 31.18 -14.14 -21.04
N ALA C 116 31.09 -13.07 -20.24
CA ALA C 116 32.23 -12.62 -19.44
C ALA C 116 32.80 -13.75 -18.61
N LEU C 117 31.93 -14.53 -17.95
CA LEU C 117 32.42 -15.61 -17.10
C LEU C 117 32.93 -16.78 -17.92
N THR C 118 32.35 -17.02 -19.09
CA THR C 118 32.83 -18.10 -19.94
C THR C 118 34.16 -17.75 -20.58
N GLU C 119 34.41 -16.48 -20.81
CA GLU C 119 35.61 -16.05 -21.49
C GLU C 119 36.65 -15.57 -20.49
N GLN C 120 36.33 -15.66 -19.20
CA GLN C 120 37.24 -15.29 -18.12
C GLN C 120 37.79 -13.88 -18.30
N VAL C 121 36.90 -12.96 -18.60
CA VAL C 121 37.31 -11.57 -18.78
C VAL C 121 37.51 -10.93 -17.41
N ASN C 122 38.35 -9.89 -17.39
CA ASN C 122 38.64 -9.15 -16.17
C ASN C 122 37.65 -8.02 -15.92
N ALA C 123 36.95 -7.55 -16.96
CA ALA C 123 36.01 -6.45 -16.78
C ALA C 123 34.93 -6.53 -17.85
N VAL C 124 33.78 -5.91 -17.56
CA VAL C 124 32.75 -5.73 -18.58
C VAL C 124 32.56 -4.24 -18.81
N ALA C 125 32.12 -3.91 -20.03
CA ALA C 125 31.90 -2.53 -20.40
C ALA C 125 30.55 -2.41 -21.10
N HIS C 126 29.93 -1.24 -20.98
CA HIS C 126 28.67 -0.96 -21.66
C HIS C 126 28.70 0.47 -22.19
N GLY C 127 27.80 0.75 -23.13
CA GLY C 127 27.78 2.04 -23.78
C GLY C 127 26.69 2.98 -23.35
N ALA C 128 26.08 2.76 -22.19
CA ALA C 128 25.06 3.68 -21.69
C ALA C 128 25.66 5.05 -21.37
N THR C 129 24.92 6.10 -21.68
CA THR C 129 25.43 7.45 -21.46
C THR C 129 25.35 7.81 -19.97
N GLY C 130 26.04 8.90 -19.62
CA GLY C 130 26.05 9.36 -18.25
C GLY C 130 24.81 10.10 -17.80
N LYS C 131 23.75 10.12 -18.61
CA LYS C 131 22.61 10.97 -18.34
C LYS C 131 21.32 10.23 -18.00
N GLY C 132 21.12 9.02 -18.50
CA GLY C 132 19.84 8.34 -18.38
C GLY C 132 19.80 7.30 -17.27
N ASN C 133 18.68 6.57 -17.25
CA ASN C 133 18.52 5.45 -16.33
C ASN C 133 19.28 4.21 -16.79
N ASP C 134 19.64 4.12 -18.08
CA ASP C 134 20.14 2.85 -18.60
C ASP C 134 21.42 2.41 -17.90
N GLN C 135 22.29 3.37 -17.56
CA GLN C 135 23.51 3.01 -16.84
C GLN C 135 23.17 2.34 -15.52
N VAL C 136 22.16 2.84 -14.80
CA VAL C 136 21.75 2.20 -13.55
C VAL C 136 21.25 0.80 -13.81
N ARG C 137 20.38 0.63 -14.82
CA ARG C 137 19.82 -0.69 -15.12
C ARG C 137 20.93 -1.70 -15.43
N PHE C 138 21.88 -1.31 -16.27
CA PHE C 138 22.99 -2.22 -16.59
C PHE C 138 23.81 -2.53 -15.35
N GLU C 139 24.21 -1.51 -14.60
CA GLU C 139 25.19 -1.76 -13.56
C GLU C 139 24.57 -2.40 -12.32
N TYR C 140 23.32 -2.10 -12.00
CA TYR C 140 22.64 -2.86 -10.96
C TYR C 140 22.63 -4.35 -11.31
N SER C 141 22.27 -4.66 -12.55
CA SER C 141 22.17 -6.07 -12.95
C SER C 141 23.53 -6.74 -12.90
N ILE C 142 24.59 -6.06 -13.36
CA ILE C 142 25.91 -6.68 -13.36
C ILE C 142 26.37 -6.96 -11.93
N LYS C 143 26.13 -6.03 -11.00
CA LYS C 143 26.53 -6.24 -9.62
C LYS C 143 25.72 -7.36 -8.97
N ALA C 144 24.44 -7.49 -9.33
CA ALA C 144 23.63 -8.55 -8.76
C ALA C 144 24.07 -9.92 -9.26
N LEU C 145 24.53 -10.01 -10.51
CA LEU C 145 24.91 -11.30 -11.09
C LEU C 145 26.36 -11.64 -10.88
N ALA C 146 27.23 -10.64 -10.78
CA ALA C 146 28.65 -10.88 -10.72
C ALA C 146 29.31 -9.70 -10.01
N PRO C 147 29.19 -9.62 -8.68
CA PRO C 147 29.74 -8.47 -7.95
C PRO C 147 31.24 -8.35 -8.04
N GLN C 148 31.94 -9.42 -8.44
CA GLN C 148 33.39 -9.40 -8.55
C GLN C 148 33.90 -8.77 -9.85
N LEU C 149 33.04 -8.54 -10.83
CA LEU C 149 33.49 -8.05 -12.14
C LEU C 149 33.60 -6.53 -12.12
N GLU C 150 34.76 -6.02 -12.56
CA GLU C 150 34.90 -4.58 -12.74
C GLU C 150 34.03 -4.12 -13.90
N ILE C 151 33.43 -2.94 -13.75
CA ILE C 151 32.57 -2.35 -14.76
C ILE C 151 33.27 -1.11 -15.31
N ILE C 152 33.26 -0.95 -16.63
CA ILE C 152 33.82 0.22 -17.30
C ILE C 152 32.70 0.88 -18.08
N ALA C 153 32.47 2.17 -17.84
CA ALA C 153 31.45 2.95 -18.53
C ALA C 153 32.14 4.12 -19.23
N PRO C 154 32.56 3.95 -20.48
CA PRO C 154 33.38 4.99 -21.12
C PRO C 154 32.70 6.35 -21.20
N TRP C 155 31.36 6.40 -21.30
CA TRP C 155 30.69 7.69 -21.32
C TRP C 155 30.91 8.48 -20.05
N ARG C 156 31.20 7.81 -18.93
CA ARG C 156 31.47 8.52 -17.68
C ARG C 156 32.93 8.88 -17.49
N THR C 157 33.82 8.44 -18.38
CA THR C 157 35.26 8.62 -18.20
C THR C 157 35.91 9.43 -19.31
N TRP C 158 35.50 9.23 -20.57
CA TRP C 158 36.24 9.80 -21.67
C TRP C 158 35.89 11.27 -21.87
N ASP C 159 36.63 11.93 -22.75
CA ASP C 159 36.45 13.35 -23.03
C ASP C 159 35.55 13.61 -24.23
N ILE C 160 34.94 12.56 -24.79
CA ILE C 160 34.05 12.73 -25.94
C ILE C 160 32.68 13.17 -25.43
N LYS C 161 32.19 14.31 -25.94
CA LYS C 161 30.94 14.88 -25.46
C LYS C 161 29.86 15.01 -26.51
N SER C 162 30.20 15.02 -27.80
CA SER C 162 29.21 15.19 -28.87
C SER C 162 29.44 14.14 -29.95
N ARG C 163 28.46 14.01 -30.85
CA ARG C 163 28.63 13.11 -31.98
C ARG C 163 29.79 13.54 -32.86
N GLN C 164 29.94 14.86 -33.09
CA GLN C 164 31.04 15.32 -33.91
C GLN C 164 32.39 14.99 -33.27
N GLU C 165 32.47 15.09 -31.94
CA GLU C 165 33.69 14.69 -31.24
C GLU C 165 33.93 13.18 -31.35
N ALA C 166 32.85 12.39 -31.29
CA ALA C 166 32.98 10.96 -31.53
C ALA C 166 33.42 10.69 -32.97
N ILE C 167 32.95 11.50 -33.92
CA ILE C 167 33.36 11.32 -35.31
C ILE C 167 34.84 11.64 -35.47
N VAL C 168 35.30 12.73 -34.86
CA VAL C 168 36.72 13.06 -34.87
C VAL C 168 37.55 11.91 -34.31
N TYR C 169 37.12 11.36 -33.18
CA TYR C 169 37.85 10.24 -32.60
C TYR C 169 37.84 9.02 -33.51
N ALA C 170 36.69 8.73 -34.12
CA ALA C 170 36.61 7.57 -35.02
C ALA C 170 37.59 7.68 -36.17
N LYS C 171 37.71 8.87 -36.77
CA LYS C 171 38.63 9.06 -37.89
C LYS C 171 40.07 8.80 -37.48
N ALA C 172 40.47 9.26 -36.29
CA ALA C 172 41.84 9.05 -35.82
C ALA C 172 42.11 7.61 -35.40
N HIS C 173 41.08 6.76 -35.26
CA HIS C 173 41.28 5.43 -34.71
C HIS C 173 40.76 4.32 -35.62
N GLY C 174 40.62 4.60 -36.92
CA GLY C 174 40.32 3.56 -37.89
C GLY C 174 38.92 3.00 -37.83
N ILE C 175 37.96 3.73 -37.27
CA ILE C 175 36.58 3.27 -37.14
C ILE C 175 35.75 3.93 -38.23
N GLU C 176 34.99 3.11 -38.96
CA GLU C 176 34.13 3.61 -40.04
C GLU C 176 32.99 4.45 -39.46
N VAL C 177 32.76 5.61 -40.05
CA VAL C 177 31.65 6.47 -39.70
C VAL C 177 30.51 6.18 -40.67
N PRO C 178 29.33 5.79 -40.20
CA PRO C 178 28.24 5.48 -41.13
C PRO C 178 27.86 6.72 -41.95
N VAL C 179 27.40 6.46 -43.18
CA VAL C 179 26.98 7.55 -44.06
C VAL C 179 25.70 8.21 -43.53
N THR C 180 24.71 7.40 -43.10
CA THR C 180 23.46 7.97 -42.65
C THR C 180 23.62 8.57 -41.24
N PRO C 181 22.91 9.64 -40.94
CA PRO C 181 22.99 10.22 -39.60
C PRO C 181 22.23 9.38 -38.60
N LYS C 182 22.51 9.62 -37.32
CA LYS C 182 21.62 9.11 -36.28
C LYS C 182 20.23 9.71 -36.48
N ALA C 183 19.21 8.91 -36.20
CA ALA C 183 17.82 9.33 -36.36
C ALA C 183 17.55 10.67 -35.68
N PRO C 184 16.54 11.42 -36.13
CA PRO C 184 16.22 12.69 -35.43
C PRO C 184 15.82 12.47 -33.98
N TYR C 185 15.47 11.25 -33.60
CA TYR C 185 15.09 10.90 -32.24
C TYR C 185 15.96 9.75 -31.78
N SER C 186 16.27 9.74 -30.48
CA SER C 186 16.93 8.58 -29.90
C SER C 186 15.92 7.45 -29.74
N ARG C 187 16.25 6.27 -30.25
CA ARG C 187 15.30 5.18 -30.32
C ARG C 187 15.86 3.91 -29.70
N ASP C 188 14.95 3.16 -29.08
CA ASP C 188 15.19 1.81 -28.59
C ASP C 188 14.12 0.93 -29.21
N HIS C 189 14.51 -0.25 -29.68
CA HIS C 189 13.61 -1.11 -30.45
C HIS C 189 13.82 -2.56 -30.06
N ASN C 190 12.75 -3.23 -29.65
CA ASN C 190 12.79 -4.68 -29.47
C ASN C 190 11.41 -5.23 -29.82
N ILE C 191 11.21 -6.53 -29.66
CA ILE C 191 9.95 -7.16 -30.06
C ILE C 191 8.76 -6.60 -29.31
N TRP C 192 8.98 -6.00 -28.14
CA TRP C 192 7.91 -5.53 -27.29
C TRP C 192 7.50 -4.09 -27.59
N TYR C 193 8.45 -3.23 -27.95
CA TYR C 193 8.11 -1.81 -28.11
C TYR C 193 9.15 -1.11 -28.98
N ILE C 194 8.83 0.15 -29.31
CA ILE C 194 9.78 1.10 -29.87
C ILE C 194 9.61 2.39 -29.10
N SER C 195 10.71 2.96 -28.61
CA SER C 195 10.66 4.24 -27.90
C SER C 195 11.27 5.33 -28.76
N HIS C 196 10.77 6.55 -28.60
CA HIS C 196 11.28 7.73 -29.28
C HIS C 196 11.42 8.86 -28.27
N GLU C 197 12.61 9.43 -28.17
CA GLU C 197 12.91 10.46 -27.20
C GLU C 197 13.87 11.47 -27.81
N GLY C 198 13.93 12.65 -27.20
CA GLY C 198 14.87 13.69 -27.62
C GLY C 198 14.39 14.51 -28.80
N GLY C 199 15.27 15.41 -29.25
CA GLY C 199 14.86 16.30 -30.33
C GLY C 199 13.72 17.19 -29.90
N VAL C 200 12.83 17.51 -30.86
CA VAL C 200 11.66 18.34 -30.54
C VAL C 200 10.69 17.65 -29.60
N LEU C 201 10.88 16.35 -29.34
CA LEU C 201 10.03 15.64 -28.40
C LEU C 201 10.26 16.09 -26.96
N GLU C 202 11.38 16.74 -26.66
CA GLU C 202 11.61 17.14 -25.28
CA GLU C 202 11.64 17.17 -25.29
C GLU C 202 10.73 18.31 -24.84
N ASP C 203 10.03 18.97 -25.77
CA ASP C 203 9.11 20.04 -25.43
C ASP C 203 7.69 19.48 -25.30
N PRO C 204 7.17 19.26 -24.08
CA PRO C 204 5.82 18.69 -23.94
C PRO C 204 4.70 19.58 -24.45
N SER C 205 4.97 20.85 -24.76
CA SER C 205 3.97 21.71 -25.37
C SER C 205 3.79 21.43 -26.86
N GLN C 206 4.63 20.60 -27.46
CA GLN C 206 4.57 20.33 -28.90
C GLN C 206 3.97 18.96 -29.15
N GLU C 207 3.04 18.89 -30.10
CA GLU C 207 2.42 17.63 -30.48
C GLU C 207 3.46 16.69 -31.10
N MET C 208 3.18 15.38 -31.04
CA MET C 208 4.04 14.42 -31.70
C MET C 208 4.19 14.75 -33.18
N PRO C 209 5.42 14.88 -33.71
CA PRO C 209 5.57 15.12 -35.14
C PRO C 209 5.11 13.92 -35.97
N ASN C 210 4.89 14.17 -37.25
CA ASN C 210 4.33 13.14 -38.11
C ASN C 210 5.38 12.18 -38.67
N ASP C 211 6.65 12.30 -38.27
CA ASP C 211 7.69 11.40 -38.76
C ASP C 211 8.26 10.51 -37.65
N VAL C 212 7.52 10.34 -36.56
CA VAL C 212 8.03 9.60 -35.41
C VAL C 212 7.78 8.11 -35.55
N LEU C 213 6.53 7.73 -35.84
CA LEU C 213 6.11 6.35 -35.70
C LEU C 213 6.85 5.45 -36.68
N LEU C 214 7.17 4.24 -36.25
CA LEU C 214 7.90 3.30 -37.09
C LEU C 214 7.16 1.99 -37.33
N MET C 215 6.30 1.55 -36.41
CA MET C 215 5.62 0.26 -36.54
C MET C 215 4.12 0.36 -36.36
N THR C 216 3.59 1.58 -36.24
CA THR C 216 2.17 1.79 -35.97
C THR C 216 1.63 2.75 -37.02
N ALA C 217 0.52 2.39 -37.65
CA ALA C 217 -0.10 3.30 -38.60
C ALA C 217 -0.74 4.47 -37.85
N PRO C 218 -0.65 5.69 -38.38
CA PRO C 218 -1.46 6.78 -37.83
C PRO C 218 -2.94 6.44 -37.89
N VAL C 219 -3.67 6.82 -36.83
CA VAL C 219 -5.06 6.39 -36.70
C VAL C 219 -5.88 6.77 -37.93
N SER C 220 -5.60 7.92 -38.53
CA SER C 220 -6.33 8.32 -39.72
C SER C 220 -6.03 7.44 -40.92
N GLN C 221 -5.00 6.59 -40.86
CA GLN C 221 -4.62 5.76 -42.00
C GLN C 221 -4.81 4.28 -41.71
N THR C 222 -5.82 3.96 -40.96
CA THR C 222 -6.13 2.60 -40.56
C THR C 222 -7.29 2.06 -41.37
N PRO C 223 -7.45 0.74 -41.45
CA PRO C 223 -8.54 0.17 -42.25
C PRO C 223 -9.91 0.66 -41.79
N ASP C 224 -10.83 0.73 -42.73
CA ASP C 224 -12.20 1.12 -42.41
C ASP C 224 -13.04 -0.06 -41.96
N GLU C 225 -12.48 -1.26 -41.93
CA GLU C 225 -13.14 -2.46 -41.43
C GLU C 225 -12.38 -2.93 -40.21
N GLU C 226 -13.10 -3.25 -39.14
CA GLU C 226 -12.51 -3.81 -37.94
C GLU C 226 -11.91 -5.19 -38.23
N GLU C 227 -10.97 -5.60 -37.38
CA GLU C 227 -10.41 -6.94 -37.44
C GLU C 227 -10.61 -7.63 -36.10
N VAL C 228 -11.12 -8.86 -36.15
CA VAL C 228 -11.35 -9.68 -34.96
C VAL C 228 -10.09 -10.49 -34.67
N VAL C 229 -9.67 -10.48 -33.41
CA VAL C 229 -8.63 -11.41 -32.98
C VAL C 229 -9.17 -12.18 -31.78
N VAL C 230 -8.76 -13.44 -31.68
CA VAL C 230 -9.14 -14.29 -30.57
C VAL C 230 -7.86 -14.75 -29.90
N LEU C 231 -7.72 -14.47 -28.61
CA LEU C 231 -6.54 -14.83 -27.85
C LEU C 231 -6.91 -15.89 -26.81
N ASP C 232 -6.17 -16.99 -26.81
CA ASP C 232 -6.25 -18.01 -25.77
C ASP C 232 -5.11 -17.82 -24.78
N PHE C 233 -5.46 -17.79 -23.49
CA PHE C 233 -4.48 -17.64 -22.40
C PHE C 233 -4.45 -18.90 -21.55
N LYS C 234 -3.26 -19.27 -21.08
CA LYS C 234 -3.10 -20.33 -20.08
C LYS C 234 -2.22 -19.81 -18.97
N LYS C 235 -2.73 -19.85 -17.74
CA LYS C 235 -1.98 -19.41 -16.56
C LYS C 235 -1.40 -18.02 -16.80
N GLY C 236 -2.24 -17.14 -17.36
CA GLY C 236 -1.92 -15.74 -17.46
C GLY C 236 -1.16 -15.31 -18.70
N VAL C 237 -0.74 -16.25 -19.56
CA VAL C 237 -0.01 -15.84 -20.77
C VAL C 237 -0.68 -16.33 -22.05
N PRO C 238 -0.50 -15.63 -23.18
CA PRO C 238 -1.17 -16.04 -24.42
C PRO C 238 -0.46 -17.23 -25.05
N VAL C 239 -1.25 -18.21 -25.49
CA VAL C 239 -0.70 -19.42 -26.10
C VAL C 239 -1.20 -19.65 -27.52
N ALA C 240 -2.24 -18.95 -27.96
CA ALA C 240 -2.78 -19.13 -29.30
C ALA C 240 -3.44 -17.84 -29.76
N LEU C 241 -3.43 -17.64 -31.07
CA LEU C 241 -4.04 -16.48 -31.71
C LEU C 241 -4.88 -16.97 -32.86
N ASN C 242 -6.17 -16.61 -32.87
CA ASN C 242 -7.12 -17.04 -33.89
C ASN C 242 -7.13 -18.57 -34.03
N GLY C 243 -7.06 -19.26 -32.90
CA GLY C 243 -7.11 -20.71 -32.88
C GLY C 243 -5.84 -21.42 -33.26
N GLN C 244 -4.76 -20.68 -33.51
CA GLN C 244 -3.48 -21.26 -33.90
C GLN C 244 -2.50 -21.09 -32.74
N GLU C 245 -2.01 -22.21 -32.22
CA GLU C 245 -0.96 -22.15 -31.22
C GLU C 245 0.31 -21.60 -31.84
N LEU C 246 0.89 -20.61 -31.19
CA LEU C 246 2.08 -19.93 -31.70
C LEU C 246 3.09 -19.78 -30.57
N SER C 247 4.37 -19.84 -30.94
CA SER C 247 5.41 -19.50 -29.98
C SER C 247 5.22 -18.07 -29.51
N PRO C 248 5.78 -17.72 -28.34
CA PRO C 248 5.68 -16.32 -27.88
C PRO C 248 6.16 -15.30 -28.92
N VAL C 249 7.28 -15.55 -29.58
CA VAL C 249 7.79 -14.60 -30.55
C VAL C 249 6.87 -14.50 -31.77
N ASP C 250 6.39 -15.65 -32.26
CA ASP C 250 5.49 -15.62 -33.42
C ASP C 250 4.18 -14.92 -33.08
N LEU C 251 3.69 -15.12 -31.86
CA LEU C 251 2.45 -14.47 -31.45
C LEU C 251 2.64 -12.95 -31.31
N LEU C 252 3.74 -12.53 -30.68
CA LEU C 252 4.04 -11.10 -30.58
C LEU C 252 4.21 -10.48 -31.97
N ASN C 253 4.97 -11.15 -32.84
CA ASN C 253 5.16 -10.65 -34.19
CA ASN C 253 5.16 -10.67 -34.20
C ASN C 253 3.81 -10.50 -34.91
N SER C 254 2.96 -11.51 -34.84
CA SER C 254 1.68 -11.45 -35.54
C SER C 254 0.78 -10.36 -34.95
N LEU C 255 0.71 -10.28 -33.61
CA LEU C 255 -0.15 -9.27 -33.00
CA LEU C 255 -0.13 -9.27 -32.98
C LEU C 255 0.41 -7.86 -33.20
N ASN C 256 1.74 -7.70 -33.21
CA ASN C 256 2.33 -6.39 -33.48
C ASN C 256 1.94 -5.90 -34.88
N GLN C 257 1.96 -6.80 -35.87
CA GLN C 257 1.58 -6.43 -37.22
C GLN C 257 0.10 -6.06 -37.29
N LYS C 258 -0.76 -6.92 -36.76
CA LYS C 258 -2.20 -6.69 -36.84
CA LYS C 258 -2.20 -6.69 -36.83
C LYS C 258 -2.60 -5.44 -36.07
N ALA C 259 -2.17 -5.32 -34.81
CA ALA C 259 -2.56 -4.16 -34.04
C ALA C 259 -1.90 -2.89 -34.56
N GLY C 260 -0.67 -3.01 -35.08
CA GLY C 260 -0.01 -1.85 -35.65
C GLY C 260 -0.73 -1.31 -36.87
N GLN C 261 -1.20 -2.22 -37.74
CA GLN C 261 -1.96 -1.78 -38.91
C GLN C 261 -3.21 -1.02 -38.52
N HIS C 262 -3.81 -1.36 -37.38
CA HIS C 262 -5.00 -0.66 -36.90
C HIS C 262 -4.68 0.49 -35.95
N GLY C 263 -3.43 0.92 -35.89
CA GLY C 263 -3.05 2.13 -35.21
C GLY C 263 -3.04 2.06 -33.70
N ILE C 264 -2.98 0.86 -33.15
CA ILE C 264 -3.18 0.64 -31.72
C ILE C 264 -1.86 0.76 -30.95
N GLY C 265 -1.92 1.46 -29.82
CA GLY C 265 -0.95 1.31 -28.76
C GLY C 265 0.08 2.41 -28.60
N VAL C 266 -0.10 3.56 -29.24
CA VAL C 266 0.88 4.64 -29.13
C VAL C 266 0.63 5.39 -27.84
N ALA C 267 1.69 5.59 -27.05
CA ALA C 267 1.63 6.36 -25.82
C ALA C 267 2.52 7.59 -25.96
N ASP C 268 1.96 8.77 -25.68
CA ASP C 268 2.72 10.02 -25.68
C ASP C 268 2.72 10.50 -24.24
N ILE C 269 3.83 10.34 -23.52
CA ILE C 269 3.77 10.51 -22.07
C ILE C 269 4.97 11.27 -21.54
N VAL C 270 4.79 11.84 -20.36
CA VAL C 270 5.89 12.39 -19.57
C VAL C 270 6.04 11.51 -18.34
N GLU C 271 7.25 11.02 -18.10
CA GLU C 271 7.47 10.11 -16.99
C GLU C 271 8.61 10.65 -16.13
N ASN C 272 8.62 10.26 -14.85
CA ASN C 272 9.73 10.58 -13.98
C ASN C 272 10.85 9.58 -14.13
N ARG C 273 12.06 10.07 -14.39
CA ARG C 273 13.17 9.15 -14.36
C ARG C 273 13.54 8.82 -12.91
N LEU C 274 14.36 7.79 -12.76
CA LEU C 274 15.06 7.63 -11.50
C LEU C 274 16.27 8.56 -11.44
N VAL C 275 17.07 8.57 -12.53
CA VAL C 275 18.26 9.41 -12.63
C VAL C 275 17.87 10.62 -13.46
N GLY C 276 17.68 11.75 -12.80
CA GLY C 276 17.32 12.99 -13.45
C GLY C 276 15.91 13.42 -13.11
N MET C 277 15.32 14.22 -14.00
CA MET C 277 13.99 14.72 -13.76
C MET C 277 12.95 13.97 -14.58
N LYS C 278 12.30 14.67 -15.49
CA LYS C 278 11.21 14.10 -16.28
CA LYS C 278 11.21 14.11 -16.28
C LYS C 278 11.64 13.95 -17.74
N ILE C 279 11.01 13.01 -18.44
CA ILE C 279 11.32 12.78 -19.85
C ILE C 279 10.02 12.61 -20.62
N ARG C 280 9.89 13.30 -21.74
CA ARG C 280 8.78 13.12 -22.67
C ARG C 280 9.19 12.08 -23.71
N GLY C 281 8.38 11.05 -23.90
CA GLY C 281 8.68 10.05 -24.90
C GLY C 281 7.43 9.63 -25.65
N ILE C 282 7.66 9.03 -26.82
CA ILE C 282 6.62 8.35 -27.59
C ILE C 282 6.94 6.86 -27.58
N TYR C 283 5.96 6.03 -27.21
CA TYR C 283 6.20 4.59 -27.10
C TYR C 283 5.16 3.85 -27.93
N GLU C 284 5.64 3.02 -28.85
CA GLU C 284 4.80 2.15 -29.66
C GLU C 284 4.88 0.74 -29.10
N ALA C 285 3.73 0.12 -28.88
CA ALA C 285 3.71 -1.28 -28.48
C ALA C 285 2.33 -1.87 -28.77
N PRO C 286 2.05 -2.18 -30.04
CA PRO C 286 0.69 -2.62 -30.40
C PRO C 286 0.29 -3.93 -29.74
N ALA C 287 1.14 -4.96 -29.86
CA ALA C 287 0.80 -6.26 -29.25
C ALA C 287 0.69 -6.14 -27.74
N ALA C 288 1.62 -5.42 -27.10
CA ALA C 288 1.57 -5.22 -25.64
C ALA C 288 0.22 -4.65 -25.20
N ALA C 289 -0.28 -3.64 -25.92
CA ALA C 289 -1.55 -3.04 -25.54
C ALA C 289 -2.68 -4.06 -25.67
N VAL C 290 -2.66 -4.87 -26.73
CA VAL C 290 -3.71 -5.86 -26.90
C VAL C 290 -3.61 -6.95 -25.83
N LEU C 291 -2.38 -7.40 -25.52
CA LEU C 291 -2.22 -8.43 -24.50
C LEU C 291 -2.61 -7.90 -23.12
N TYR C 292 -2.24 -6.65 -22.81
CA TYR C 292 -2.65 -6.07 -21.54
C TYR C 292 -4.15 -6.03 -21.41
N LYS C 293 -4.84 -5.63 -22.49
CA LYS C 293 -6.29 -5.56 -22.45
C LYS C 293 -6.91 -6.94 -22.21
N ALA C 294 -6.48 -7.94 -22.98
CA ALA C 294 -7.05 -9.28 -22.84
C ALA C 294 -6.78 -9.85 -21.46
N HIS C 295 -5.58 -9.65 -20.93
CA HIS C 295 -5.21 -10.17 -19.62
C HIS C 295 -6.07 -9.56 -18.53
N LYS C 296 -6.24 -8.23 -18.57
CA LYS C 296 -7.09 -7.55 -17.62
C LYS C 296 -8.52 -8.08 -17.68
N LEU C 297 -9.06 -8.28 -18.89
CA LEU C 297 -10.39 -8.85 -19.04
C LEU C 297 -10.49 -10.21 -18.35
N LEU C 298 -9.51 -11.10 -18.59
CA LEU C 298 -9.58 -12.44 -18.01
C LEU C 298 -9.43 -12.40 -16.49
N GLU C 299 -8.54 -11.54 -15.97
CA GLU C 299 -8.44 -11.42 -14.51
C GLU C 299 -9.75 -10.95 -13.88
N SER C 300 -10.51 -10.10 -14.59
CA SER C 300 -11.76 -9.63 -14.02
C SER C 300 -12.80 -10.75 -13.92
N LEU C 301 -12.60 -11.82 -14.69
CA LEU C 301 -13.48 -12.98 -14.68
C LEU C 301 -13.00 -14.06 -13.70
N CYS C 302 -11.69 -14.22 -13.56
CA CYS C 302 -11.15 -15.40 -12.90
C CYS C 302 -10.63 -15.17 -11.49
N LEU C 303 -10.37 -13.93 -11.08
CA LEU C 303 -9.86 -13.65 -9.74
C LEU C 303 -10.99 -13.24 -8.82
N THR C 304 -10.88 -13.62 -7.55
CA THR C 304 -11.80 -13.05 -6.56
C THR C 304 -11.51 -11.56 -6.38
N ARG C 305 -12.47 -10.88 -5.77
CA ARG C 305 -12.30 -9.45 -5.49
C ARG C 305 -11.05 -9.18 -4.64
N SER C 306 -10.89 -9.93 -3.55
CA SER C 306 -9.75 -9.64 -2.67
C SER C 306 -8.43 -9.93 -3.38
N THR C 307 -8.34 -10.99 -4.18
CA THR C 307 -7.10 -11.26 -4.91
C THR C 307 -6.83 -10.15 -5.93
N LEU C 308 -7.85 -9.80 -6.72
CA LEU C 308 -7.69 -8.73 -7.71
C LEU C 308 -7.23 -7.43 -7.03
N HIS C 309 -7.88 -7.07 -5.94
CA HIS C 309 -7.52 -5.79 -5.32
C HIS C 309 -6.10 -5.82 -4.77
N LEU C 310 -5.71 -6.94 -4.13
CA LEU C 310 -4.34 -7.01 -3.61
C LEU C 310 -3.32 -7.01 -4.76
N LYS C 311 -3.60 -7.75 -5.81
CA LYS C 311 -2.67 -7.76 -6.94
C LYS C 311 -2.56 -6.37 -7.59
N GLN C 312 -3.69 -5.70 -7.81
CA GLN C 312 -3.62 -4.35 -8.40
C GLN C 312 -2.82 -3.40 -7.52
N SER C 313 -2.90 -3.55 -6.19
CA SER C 313 -2.12 -2.68 -5.30
C SER C 313 -0.63 -2.94 -5.39
N LEU C 314 -0.20 -4.08 -5.90
CA LEU C 314 1.22 -4.39 -6.03
C LEU C 314 1.79 -4.08 -7.42
N GLN C 315 0.93 -3.72 -8.38
CA GLN C 315 1.39 -3.45 -9.74
C GLN C 315 2.42 -2.33 -9.78
N GLN C 316 2.18 -1.24 -9.03
CA GLN C 316 3.10 -0.11 -9.04
C GLN C 316 4.46 -0.52 -8.49
N THR C 317 4.46 -1.28 -7.39
CA THR C 317 5.71 -1.83 -6.85
C THR C 317 6.46 -2.61 -7.92
N TYR C 318 5.75 -3.46 -8.64
CA TYR C 318 6.39 -4.23 -9.72
C TYR C 318 6.91 -3.32 -10.82
N ALA C 319 6.09 -2.34 -11.24
CA ALA C 319 6.49 -1.42 -12.30
C ALA C 319 7.72 -0.63 -11.91
N ASN C 320 7.74 -0.10 -10.68
CA ASN C 320 8.89 0.68 -10.25
C ASN C 320 10.15 -0.18 -10.24
N LEU C 321 10.02 -1.41 -9.75
CA LEU C 321 11.16 -2.31 -9.71
C LEU C 321 11.74 -2.54 -11.10
N VAL C 322 10.88 -2.84 -12.08
CA VAL C 322 11.33 -3.09 -13.44
C VAL C 322 11.94 -1.83 -14.02
N TYR C 323 11.27 -0.70 -13.83
CA TYR C 323 11.72 0.58 -14.39
C TYR C 323 13.10 0.96 -13.86
N GLU C 324 13.35 0.68 -12.58
CA GLU C 324 14.60 1.06 -11.93
C GLU C 324 15.72 0.06 -12.18
N GLY C 325 15.45 -1.03 -12.90
CA GLY C 325 16.49 -2.00 -13.18
C GLY C 325 16.74 -3.02 -12.10
N ARG C 326 15.82 -3.19 -11.14
CA ARG C 326 16.02 -4.08 -10.01
C ARG C 326 15.50 -5.50 -10.27
N TRP C 327 15.49 -5.90 -11.54
CA TRP C 327 15.02 -7.23 -11.94
C TRP C 327 15.66 -8.33 -11.11
N PHE C 328 16.98 -8.30 -10.98
CA PHE C 328 17.69 -9.38 -10.28
C PHE C 328 17.77 -9.02 -8.80
N SER C 329 16.71 -9.34 -8.07
CA SER C 329 16.67 -9.07 -6.64
C SER C 329 15.71 -10.03 -5.98
N GLN C 330 15.94 -10.29 -4.69
CA GLN C 330 15.00 -11.15 -3.97
C GLN C 330 13.62 -10.52 -3.92
N THR C 331 13.54 -9.19 -3.86
CA THR C 331 12.24 -8.53 -3.87
C THR C 331 11.43 -8.92 -5.11
N LYS C 332 12.08 -8.90 -6.29
CA LYS C 332 11.41 -9.33 -7.51
CA LYS C 332 11.40 -9.32 -7.50
C LYS C 332 10.98 -10.79 -7.43
N GLN C 333 11.86 -11.65 -6.92
CA GLN C 333 11.53 -13.07 -6.83
C GLN C 333 10.29 -13.29 -5.96
N ALA C 334 10.16 -12.53 -4.88
CA ALA C 334 9.01 -12.71 -3.99
C ALA C 334 7.72 -12.23 -4.65
N LEU C 335 7.78 -11.10 -5.38
CA LEU C 335 6.63 -10.66 -6.16
C LEU C 335 6.24 -11.67 -7.22
N ASP C 336 7.22 -12.22 -7.94
CA ASP C 336 6.93 -13.23 -8.94
C ASP C 336 6.17 -14.41 -8.34
N ALA C 337 6.59 -14.84 -7.13
CA ALA C 337 5.95 -15.96 -6.46
C ALA C 337 4.48 -15.66 -6.18
N PHE C 338 4.21 -14.46 -5.64
CA PHE C 338 2.85 -13.98 -5.46
C PHE C 338 2.07 -13.99 -6.76
N ILE C 339 2.64 -13.35 -7.80
CA ILE C 339 1.94 -13.22 -9.07
C ILE C 339 1.63 -14.59 -9.67
N ASP C 340 2.58 -15.52 -9.60
CA ASP C 340 2.36 -16.84 -10.20
C ASP C 340 1.17 -17.56 -9.57
N VAL C 341 0.96 -17.43 -8.26
CA VAL C 341 -0.23 -18.02 -7.65
C VAL C 341 -1.50 -17.39 -8.23
N THR C 342 -1.54 -16.05 -8.32
CA THR C 342 -2.75 -15.39 -8.81
C THR C 342 -3.05 -15.76 -10.25
N GLN C 343 -2.05 -16.26 -10.97
CA GLN C 343 -2.26 -16.55 -12.37
C GLN C 343 -2.64 -18.01 -12.63
N GLN C 344 -2.77 -18.83 -11.59
CA GLN C 344 -2.97 -20.26 -11.85
CA GLN C 344 -3.01 -20.27 -11.77
C GLN C 344 -4.25 -20.53 -12.62
N HIS C 345 -5.29 -19.70 -12.47
CA HIS C 345 -6.56 -19.94 -13.14
C HIS C 345 -6.90 -18.91 -14.22
N VAL C 346 -5.95 -18.05 -14.59
CA VAL C 346 -6.18 -17.01 -15.59
C VAL C 346 -6.00 -17.66 -16.95
N THR C 347 -7.02 -18.44 -17.33
CA THR C 347 -7.00 -19.35 -18.46
C THR C 347 -8.34 -19.18 -19.15
N GLY C 348 -8.32 -18.90 -20.44
CA GLY C 348 -9.57 -18.75 -21.16
C GLY C 348 -9.34 -18.06 -22.49
N CYS C 349 -10.46 -17.57 -23.03
CA CYS C 349 -10.54 -17.08 -24.40
C CYS C 349 -11.04 -15.63 -24.36
N VAL C 350 -10.37 -14.74 -25.10
CA VAL C 350 -10.80 -13.34 -25.21
C VAL C 350 -10.88 -12.97 -26.69
N LYS C 351 -12.04 -12.50 -27.12
CA LYS C 351 -12.21 -11.98 -28.48
C LYS C 351 -12.21 -10.45 -28.42
N LEU C 352 -11.42 -9.84 -29.31
CA LEU C 352 -11.29 -8.39 -29.33
C LEU C 352 -11.43 -7.89 -30.76
N LYS C 353 -12.04 -6.71 -30.92
CA LYS C 353 -12.09 -6.06 -32.22
C LYS C 353 -11.06 -4.93 -32.24
N LEU C 354 -10.20 -4.96 -33.27
CA LEU C 354 -9.18 -3.94 -33.47
C LEU C 354 -9.70 -2.98 -34.54
N PHE C 355 -9.72 -1.70 -34.22
CA PHE C 355 -10.35 -0.75 -35.13
C PHE C 355 -9.98 0.67 -34.77
N LYS C 356 -9.29 1.37 -35.68
CA LYS C 356 -9.06 2.81 -35.57
C LYS C 356 -8.44 3.20 -34.23
N GLY C 357 -7.45 2.43 -33.79
CA GLY C 357 -6.79 2.74 -32.55
C GLY C 357 -7.45 2.19 -31.31
N ASN C 358 -8.62 1.55 -31.43
CA ASN C 358 -9.37 1.02 -30.31
C ASN C 358 -9.20 -0.49 -30.23
N ILE C 359 -9.17 -1.01 -29.00
CA ILE C 359 -9.25 -2.45 -28.70
C ILE C 359 -10.62 -2.66 -28.04
N ILE C 360 -11.56 -3.24 -28.77
CA ILE C 360 -12.95 -3.28 -28.35
C ILE C 360 -13.27 -4.69 -27.88
N PRO C 361 -13.71 -4.88 -26.63
CA PRO C 361 -14.07 -6.23 -26.17
C PRO C 361 -15.18 -6.83 -27.01
N ALA C 362 -15.05 -8.12 -27.32
CA ALA C 362 -16.06 -8.80 -28.11
C ALA C 362 -16.42 -10.16 -27.52
N GLY C 363 -16.27 -10.31 -26.20
CA GLY C 363 -16.65 -11.54 -25.53
C GLY C 363 -15.45 -12.23 -24.92
N MET C 364 -15.66 -12.92 -23.79
CA MET C 364 -14.61 -13.73 -23.18
C MET C 364 -15.26 -14.88 -22.43
N HIS C 365 -14.50 -15.94 -22.25
CA HIS C 365 -14.96 -17.06 -21.44
CA HIS C 365 -14.96 -17.13 -21.54
C HIS C 365 -13.77 -17.77 -20.84
N SER C 366 -14.04 -18.46 -19.72
CA SER C 366 -13.03 -19.19 -18.99
C SER C 366 -13.71 -20.35 -18.31
N PRO C 367 -13.09 -21.55 -18.33
CA PRO C 367 -13.61 -22.64 -17.49
C PRO C 367 -13.55 -22.32 -16.00
N TYR C 368 -12.79 -21.30 -15.62
CA TYR C 368 -12.65 -20.93 -14.22
C TYR C 368 -13.34 -19.60 -13.92
N SER C 369 -14.23 -19.16 -14.80
CA SER C 369 -14.99 -17.94 -14.55
C SER C 369 -15.73 -18.03 -13.21
N LEU C 370 -15.64 -16.95 -12.43
CA LEU C 370 -16.41 -16.84 -11.21
C LEU C 370 -17.76 -16.16 -11.43
N HIS C 371 -18.08 -15.79 -12.66
CA HIS C 371 -19.32 -15.12 -12.97
C HIS C 371 -20.40 -16.16 -13.27
N HIS C 372 -21.48 -16.13 -12.49
CA HIS C 372 -22.57 -17.06 -12.70
C HIS C 372 -23.93 -16.38 -12.47
N ASN C 385 -30.45 -13.75 -1.45
CA ASN C 385 -31.71 -13.50 -0.77
C ASN C 385 -31.85 -12.02 -0.38
N GLN C 386 -33.09 -11.56 -0.26
CA GLN C 386 -33.34 -10.18 0.18
C GLN C 386 -33.12 -10.02 1.68
N LYS C 387 -33.40 -11.06 2.45
CA LYS C 387 -33.12 -11.01 3.89
C LYS C 387 -31.62 -11.00 4.16
N ASP C 388 -30.83 -11.69 3.33
CA ASP C 388 -29.38 -11.64 3.48
C ASP C 388 -28.86 -10.22 3.35
N ALA C 389 -29.33 -9.50 2.32
CA ALA C 389 -28.86 -8.15 2.06
C ALA C 389 -29.11 -7.22 3.24
N GLU C 390 -30.28 -7.34 3.87
CA GLU C 390 -30.55 -6.45 4.99
C GLU C 390 -29.57 -6.68 6.13
N GLY C 391 -29.26 -7.94 6.42
CA GLY C 391 -28.28 -8.21 7.46
C GLY C 391 -26.91 -7.67 7.09
N PHE C 392 -26.50 -7.87 5.85
CA PHE C 392 -25.22 -7.34 5.42
C PHE C 392 -25.18 -5.82 5.53
N ILE C 393 -26.24 -5.15 5.06
CA ILE C 393 -26.29 -3.69 5.13
C ILE C 393 -26.13 -3.20 6.58
N ASN C 394 -26.90 -3.79 7.49
CA ASN C 394 -26.89 -3.29 8.86
C ASN C 394 -25.51 -3.43 9.50
N LEU C 395 -24.84 -4.54 9.25
CA LEU C 395 -23.51 -4.71 9.83
C LEU C 395 -22.45 -3.94 9.07
N PHE C 396 -22.57 -3.84 7.74
CA PHE C 396 -21.59 -3.08 6.97
C PHE C 396 -21.61 -1.62 7.37
N SER C 397 -22.77 -1.08 7.73
CA SER C 397 -22.92 0.33 8.02
CA SER C 397 -22.95 0.33 8.03
C SER C 397 -22.99 0.63 9.53
N LEU C 398 -22.74 -0.38 10.37
CA LEU C 398 -22.86 -0.19 11.81
C LEU C 398 -21.84 0.83 12.31
N SER C 399 -20.59 0.71 11.85
CA SER C 399 -19.57 1.67 12.24
C SER C 399 -19.98 3.10 11.89
N ALA C 400 -20.50 3.31 10.68
CA ALA C 400 -20.92 4.65 10.28
C ALA C 400 -22.04 5.16 11.18
N LYS C 401 -22.97 4.27 11.55
CA LYS C 401 -24.06 4.66 12.42
C LYS C 401 -23.54 5.04 13.81
N ILE C 402 -22.63 4.25 14.37
CA ILE C 402 -22.08 4.56 15.69
CA ILE C 402 -22.09 4.57 15.69
C ILE C 402 -21.33 5.88 15.64
N TYR C 403 -20.47 6.04 14.63
CA TYR C 403 -19.70 7.28 14.50
C TYR C 403 -20.63 8.49 14.46
N SER C 404 -21.68 8.43 13.64
CA SER C 404 -22.56 9.58 13.49
CA SER C 404 -22.58 9.56 13.48
C SER C 404 -23.37 9.83 14.76
N GLN C 405 -23.72 8.79 15.51
CA GLN C 405 -24.38 9.00 16.80
C GLN C 405 -23.43 9.71 17.79
N VAL C 406 -22.17 9.28 17.82
CA VAL C 406 -21.18 9.92 18.68
C VAL C 406 -20.95 11.36 18.28
N HIS C 407 -20.79 11.61 16.97
CA HIS C 407 -20.57 12.97 16.49
C HIS C 407 -21.87 13.59 16.00
N GLN C 408 -22.88 13.53 16.86
CA GLN C 408 -24.25 13.90 16.52
C GLN C 408 -24.29 15.30 15.93
N GLY C 409 -24.82 15.38 14.70
CA GLY C 409 -24.93 16.63 13.98
C GLY C 409 -23.68 17.03 13.23
N GLY C 410 -22.64 16.18 13.21
CA GLY C 410 -21.39 16.56 12.56
C GLY C 410 -21.44 16.38 11.06
N ASN C 411 -20.52 17.07 10.38
CA ASN C 411 -20.52 17.14 8.94
C ASN C 411 -19.46 16.23 8.34
N TYR C 412 -19.62 15.96 7.04
CA TYR C 412 -18.58 15.32 6.24
C TYR C 412 -18.19 16.23 5.07
N VAL D 12 -45.34 7.52 16.25
CA VAL D 12 -45.83 6.71 15.14
C VAL D 12 -45.42 7.33 13.80
N ILE D 13 -45.26 6.48 12.78
CA ILE D 13 -44.86 6.95 11.45
C ILE D 13 -45.99 7.78 10.86
N LYS D 14 -45.89 9.09 10.97
CA LYS D 14 -46.86 9.97 10.35
C LYS D 14 -46.38 10.57 9.04
N LYS D 15 -45.07 10.51 8.78
CA LYS D 15 -44.52 11.14 7.59
C LYS D 15 -43.33 10.34 7.07
N ILE D 16 -43.28 10.15 5.74
CA ILE D 16 -42.23 9.39 5.10
C ILE D 16 -41.73 10.18 3.90
N ALA D 17 -40.42 10.37 3.79
CA ALA D 17 -39.82 10.95 2.60
C ALA D 17 -39.30 9.82 1.72
N LEU D 18 -39.66 9.86 0.43
CA LEU D 18 -39.29 8.83 -0.53
C LEU D 18 -38.43 9.43 -1.64
N ALA D 19 -37.31 8.77 -1.95
CA ALA D 19 -36.50 9.14 -3.10
C ALA D 19 -37.20 8.61 -4.34
N TYR D 20 -37.72 9.52 -5.16
CA TYR D 20 -38.72 9.18 -6.16
C TYR D 20 -38.19 9.45 -7.55
N SER D 21 -38.25 8.45 -8.43
CA SER D 21 -37.72 8.57 -9.78
C SER D 21 -38.81 8.75 -10.84
N GLY D 22 -40.06 8.46 -10.51
CA GLY D 22 -41.11 8.48 -11.50
C GLY D 22 -41.32 7.17 -12.22
N GLY D 23 -40.44 6.19 -12.04
CA GLY D 23 -40.65 4.88 -12.60
C GLY D 23 -41.75 4.11 -11.89
N LEU D 24 -42.03 2.92 -12.41
CA LEU D 24 -43.11 2.10 -11.89
C LEU D 24 -42.88 1.74 -10.43
N ASP D 25 -41.66 1.30 -10.10
CA ASP D 25 -41.35 0.86 -8.74
C ASP D 25 -41.63 1.96 -7.72
N THR D 26 -40.97 3.11 -7.85
CA THR D 26 -41.16 4.13 -6.84
C THR D 26 -42.55 4.75 -6.91
N SER D 27 -43.23 4.64 -8.06
CA SER D 27 -44.60 5.11 -8.11
C SER D 27 -45.52 4.24 -7.26
N ILE D 28 -45.42 2.93 -7.39
CA ILE D 28 -46.30 2.07 -6.59
C ILE D 28 -45.91 2.08 -5.11
N MET D 29 -44.65 2.42 -4.80
CA MET D 29 -44.28 2.55 -3.39
C MET D 29 -45.10 3.60 -2.66
N ILE D 30 -45.61 4.61 -3.36
CA ILE D 30 -46.37 5.67 -2.68
C ILE D 30 -47.66 5.09 -2.10
N PRO D 31 -48.55 4.44 -2.87
CA PRO D 31 -49.71 3.82 -2.21
C PRO D 31 -49.32 2.69 -1.27
N TRP D 32 -48.24 1.95 -1.58
CA TRP D 32 -47.84 0.86 -0.69
C TRP D 32 -47.44 1.40 0.68
N LEU D 33 -46.63 2.46 0.70
CA LEU D 33 -46.25 3.07 1.97
C LEU D 33 -47.46 3.59 2.72
N LYS D 34 -48.39 4.25 2.01
CA LYS D 34 -49.56 4.81 2.67
C LYS D 34 -50.48 3.72 3.20
N GLU D 35 -50.48 2.55 2.58
CA GLU D 35 -51.33 1.48 3.07
C GLU D 35 -50.69 0.72 4.23
N HIS D 36 -49.37 0.50 4.18
CA HIS D 36 -48.71 -0.27 5.22
C HIS D 36 -48.33 0.55 6.45
N TYR D 37 -48.52 1.87 6.40
CA TYR D 37 -48.34 2.76 7.55
C TYR D 37 -49.56 3.66 7.60
N GLU D 38 -50.58 3.24 8.35
CA GLU D 38 -51.85 3.94 8.35
C GLU D 38 -51.66 5.39 8.77
N HIS D 39 -52.38 6.30 8.07
CA HIS D 39 -52.29 7.73 8.32
C HIS D 39 -50.87 8.26 8.18
N ALA D 40 -50.05 7.62 7.34
CA ALA D 40 -48.75 8.16 7.01
C ALA D 40 -48.84 8.98 5.73
N GLU D 41 -48.18 10.11 5.75
CA GLU D 41 -48.07 11.00 4.63
C GLU D 41 -46.75 10.73 3.90
N VAL D 42 -46.77 10.73 2.57
CA VAL D 42 -45.58 10.45 1.77
C VAL D 42 -45.14 11.71 1.05
N ILE D 43 -43.89 12.11 1.29
CA ILE D 43 -43.24 13.23 0.63
C ILE D 43 -42.28 12.69 -0.41
N ALA D 44 -42.48 13.07 -1.68
CA ALA D 44 -41.57 12.66 -2.74
C ALA D 44 -40.42 13.64 -2.88
N VAL D 45 -39.22 13.11 -3.10
CA VAL D 45 -38.02 13.91 -3.34
C VAL D 45 -37.47 13.52 -4.71
N ILE D 46 -37.37 14.50 -5.60
CA ILE D 46 -36.92 14.31 -6.98
C ILE D 46 -35.69 15.16 -7.21
N CYS D 47 -34.59 14.52 -7.64
CA CYS D 47 -33.32 15.18 -7.88
C CYS D 47 -33.02 15.23 -9.38
N ASP D 48 -32.65 16.40 -9.87
CA ASP D 48 -32.12 16.55 -11.21
C ASP D 48 -30.61 16.39 -11.14
N LEU D 49 -30.12 15.26 -11.63
CA LEU D 49 -28.69 14.99 -11.70
C LEU D 49 -28.19 14.96 -13.13
N GLY D 50 -29.02 15.39 -14.07
CA GLY D 50 -28.72 15.26 -15.49
C GLY D 50 -29.35 14.07 -16.19
N GLN D 51 -30.35 13.42 -15.59
CA GLN D 51 -30.94 12.27 -16.28
C GLN D 51 -31.76 12.68 -17.50
N GLN D 52 -31.94 13.98 -17.74
CA GLN D 52 -32.62 14.50 -18.94
C GLN D 52 -34.02 13.91 -19.09
N GLU D 53 -34.77 13.92 -17.99
CA GLU D 53 -36.17 13.53 -18.00
C GLU D 53 -37.06 14.74 -17.74
N ASP D 54 -38.36 14.54 -17.92
CA ASP D 54 -39.35 15.60 -17.73
C ASP D 54 -39.69 15.64 -16.24
N LEU D 55 -39.00 16.53 -15.52
CA LEU D 55 -39.15 16.59 -14.07
C LEU D 55 -40.52 17.09 -13.63
N ASP D 56 -41.15 17.96 -14.43
CA ASP D 56 -42.51 18.40 -14.15
C ASP D 56 -43.49 17.24 -14.21
N ALA D 57 -43.33 16.36 -15.19
CA ALA D 57 -44.18 15.18 -15.27
C ALA D 57 -43.95 14.26 -14.09
N ILE D 58 -42.69 14.07 -13.71
CA ILE D 58 -42.39 13.19 -12.57
C ILE D 58 -43.05 13.73 -11.31
N LYS D 59 -42.93 15.03 -11.07
CA LYS D 59 -43.58 15.67 -9.93
C LYS D 59 -45.09 15.45 -9.96
N ASN D 60 -45.72 15.76 -11.09
CA ASN D 60 -47.16 15.58 -11.19
C ASN D 60 -47.56 14.13 -10.97
N LYS D 61 -46.74 13.19 -11.45
CA LYS D 61 -47.05 11.78 -11.25
C LYS D 61 -46.93 11.39 -9.79
N ALA D 62 -45.94 11.93 -9.07
CA ALA D 62 -45.86 11.68 -7.63
C ALA D 62 -47.12 12.15 -6.92
N LEU D 63 -47.52 13.39 -7.18
CA LEU D 63 -48.73 13.93 -6.56
C LEU D 63 -49.96 13.13 -6.96
N LYS D 64 -50.03 12.72 -8.22
CA LYS D 64 -51.19 11.93 -8.66
C LYS D 64 -51.22 10.59 -7.95
N SER D 65 -50.05 10.00 -7.70
CA SER D 65 -49.96 8.71 -7.04
C SER D 65 -50.26 8.76 -5.55
N GLY D 66 -50.37 9.96 -4.96
CA GLY D 66 -50.74 10.05 -3.57
C GLY D 66 -49.74 10.75 -2.64
N ALA D 67 -48.66 11.31 -3.19
CA ALA D 67 -47.73 12.06 -2.35
C ALA D 67 -48.35 13.40 -1.94
N SER D 68 -48.15 13.80 -0.68
CA SER D 68 -48.71 15.09 -0.26
C SER D 68 -47.91 16.25 -0.81
N LYS D 69 -46.62 16.04 -1.04
CA LYS D 69 -45.71 17.04 -1.57
C LYS D 69 -44.71 16.33 -2.47
N ALA D 70 -44.18 17.06 -3.46
CA ALA D 70 -43.18 16.51 -4.36
C ALA D 70 -42.14 17.60 -4.56
N TYR D 71 -41.00 17.47 -3.88
CA TYR D 71 -39.89 18.40 -4.03
C TYR D 71 -39.09 18.05 -5.28
N VAL D 72 -38.77 19.06 -6.09
CA VAL D 72 -37.85 18.88 -7.22
C VAL D 72 -36.64 19.79 -6.97
N VAL D 73 -35.46 19.18 -6.85
CA VAL D 73 -34.24 19.91 -6.55
CA VAL D 73 -34.24 19.91 -6.55
C VAL D 73 -33.26 19.72 -7.71
N ASP D 74 -32.83 20.83 -8.30
CA ASP D 74 -31.80 20.82 -9.33
C ASP D 74 -30.46 20.75 -8.61
N VAL D 75 -29.80 19.60 -8.67
CA VAL D 75 -28.54 19.44 -7.95
C VAL D 75 -27.39 19.20 -8.91
N LYS D 76 -27.51 19.64 -10.17
CA LYS D 76 -26.45 19.39 -11.13
C LYS D 76 -25.18 20.12 -10.75
N ASN D 77 -25.28 21.39 -10.33
CA ASN D 77 -24.05 22.10 -9.97
C ASN D 77 -23.44 21.54 -8.69
N GLU D 78 -24.27 21.20 -7.70
CA GLU D 78 -23.76 20.58 -6.49
C GLU D 78 -23.10 19.23 -6.80
N PHE D 79 -23.69 18.45 -7.70
CA PHE D 79 -23.12 17.17 -8.09
C PHE D 79 -21.74 17.37 -8.71
N ALA D 80 -21.64 18.26 -9.70
CA ALA D 80 -20.35 18.51 -10.35
C ALA D 80 -19.32 19.06 -9.37
N THR D 81 -19.66 20.10 -8.59
CA THR D 81 -18.64 20.74 -7.77
C THR D 81 -18.30 19.97 -6.50
N GLN D 82 -19.27 19.27 -5.88
CA GLN D 82 -19.02 18.60 -4.61
CA GLN D 82 -19.01 18.60 -4.62
C GLN D 82 -18.74 17.11 -4.75
N TYR D 83 -19.02 16.50 -5.92
CA TYR D 83 -18.76 15.07 -6.12
C TYR D 83 -17.83 14.80 -7.30
N LEU D 84 -18.17 15.27 -8.50
CA LEU D 84 -17.39 14.93 -9.69
C LEU D 84 -16.03 15.61 -9.69
N TRP D 85 -15.94 16.83 -9.20
CA TRP D 85 -14.65 17.51 -9.16
C TRP D 85 -13.70 16.82 -8.19
N PRO D 86 -14.09 16.47 -6.95
CA PRO D 86 -13.20 15.64 -6.12
C PRO D 86 -12.83 14.33 -6.78
N LEU D 87 -13.76 13.71 -7.51
CA LEU D 87 -13.45 12.47 -8.22
C LEU D 87 -12.40 12.68 -9.30
N VAL D 88 -12.56 13.75 -10.09
CA VAL D 88 -11.58 14.09 -11.10
C VAL D 88 -10.22 14.30 -10.44
N LYS D 89 -10.18 15.04 -9.31
CA LYS D 89 -8.90 15.26 -8.64
C LYS D 89 -8.28 13.97 -8.14
N SER D 90 -9.10 13.00 -7.73
CA SER D 90 -8.57 11.76 -7.19
C SER D 90 -7.90 10.92 -8.27
N GLY D 91 -8.37 11.04 -9.52
CA GLY D 91 -7.95 10.14 -10.57
C GLY D 91 -8.43 8.71 -10.41
N ALA D 92 -9.39 8.46 -9.52
CA ALA D 92 -9.75 7.09 -9.17
C ALA D 92 -10.60 6.42 -10.23
N LEU D 93 -10.30 5.14 -10.50
CA LEU D 93 -11.10 4.26 -11.35
C LEU D 93 -11.23 2.94 -10.62
N TYR D 94 -12.45 2.48 -10.39
CA TYR D 94 -12.64 1.25 -9.64
C TYR D 94 -12.11 0.07 -10.43
N GLU D 95 -11.21 -0.70 -9.81
CA GLU D 95 -10.59 -1.88 -10.42
C GLU D 95 -9.93 -1.55 -11.75
N ASP D 96 -9.48 -0.30 -11.86
CA ASP D 96 -8.77 0.26 -13.02
C ASP D 96 -9.65 0.31 -14.26
N GLN D 97 -10.98 0.32 -14.11
CA GLN D 97 -11.86 0.25 -15.27
C GLN D 97 -13.09 1.16 -15.12
N TYR D 98 -13.65 1.28 -13.93
CA TYR D 98 -15.02 1.80 -13.76
C TYR D 98 -15.07 3.25 -13.29
N ILE D 99 -15.82 4.09 -14.02
CA ILE D 99 -15.80 5.54 -13.87
C ILE D 99 -16.65 6.04 -12.70
N LEU D 100 -17.33 5.15 -11.98
CA LEU D 100 -17.92 5.48 -10.67
C LEU D 100 -19.11 6.43 -10.78
N GLY D 101 -19.94 6.25 -11.81
CA GLY D 101 -21.16 7.04 -11.92
C GLY D 101 -22.12 6.87 -10.75
N THR D 102 -21.99 5.77 -10.00
CA THR D 102 -22.81 5.59 -8.78
C THR D 102 -22.40 6.50 -7.66
N ILE D 103 -21.46 7.43 -7.92
CA ILE D 103 -21.18 8.51 -6.98
C ILE D 103 -22.42 9.38 -6.75
N SER D 104 -23.44 9.25 -7.62
CA SER D 104 -24.67 10.02 -7.40
C SER D 104 -25.47 9.54 -6.19
N ARG D 105 -25.27 8.29 -5.75
CA ARG D 105 -26.10 7.75 -4.68
C ARG D 105 -25.95 8.51 -3.36
N PRO D 106 -24.74 8.83 -2.87
CA PRO D 106 -24.67 9.63 -1.65
C PRO D 106 -25.33 10.99 -1.78
N LEU D 107 -25.27 11.62 -2.95
CA LEU D 107 -25.93 12.92 -3.12
C LEU D 107 -27.45 12.78 -3.06
N ILE D 108 -28.01 11.77 -3.73
CA ILE D 108 -29.43 11.51 -3.61
C ILE D 108 -29.82 11.30 -2.15
N ALA D 109 -29.03 10.49 -1.42
CA ALA D 109 -29.32 10.26 -0.01
C ALA D 109 -29.20 11.55 0.80
N GLN D 110 -28.22 12.38 0.45
CA GLN D 110 -28.01 13.64 1.16
C GLN D 110 -29.23 14.56 1.00
N LYS D 111 -29.77 14.66 -0.22
CA LYS D 111 -30.95 15.52 -0.41
C LYS D 111 -32.19 14.93 0.24
N LEU D 112 -32.34 13.60 0.18
CA LEU D 112 -33.44 12.94 0.87
C LEU D 112 -33.41 13.28 2.36
N VAL D 113 -32.23 13.22 2.97
CA VAL D 113 -32.10 13.49 4.40
C VAL D 113 -32.29 14.97 4.69
N GLU D 114 -31.77 15.86 3.85
CA GLU D 114 -31.94 17.29 4.09
C GLU D 114 -33.41 17.65 4.14
N ILE D 115 -34.18 17.13 3.18
CA ILE D 115 -35.61 17.46 3.13
C ILE D 115 -36.37 16.72 4.22
N ALA D 116 -36.04 15.45 4.46
CA ALA D 116 -36.60 14.71 5.59
C ALA D 116 -36.50 15.53 6.87
N LEU D 117 -35.33 16.13 7.12
CA LEU D 117 -35.14 16.81 8.39
C LEU D 117 -35.89 18.13 8.44
N THR D 118 -36.12 18.78 7.30
CA THR D 118 -36.92 20.01 7.34
C THR D 118 -38.40 19.72 7.38
N GLU D 119 -38.80 18.49 7.07
CA GLU D 119 -40.20 18.11 7.02
C GLU D 119 -40.63 17.28 8.23
N GLN D 120 -39.71 17.05 9.18
CA GLN D 120 -40.02 16.35 10.42
C GLN D 120 -40.54 14.93 10.15
N VAL D 121 -39.95 14.25 9.17
CA VAL D 121 -40.42 12.91 8.84
C VAL D 121 -39.87 11.91 9.85
N ASN D 122 -40.58 10.79 9.99
CA ASN D 122 -40.16 9.73 10.89
C ASN D 122 -39.30 8.68 10.20
N ALA D 123 -39.40 8.55 8.88
CA ALA D 123 -38.68 7.51 8.17
C ALA D 123 -38.43 7.97 6.74
N VAL D 124 -37.41 7.39 6.12
CA VAL D 124 -37.13 7.63 4.72
C VAL D 124 -37.22 6.30 4.00
N ALA D 125 -37.55 6.38 2.71
CA ALA D 125 -37.67 5.19 1.87
C ALA D 125 -36.92 5.42 0.56
N HIS D 126 -36.42 4.33 -0.02
CA HIS D 126 -35.77 4.38 -1.33
C HIS D 126 -36.22 3.16 -2.12
N GLY D 127 -36.06 3.22 -3.44
CA GLY D 127 -36.57 2.17 -4.29
C GLY D 127 -35.53 1.20 -4.81
N ALA D 128 -34.35 1.16 -4.19
CA ALA D 128 -33.34 0.21 -4.61
C ALA D 128 -33.82 -1.23 -4.40
N THR D 129 -33.44 -2.12 -5.31
CA THR D 129 -33.87 -3.52 -5.19
C THR D 129 -33.05 -4.24 -4.11
N GLY D 130 -33.53 -5.43 -3.74
CA GLY D 130 -32.87 -6.23 -2.74
C GLY D 130 -31.65 -6.99 -3.21
N LYS D 131 -31.18 -6.73 -4.43
CA LYS D 131 -30.13 -7.54 -5.04
C LYS D 131 -28.84 -6.79 -5.36
N GLY D 132 -28.89 -5.47 -5.55
CA GLY D 132 -27.74 -4.74 -6.02
C GLY D 132 -26.92 -4.10 -4.90
N ASN D 133 -25.90 -3.34 -5.32
CA ASN D 133 -25.13 -2.54 -4.40
C ASN D 133 -25.87 -1.26 -3.98
N ASP D 134 -26.84 -0.79 -4.76
CA ASP D 134 -27.41 0.54 -4.50
C ASP D 134 -28.06 0.63 -3.13
N GLN D 135 -28.66 -0.45 -2.64
CA GLN D 135 -29.26 -0.39 -1.31
C GLN D 135 -28.20 -0.11 -0.26
N VAL D 136 -27.03 -0.74 -0.37
CA VAL D 136 -25.93 -0.44 0.54
C VAL D 136 -25.54 1.03 0.44
N ARG D 137 -25.42 1.56 -0.78
CA ARG D 137 -24.95 2.93 -0.95
C ARG D 137 -25.92 3.92 -0.32
N PHE D 138 -27.21 3.75 -0.60
CA PHE D 138 -28.23 4.60 0.02
C PHE D 138 -28.21 4.49 1.53
N GLU D 139 -28.21 3.25 2.05
CA GLU D 139 -28.45 3.12 3.48
C GLU D 139 -27.22 3.48 4.31
N TYR D 140 -26.02 3.19 3.81
CA TYR D 140 -24.83 3.68 4.50
C TYR D 140 -24.90 5.20 4.64
N SER D 141 -25.24 5.90 3.56
CA SER D 141 -25.27 7.36 3.59
C SER D 141 -26.32 7.87 4.57
N ILE D 142 -27.50 7.24 4.59
CA ILE D 142 -28.55 7.69 5.49
C ILE D 142 -28.11 7.53 6.94
N LYS D 143 -27.50 6.39 7.27
CA LYS D 143 -27.01 6.19 8.63
C LYS D 143 -25.88 7.16 8.97
N ALA D 144 -25.02 7.45 8.01
CA ALA D 144 -23.91 8.38 8.28
C ALA D 144 -24.43 9.80 8.50
N LEU D 145 -25.53 10.18 7.83
CA LEU D 145 -26.03 11.56 7.92
C LEU D 145 -27.11 11.75 8.97
N ALA D 146 -27.90 10.72 9.24
CA ALA D 146 -29.04 10.85 10.14
C ALA D 146 -29.32 9.49 10.73
N PRO D 147 -28.51 9.06 11.71
CA PRO D 147 -28.67 7.72 12.28
C PRO D 147 -29.99 7.52 12.99
N GLN D 148 -30.68 8.61 13.35
CA GLN D 148 -31.97 8.50 14.03
C GLN D 148 -33.14 8.21 13.09
N LEU D 149 -32.97 8.36 11.78
CA LEU D 149 -34.07 8.16 10.83
C LEU D 149 -34.24 6.68 10.51
N GLU D 150 -35.47 6.19 10.64
CA GLU D 150 -35.77 4.83 10.24
C GLU D 150 -35.75 4.73 8.71
N ILE D 151 -35.32 3.58 8.21
CA ILE D 151 -35.21 3.35 6.77
C ILE D 151 -36.20 2.27 6.37
N ILE D 152 -36.95 2.53 5.31
CA ILE D 152 -37.90 1.58 4.74
C ILE D 152 -37.46 1.27 3.32
N ALA D 153 -37.25 -0.02 3.03
CA ALA D 153 -36.86 -0.52 1.70
C ALA D 153 -37.94 -1.48 1.25
N PRO D 154 -38.99 -1.00 0.59
CA PRO D 154 -40.11 -1.88 0.24
C PRO D 154 -39.73 -3.06 -0.64
N TRP D 155 -38.69 -2.94 -1.48
CA TRP D 155 -38.27 -4.11 -2.26
C TRP D 155 -37.85 -5.26 -1.36
N ARG D 156 -37.38 -4.96 -0.15
CA ARG D 156 -37.03 -5.99 0.81
C ARG D 156 -38.21 -6.46 1.65
N THR D 157 -39.39 -5.88 1.47
CA THR D 157 -40.50 -6.13 2.39
C THR D 157 -41.76 -6.67 1.72
N TRP D 158 -42.17 -6.11 0.59
CA TRP D 158 -43.50 -6.38 0.06
C TRP D 158 -43.57 -7.74 -0.65
N ASP D 159 -44.80 -8.13 -1.00
CA ASP D 159 -45.07 -9.39 -1.68
C ASP D 159 -44.97 -9.29 -3.20
N ILE D 160 -44.55 -8.14 -3.72
CA ILE D 160 -44.38 -7.97 -5.16
C ILE D 160 -43.06 -8.58 -5.58
N LYS D 161 -43.11 -9.56 -6.49
CA LYS D 161 -41.92 -10.31 -6.87
C LYS D 161 -41.43 -10.03 -8.29
N SER D 162 -42.32 -9.72 -9.23
CA SER D 162 -41.92 -9.52 -10.62
C SER D 162 -42.45 -8.18 -11.12
N ARG D 163 -41.92 -7.75 -12.26
CA ARG D 163 -42.42 -6.53 -12.89
C ARG D 163 -43.89 -6.69 -13.28
N GLN D 164 -44.27 -7.89 -13.73
CA GLN D 164 -45.68 -8.15 -14.01
C GLN D 164 -46.53 -7.96 -12.76
N GLU D 165 -46.05 -8.44 -11.62
CA GLU D 165 -46.80 -8.25 -10.38
C GLU D 165 -46.90 -6.78 -10.02
N ALA D 166 -45.82 -6.03 -10.23
CA ALA D 166 -45.84 -4.59 -9.97
C ALA D 166 -46.84 -3.89 -10.87
N ILE D 167 -47.05 -4.39 -12.09
CA ILE D 167 -48.01 -3.78 -13.00
C ILE D 167 -49.43 -4.06 -12.55
N VAL D 168 -49.70 -5.30 -12.13
CA VAL D 168 -51.00 -5.62 -11.54
C VAL D 168 -51.30 -4.70 -10.38
N TYR D 169 -50.35 -4.58 -9.44
CA TYR D 169 -50.53 -3.70 -8.29
C TYR D 169 -50.79 -2.27 -8.72
N ALA D 170 -50.05 -1.79 -9.73
CA ALA D 170 -50.19 -0.40 -10.15
C ALA D 170 -51.58 -0.13 -10.72
N LYS D 171 -52.07 -1.05 -11.56
CA LYS D 171 -53.41 -0.90 -12.11
C LYS D 171 -54.46 -0.87 -11.00
N ALA D 172 -54.35 -1.79 -10.04
CA ALA D 172 -55.29 -1.84 -8.94
C ALA D 172 -55.27 -0.59 -8.08
N HIS D 173 -54.23 0.25 -8.16
CA HIS D 173 -54.12 1.44 -7.32
C HIS D 173 -54.09 2.75 -8.12
N GLY D 174 -54.56 2.74 -9.36
CA GLY D 174 -54.68 3.97 -10.12
C GLY D 174 -53.37 4.55 -10.64
N ILE D 175 -52.30 3.78 -10.66
CA ILE D 175 -51.02 4.23 -11.22
C ILE D 175 -51.01 3.93 -12.71
N GLU D 176 -50.68 4.93 -13.53
CA GLU D 176 -50.68 4.77 -14.98
C GLU D 176 -49.54 3.84 -15.40
N VAL D 177 -49.89 2.78 -16.13
CA VAL D 177 -48.92 1.89 -16.75
C VAL D 177 -49.24 1.81 -18.23
N PRO D 178 -48.57 2.61 -19.06
CA PRO D 178 -48.80 2.53 -20.50
C PRO D 178 -48.12 1.31 -21.10
N VAL D 179 -48.73 0.78 -22.15
CA VAL D 179 -48.07 -0.30 -22.87
C VAL D 179 -46.84 0.27 -23.55
N THR D 180 -45.69 -0.27 -23.22
CA THR D 180 -44.36 0.06 -23.72
C THR D 180 -43.48 -1.05 -23.17
N PRO D 181 -42.82 -1.82 -24.02
CA PRO D 181 -42.17 -3.04 -23.56
C PRO D 181 -41.08 -2.75 -22.55
N LYS D 182 -40.73 -3.78 -21.79
CA LYS D 182 -39.64 -3.68 -20.83
C LYS D 182 -38.34 -3.31 -21.55
N ALA D 183 -37.64 -2.34 -21.01
CA ALA D 183 -36.34 -1.96 -21.56
C ALA D 183 -35.44 -3.19 -21.67
N PRO D 184 -34.72 -3.36 -22.77
CA PRO D 184 -33.77 -4.49 -22.86
C PRO D 184 -32.63 -4.40 -21.85
N TYR D 185 -32.34 -3.22 -21.29
CA TYR D 185 -31.27 -3.05 -20.34
C TYR D 185 -31.73 -2.15 -19.20
N SER D 186 -31.18 -2.42 -18.01
CA SER D 186 -31.36 -1.55 -16.88
C SER D 186 -30.35 -0.42 -16.96
N ARG D 187 -30.81 0.82 -16.84
CA ARG D 187 -29.98 1.98 -17.14
C ARG D 187 -30.02 3.01 -16.02
N ASP D 188 -28.89 3.70 -15.87
CA ASP D 188 -28.74 4.82 -14.95
C ASP D 188 -28.08 5.94 -15.76
N HIS D 189 -28.56 7.18 -15.58
CA HIS D 189 -28.12 8.28 -16.43
C HIS D 189 -27.98 9.54 -15.58
N ASN D 190 -26.80 10.16 -15.59
CA ASN D 190 -26.64 11.49 -14.99
C ASN D 190 -25.63 12.25 -15.84
N ILE D 191 -25.30 13.47 -15.43
CA ILE D 191 -24.41 14.29 -16.25
C ILE D 191 -23.04 13.64 -16.44
N TRP D 192 -22.68 12.69 -15.57
CA TRP D 192 -21.34 12.09 -15.61
C TRP D 192 -21.29 10.82 -16.48
N TYR D 193 -22.35 10.01 -16.51
CA TYR D 193 -22.24 8.74 -17.18
C TYR D 193 -23.63 8.19 -17.55
N ILE D 194 -23.63 7.13 -18.36
CA ILE D 194 -24.78 6.26 -18.53
C ILE D 194 -24.31 4.82 -18.31
N SER D 195 -25.02 4.08 -17.47
CA SER D 195 -24.73 2.67 -17.28
C SER D 195 -25.80 1.82 -17.96
N HIS D 196 -25.38 0.65 -18.44
CA HIS D 196 -26.26 -0.33 -19.06
C HIS D 196 -25.93 -1.69 -18.49
N GLU D 197 -26.93 -2.38 -17.94
CA GLU D 197 -26.74 -3.66 -17.29
C GLU D 197 -27.94 -4.56 -17.55
N GLY D 198 -27.76 -5.86 -17.33
CA GLY D 198 -28.86 -6.81 -17.41
C GLY D 198 -29.12 -7.30 -18.81
N GLY D 199 -30.16 -8.12 -18.93
CA GLY D 199 -30.47 -8.70 -20.23
C GLY D 199 -29.32 -9.53 -20.76
N VAL D 200 -29.13 -9.49 -22.07
CA VAL D 200 -28.06 -10.26 -22.69
C VAL D 200 -26.68 -9.76 -22.29
N LEU D 201 -26.59 -8.53 -21.75
CA LEU D 201 -25.32 -8.03 -21.21
C LEU D 201 -24.81 -8.87 -20.04
N GLU D 202 -25.69 -9.66 -19.41
CA GLU D 202 -25.28 -10.46 -18.26
C GLU D 202 -24.21 -11.47 -18.62
N ASP D 203 -24.21 -11.94 -19.86
CA ASP D 203 -23.31 -12.98 -20.36
C ASP D 203 -22.04 -12.37 -20.94
N PRO D 204 -20.91 -12.44 -20.21
CA PRO D 204 -19.67 -11.82 -20.71
C PRO D 204 -19.12 -12.44 -21.97
N SER D 205 -19.59 -13.62 -22.37
CA SER D 205 -19.17 -14.20 -23.63
C SER D 205 -19.86 -13.55 -24.83
N GLN D 206 -20.85 -12.68 -24.60
CA GLN D 206 -21.60 -12.03 -25.67
C GLN D 206 -21.10 -10.61 -25.87
N GLU D 207 -20.76 -10.28 -27.12
CA GLU D 207 -20.37 -8.95 -27.50
C GLU D 207 -21.48 -7.93 -27.18
N MET D 208 -21.09 -6.67 -27.00
CA MET D 208 -22.09 -5.62 -26.76
C MET D 208 -23.03 -5.53 -27.95
N PRO D 209 -24.34 -5.62 -27.75
CA PRO D 209 -25.27 -5.42 -28.87
C PRO D 209 -25.23 -3.98 -29.38
N ASN D 210 -25.72 -3.79 -30.61
CA ASN D 210 -25.56 -2.53 -31.32
C ASN D 210 -26.64 -1.51 -30.97
N ASP D 211 -27.52 -1.82 -30.01
CA ASP D 211 -28.57 -0.92 -29.57
C ASP D 211 -28.37 -0.46 -28.12
N VAL D 212 -27.16 -0.60 -27.58
CA VAL D 212 -26.91 -0.23 -26.19
C VAL D 212 -26.65 1.27 -26.07
N LEU D 213 -25.74 1.79 -26.90
CA LEU D 213 -25.23 3.14 -26.69
C LEU D 213 -26.28 4.22 -26.93
N LEU D 214 -26.28 5.25 -26.10
CA LEU D 214 -27.28 6.31 -26.14
C LEU D 214 -26.71 7.70 -26.34
N MET D 215 -25.49 7.98 -25.84
CA MET D 215 -24.90 9.31 -25.98
C MET D 215 -23.53 9.26 -26.65
N THR D 216 -23.06 8.09 -27.08
CA THR D 216 -21.74 7.93 -27.65
C THR D 216 -21.88 7.26 -29.01
N ALA D 217 -21.32 7.89 -30.04
CA ALA D 217 -21.40 7.32 -31.37
C ALA D 217 -20.53 6.08 -31.48
N PRO D 218 -21.03 5.00 -32.10
CA PRO D 218 -20.15 3.90 -32.48
C PRO D 218 -19.00 4.43 -33.34
N VAL D 219 -17.82 3.88 -33.10
CA VAL D 219 -16.61 4.42 -33.74
C VAL D 219 -16.74 4.41 -35.26
N SER D 220 -17.41 3.41 -35.81
CA SER D 220 -17.53 3.37 -37.27
C SER D 220 -18.30 4.54 -37.85
N GLN D 221 -19.03 5.32 -37.03
CA GLN D 221 -19.78 6.43 -37.61
C GLN D 221 -19.27 7.79 -37.12
N THR D 222 -18.09 7.84 -36.53
CA THR D 222 -17.52 9.07 -36.01
C THR D 222 -16.96 9.92 -37.15
N PRO D 223 -16.84 11.24 -36.94
CA PRO D 223 -16.32 12.12 -38.00
C PRO D 223 -14.94 11.69 -38.48
N ASP D 224 -14.65 11.98 -39.76
CA ASP D 224 -13.34 11.68 -40.34
C ASP D 224 -12.32 12.78 -40.07
N GLU D 225 -12.72 13.88 -39.47
CA GLU D 225 -11.83 14.96 -39.10
C GLU D 225 -11.76 15.04 -37.58
N GLU D 226 -10.54 15.04 -37.04
CA GLU D 226 -10.35 15.19 -35.61
C GLU D 226 -10.89 16.54 -35.14
N GLU D 227 -11.15 16.63 -33.83
CA GLU D 227 -11.56 17.88 -33.22
C GLU D 227 -10.59 18.21 -32.08
N VAL D 228 -10.03 19.40 -32.12
CA VAL D 228 -9.10 19.85 -31.10
C VAL D 228 -9.90 20.47 -29.97
N VAL D 229 -9.65 20.03 -28.73
CA VAL D 229 -10.18 20.72 -27.56
C VAL D 229 -9.01 21.17 -26.71
N VAL D 230 -9.14 22.35 -26.11
CA VAL D 230 -8.13 22.90 -25.21
C VAL D 230 -8.81 23.08 -23.86
N LEU D 231 -8.26 22.44 -22.83
CA LEU D 231 -8.82 22.49 -21.50
C LEU D 231 -7.86 23.23 -20.57
N ASP D 232 -8.37 24.24 -19.87
CA ASP D 232 -7.61 24.91 -18.82
C ASP D 232 -8.05 24.34 -17.47
N PHE D 233 -7.07 23.92 -16.66
CA PHE D 233 -7.29 23.43 -15.31
C PHE D 233 -6.75 24.42 -14.29
N LYS D 234 -7.42 24.51 -13.15
CA LYS D 234 -6.91 25.25 -11.99
C LYS D 234 -7.10 24.41 -10.76
N LYS D 235 -6.00 24.14 -10.05
CA LYS D 235 -6.01 23.31 -8.83
C LYS D 235 -6.73 21.98 -9.05
N GLY D 236 -6.47 21.38 -10.22
CA GLY D 236 -6.90 20.02 -10.49
C GLY D 236 -8.25 19.87 -11.16
N VAL D 237 -9.01 20.95 -11.35
CA VAL D 237 -10.33 20.88 -11.97
C VAL D 237 -10.38 21.76 -13.22
N PRO D 238 -11.19 21.40 -14.22
CA PRO D 238 -11.24 22.20 -15.45
C PRO D 238 -12.09 23.45 -15.27
N VAL D 239 -11.60 24.57 -15.80
CA VAL D 239 -12.29 25.85 -15.67
C VAL D 239 -12.62 26.47 -17.01
N ALA D 240 -12.04 25.98 -18.11
CA ALA D 240 -12.33 26.60 -19.40
C ALA D 240 -12.14 25.56 -20.49
N LEU D 241 -12.93 25.71 -21.55
CA LEU D 241 -12.87 24.84 -22.73
C LEU D 241 -12.76 25.74 -23.96
N ASN D 242 -11.73 25.49 -24.76
CA ASN D 242 -11.44 26.26 -25.97
C ASN D 242 -11.38 27.76 -25.68
N GLY D 243 -10.79 28.10 -24.54
CA GLY D 243 -10.58 29.49 -24.19
C GLY D 243 -11.78 30.19 -23.60
N GLN D 244 -12.86 29.47 -23.36
CA GLN D 244 -14.07 30.04 -22.80
C GLN D 244 -14.25 29.48 -21.39
N GLU D 245 -14.32 30.38 -20.41
CA GLU D 245 -14.60 29.94 -19.05
C GLU D 245 -16.05 29.46 -18.96
N LEU D 246 -16.23 28.25 -18.43
CA LEU D 246 -17.53 27.60 -18.38
C LEU D 246 -17.80 27.08 -16.98
N SER D 247 -19.07 27.11 -16.57
CA SER D 247 -19.46 26.48 -15.33
C SER D 247 -19.21 24.98 -15.45
N PRO D 248 -19.02 24.29 -14.31
CA PRO D 248 -18.83 22.83 -14.38
C PRO D 248 -19.90 22.12 -15.19
N VAL D 249 -21.17 22.49 -15.03
CA VAL D 249 -22.24 21.81 -15.75
C VAL D 249 -22.16 22.08 -17.25
N ASP D 250 -21.89 23.33 -17.63
CA ASP D 250 -21.77 23.66 -19.06
C ASP D 250 -20.55 22.99 -19.66
N LEU D 251 -19.46 22.90 -18.91
CA LEU D 251 -18.26 22.29 -19.42
C LEU D 251 -18.47 20.80 -19.65
N LEU D 252 -19.06 20.11 -18.66
CA LEU D 252 -19.40 18.70 -18.81
C LEU D 252 -20.34 18.47 -19.99
N ASN D 253 -21.39 19.29 -20.10
CA ASN D 253 -22.34 19.13 -21.21
C ASN D 253 -21.65 19.28 -22.55
N SER D 254 -20.87 20.34 -22.71
CA SER D 254 -20.17 20.57 -23.97
C SER D 254 -19.20 19.44 -24.28
N LEU D 255 -18.40 19.04 -23.29
CA LEU D 255 -17.44 17.95 -23.51
C LEU D 255 -18.15 16.63 -23.75
N ASN D 256 -19.28 16.38 -23.07
CA ASN D 256 -20.02 15.14 -23.33
C ASN D 256 -20.48 15.09 -24.78
N GLN D 257 -20.96 16.22 -25.31
CA GLN D 257 -21.43 16.25 -26.69
C GLN D 257 -20.26 16.04 -27.65
N LYS D 258 -19.17 16.79 -27.47
CA LYS D 258 -18.04 16.69 -28.38
C LYS D 258 -17.42 15.30 -28.34
N ALA D 259 -17.09 14.81 -27.15
CA ALA D 259 -16.42 13.51 -27.06
C ALA D 259 -17.35 12.38 -27.42
N GLY D 260 -18.65 12.51 -27.11
CA GLY D 260 -19.61 11.50 -27.54
C GLY D 260 -19.71 11.41 -29.05
N GLN D 261 -19.72 12.55 -29.73
CA GLN D 261 -19.77 12.56 -31.20
C GLN D 261 -18.59 11.80 -31.78
N HIS D 262 -17.41 11.95 -31.17
CA HIS D 262 -16.21 11.26 -31.62
C HIS D 262 -16.04 9.87 -31.00
N GLY D 263 -17.09 9.33 -30.37
CA GLY D 263 -17.12 7.93 -29.98
C GLY D 263 -16.28 7.57 -28.78
N ILE D 264 -15.95 8.53 -27.94
CA ILE D 264 -14.97 8.35 -26.86
C ILE D 264 -15.66 7.92 -25.57
N GLY D 265 -15.07 6.95 -24.89
CA GLY D 265 -15.32 6.75 -23.47
C GLY D 265 -16.11 5.51 -23.08
N VAL D 266 -16.40 4.62 -24.01
CA VAL D 266 -17.22 3.46 -23.71
C VAL D 266 -16.36 2.42 -23.01
N ALA D 267 -16.84 1.91 -21.88
CA ALA D 267 -16.19 0.81 -21.18
C ALA D 267 -17.14 -0.39 -21.14
N ASP D 268 -16.64 -1.53 -21.57
CA ASP D 268 -17.38 -2.80 -21.52
C ASP D 268 -16.61 -3.63 -20.51
N ILE D 269 -17.13 -3.74 -19.27
CA ILE D 269 -16.31 -4.31 -18.21
C ILE D 269 -17.09 -5.28 -17.34
N VAL D 270 -16.34 -6.13 -16.65
CA VAL D 270 -16.85 -7.00 -15.59
C VAL D 270 -16.22 -6.52 -14.28
N GLU D 271 -17.05 -6.24 -13.28
CA GLU D 271 -16.51 -5.72 -12.03
C GLU D 271 -17.02 -6.57 -10.88
N ASN D 272 -16.29 -6.53 -9.76
CA ASN D 272 -16.75 -7.17 -8.53
C ASN D 272 -17.70 -6.25 -7.78
N ARG D 273 -18.87 -6.77 -7.46
CA ARG D 273 -19.77 -6.03 -6.60
C ARG D 273 -19.27 -6.08 -5.15
N LEU D 274 -19.81 -5.19 -4.33
CA LEU D 274 -19.66 -5.44 -2.90
C LEU D 274 -20.68 -6.49 -2.44
N VAL D 275 -21.94 -6.33 -2.84
CA VAL D 275 -23.02 -7.26 -2.53
C VAL D 275 -23.24 -8.16 -3.73
N GLY D 276 -22.82 -9.41 -3.63
CA GLY D 276 -22.95 -10.35 -4.71
C GLY D 276 -21.61 -10.67 -5.35
N MET D 277 -21.68 -11.21 -6.56
CA MET D 277 -20.46 -11.63 -7.22
C MET D 277 -19.99 -10.56 -8.20
N LYS D 278 -20.08 -10.87 -9.49
CA LYS D 278 -19.59 -9.99 -10.54
CA LYS D 278 -19.58 -10.01 -10.54
C LYS D 278 -20.74 -9.51 -11.40
N ILE D 279 -20.56 -8.33 -12.00
CA ILE D 279 -21.55 -7.78 -12.90
C ILE D 279 -20.86 -7.28 -14.17
N ARG D 280 -21.46 -7.57 -15.31
CA ARG D 280 -21.00 -7.07 -16.61
C ARG D 280 -21.83 -5.85 -16.96
N GLY D 281 -21.17 -4.74 -17.30
CA GLY D 281 -21.87 -3.53 -17.69
C GLY D 281 -21.18 -2.81 -18.83
N ILE D 282 -21.96 -1.97 -19.52
CA ILE D 282 -21.44 -0.99 -20.48
C ILE D 282 -21.59 0.39 -19.85
N TYR D 283 -20.52 1.19 -19.86
CA TYR D 283 -20.59 2.53 -19.27
C TYR D 283 -20.12 3.56 -20.27
N GLU D 284 -20.95 4.58 -20.49
CA GLU D 284 -20.61 5.72 -21.32
C GLU D 284 -20.27 6.91 -20.43
N ALA D 285 -19.15 7.55 -20.70
CA ALA D 285 -18.74 8.73 -19.96
C ALA D 285 -17.72 9.49 -20.80
N PRO D 286 -18.16 10.16 -21.87
CA PRO D 286 -17.21 10.80 -22.80
C PRO D 286 -16.44 11.95 -22.16
N ALA D 287 -17.14 12.90 -21.52
CA ALA D 287 -16.43 13.99 -20.85
C ALA D 287 -15.50 13.47 -19.76
N ALA D 288 -15.98 12.50 -18.97
CA ALA D 288 -15.15 11.94 -17.90
C ALA D 288 -13.84 11.38 -18.43
N ALA D 289 -13.91 10.65 -19.55
CA ALA D 289 -12.69 10.09 -20.15
C ALA D 289 -11.73 11.20 -20.56
N VAL D 290 -12.24 12.24 -21.20
CA VAL D 290 -11.39 13.37 -21.61
C VAL D 290 -10.80 14.08 -20.40
N LEU D 291 -11.61 14.33 -19.37
CA LEU D 291 -11.10 15.02 -18.19
C LEU D 291 -10.05 14.19 -17.46
N TYR D 292 -10.30 12.88 -17.33
CA TYR D 292 -9.32 11.99 -16.71
C TYR D 292 -8.00 12.02 -17.44
N LYS D 293 -8.05 11.99 -18.78
CA LYS D 293 -6.82 12.03 -19.58
C LYS D 293 -6.06 13.32 -19.33
N ALA D 294 -6.76 14.47 -19.42
CA ALA D 294 -6.09 15.75 -19.28
C ALA D 294 -5.52 15.93 -17.88
N HIS D 295 -6.27 15.51 -16.87
CA HIS D 295 -5.79 15.59 -15.49
C HIS D 295 -4.54 14.77 -15.28
N LYS D 296 -4.54 13.54 -15.82
CA LYS D 296 -3.38 12.66 -15.68
C LYS D 296 -2.16 13.26 -16.38
N LEU D 297 -2.35 13.84 -17.57
CA LEU D 297 -1.25 14.53 -18.26
C LEU D 297 -0.69 15.67 -17.39
N LEU D 298 -1.57 16.52 -16.85
CA LEU D 298 -1.08 17.65 -16.07
C LEU D 298 -0.38 17.18 -14.80
N GLU D 299 -0.89 16.11 -14.16
CA GLU D 299 -0.22 15.59 -12.97
C GLU D 299 1.19 15.10 -13.32
N SER D 300 1.35 14.49 -14.48
CA SER D 300 2.68 14.00 -14.86
C SER D 300 3.66 15.14 -15.04
N LEU D 301 3.16 16.34 -15.31
CA LEU D 301 4.01 17.51 -15.50
C LEU D 301 4.26 18.24 -14.19
N CYS D 302 3.29 18.22 -13.27
CA CYS D 302 3.32 19.14 -12.13
C CYS D 302 3.68 18.52 -10.80
N LEU D 303 3.58 17.20 -10.64
CA LEU D 303 3.87 16.54 -9.38
C LEU D 303 5.28 15.96 -9.39
N THR D 304 5.92 15.94 -8.22
CA THR D 304 7.17 15.20 -8.06
C THR D 304 6.90 13.70 -8.22
N ARG D 305 7.98 12.95 -8.42
CA ARG D 305 7.86 11.50 -8.48
C ARG D 305 7.27 10.94 -7.19
N SER D 306 7.75 11.43 -6.03
CA SER D 306 7.29 10.88 -4.77
C SER D 306 5.81 11.20 -4.53
N THR D 307 5.39 12.43 -4.83
CA THR D 307 3.96 12.75 -4.68
C THR D 307 3.11 11.93 -5.66
N LEU D 308 3.55 11.83 -6.91
CA LEU D 308 2.79 11.09 -7.90
C LEU D 308 2.63 9.63 -7.48
N HIS D 309 3.72 8.99 -7.09
CA HIS D 309 3.63 7.56 -6.77
C HIS D 309 2.74 7.34 -5.56
N LEU D 310 2.87 8.18 -4.53
CA LEU D 310 2.02 8.01 -3.34
C LEU D 310 0.55 8.24 -3.70
N LYS D 311 0.27 9.29 -4.46
CA LYS D 311 -1.13 9.54 -4.84
C LYS D 311 -1.69 8.40 -5.68
N GLN D 312 -0.92 7.90 -6.64
CA GLN D 312 -1.41 6.78 -7.43
C GLN D 312 -1.68 5.55 -6.58
N SER D 313 -0.90 5.36 -5.51
CA SER D 313 -1.11 4.21 -4.63
C SER D 313 -2.39 4.35 -3.80
N LEU D 314 -2.95 5.54 -3.66
CA LEU D 314 -4.18 5.76 -2.91
C LEU D 314 -5.42 5.85 -3.81
N GLN D 315 -5.25 5.78 -5.13
CA GLN D 315 -6.38 5.85 -6.03
C GLN D 315 -7.34 4.70 -5.80
N GLN D 316 -6.81 3.48 -5.63
CA GLN D 316 -7.67 2.30 -5.41
C GLN D 316 -8.45 2.43 -4.11
N THR D 317 -7.79 2.88 -3.05
CA THR D 317 -8.50 3.10 -1.78
C THR D 317 -9.67 4.04 -1.98
N TYR D 318 -9.43 5.14 -2.71
CA TYR D 318 -10.50 6.11 -2.95
C TYR D 318 -11.60 5.50 -3.83
N ALA D 319 -11.21 4.80 -4.89
CA ALA D 319 -12.20 4.17 -5.77
C ALA D 319 -13.09 3.19 -5.00
N ASN D 320 -12.48 2.38 -4.15
CA ASN D 320 -13.26 1.38 -3.39
C ASN D 320 -14.22 2.07 -2.47
N LEU D 321 -13.75 3.12 -1.79
CA LEU D 321 -14.61 3.89 -0.90
C LEU D 321 -15.80 4.48 -1.66
N VAL D 322 -15.57 5.07 -2.83
CA VAL D 322 -16.70 5.62 -3.59
C VAL D 322 -17.63 4.51 -4.06
N TYR D 323 -17.06 3.42 -4.56
CA TYR D 323 -17.85 2.31 -5.08
C TYR D 323 -18.75 1.71 -4.01
N GLU D 324 -18.24 1.59 -2.79
CA GLU D 324 -18.94 0.89 -1.72
C GLU D 324 -19.94 1.79 -1.01
N GLY D 325 -20.06 3.05 -1.41
CA GLY D 325 -21.03 3.94 -0.81
C GLY D 325 -20.56 4.65 0.45
N ARG D 326 -19.25 4.62 0.74
CA ARG D 326 -18.71 5.14 1.99
C ARG D 326 -18.30 6.62 1.87
N TRP D 327 -18.95 7.38 0.99
CA TRP D 327 -18.64 8.79 0.74
C TRP D 327 -18.62 9.61 2.02
N PHE D 328 -19.65 9.47 2.85
CA PHE D 328 -19.78 10.25 4.07
C PHE D 328 -19.08 9.50 5.20
N SER D 329 -17.74 9.62 5.24
CA SER D 329 -16.94 8.98 6.27
C SER D 329 -15.69 9.82 6.54
N GLN D 330 -15.18 9.72 7.76
CA GLN D 330 -13.94 10.44 8.06
C GLN D 330 -12.79 9.91 7.20
N THR D 331 -12.81 8.62 6.86
CA THR D 331 -11.79 8.10 5.96
C THR D 331 -11.76 8.90 4.65
N LYS D 332 -12.94 9.18 4.09
CA LYS D 332 -12.97 9.95 2.85
CA LYS D 332 -12.98 9.96 2.85
C LYS D 332 -12.50 11.39 3.06
N GLN D 333 -12.92 12.01 4.18
CA GLN D 333 -12.45 13.36 4.46
C GLN D 333 -10.93 13.43 4.53
N ALA D 334 -10.30 12.41 5.12
CA ALA D 334 -8.85 12.44 5.23
C ALA D 334 -8.19 12.26 3.86
N LEU D 335 -8.75 11.38 3.01
CA LEU D 335 -8.22 11.26 1.66
C LEU D 335 -8.38 12.56 0.88
N ASP D 336 -9.52 13.24 1.02
CA ASP D 336 -9.72 14.50 0.32
C ASP D 336 -8.68 15.54 0.73
N ALA D 337 -8.33 15.59 2.01
CA ALA D 337 -7.35 16.55 2.47
C ALA D 337 -5.98 16.28 1.86
N PHE D 338 -5.60 15.01 1.80
CA PHE D 338 -4.40 14.61 1.07
C PHE D 338 -4.45 15.05 -0.39
N ILE D 339 -5.52 14.66 -1.08
CA ILE D 339 -5.63 14.95 -2.50
C ILE D 339 -5.59 16.45 -2.74
N ASP D 340 -6.27 17.24 -1.90
CA ASP D 340 -6.31 18.68 -2.12
C ASP D 340 -4.92 19.31 -2.11
N VAL D 341 -4.03 18.85 -1.20
CA VAL D 341 -2.66 19.35 -1.20
C VAL D 341 -1.97 19.02 -2.53
N THR D 342 -2.12 17.78 -3.01
CA THR D 342 -1.44 17.40 -4.25
C THR D 342 -1.96 18.17 -5.46
N GLN D 343 -3.16 18.71 -5.38
CA GLN D 343 -3.74 19.42 -6.51
C GLN D 343 -3.42 20.92 -6.53
N GLN D 344 -2.68 21.43 -5.53
CA GLN D 344 -2.51 22.88 -5.43
CA GLN D 344 -2.46 22.87 -5.40
C GLN D 344 -1.86 23.47 -6.67
N HIS D 345 -0.97 22.74 -7.34
CA HIS D 345 -0.27 23.26 -8.51
C HIS D 345 -0.68 22.58 -9.82
N VAL D 346 -1.74 21.78 -9.81
CA VAL D 346 -2.16 21.10 -11.03
C VAL D 346 -2.99 22.08 -11.85
N THR D 347 -2.28 23.03 -12.45
CA THR D 347 -2.85 24.20 -13.09
C THR D 347 -2.16 24.38 -14.42
N GLY D 348 -2.93 24.50 -15.49
CA GLY D 348 -2.32 24.70 -16.78
C GLY D 348 -3.28 24.33 -17.90
N CYS D 349 -2.69 24.06 -19.06
CA CYS D 349 -3.44 23.97 -20.30
C CYS D 349 -3.10 22.62 -20.94
N VAL D 350 -4.12 21.88 -21.39
CA VAL D 350 -3.91 20.63 -22.12
C VAL D 350 -4.66 20.71 -23.43
N LYS D 351 -3.95 20.50 -24.53
CA LYS D 351 -4.57 20.38 -25.85
C LYS D 351 -4.72 18.90 -26.21
N LEU D 352 -5.90 18.51 -26.69
CA LEU D 352 -6.22 17.13 -27.01
C LEU D 352 -6.91 17.05 -28.37
N LYS D 353 -6.62 15.97 -29.11
CA LYS D 353 -7.32 15.71 -30.37
C LYS D 353 -8.29 14.55 -30.15
N LEU D 354 -9.56 14.80 -30.42
CA LEU D 354 -10.60 13.78 -30.31
C LEU D 354 -10.84 13.19 -31.69
N PHE D 355 -10.76 11.87 -31.80
CA PHE D 355 -10.77 11.26 -33.13
C PHE D 355 -11.06 9.78 -33.01
N LYS D 356 -12.22 9.36 -33.49
CA LYS D 356 -12.59 7.95 -33.67
C LYS D 356 -12.29 7.14 -32.42
N GLY D 357 -12.80 7.62 -31.29
CA GLY D 357 -12.68 6.90 -30.04
C GLY D 357 -11.40 7.16 -29.29
N ASN D 358 -10.46 7.92 -29.86
CA ASN D 358 -9.15 8.16 -29.27
C ASN D 358 -9.09 9.57 -28.69
N ILE D 359 -8.39 9.70 -27.57
CA ILE D 359 -8.05 11.00 -27.01
C ILE D 359 -6.55 11.16 -27.18
N ILE D 360 -6.13 11.98 -28.12
CA ILE D 360 -4.73 12.02 -28.55
C ILE D 360 -4.07 13.27 -27.95
N PRO D 361 -2.98 13.12 -27.20
CA PRO D 361 -2.27 14.29 -26.67
C PRO D 361 -1.79 15.22 -27.79
N ALA D 362 -1.99 16.52 -27.60
CA ALA D 362 -1.56 17.50 -28.59
C ALA D 362 -0.80 18.65 -27.96
N GLY D 363 -0.20 18.45 -26.80
CA GLY D 363 0.58 19.49 -26.16
C GLY D 363 0.00 19.88 -24.82
N MET D 364 0.87 20.24 -23.87
CA MET D 364 0.41 20.75 -22.59
C MET D 364 1.48 21.69 -22.05
N HIS D 365 1.05 22.59 -21.17
CA HIS D 365 2.00 23.46 -20.49
CA HIS D 365 1.93 23.61 -20.55
C HIS D 365 1.41 23.92 -19.16
N SER D 366 2.31 24.24 -18.24
CA SER D 366 1.90 24.69 -16.92
C SER D 366 2.93 25.68 -16.39
N PRO D 367 2.50 26.76 -15.74
CA PRO D 367 3.47 27.62 -15.04
C PRO D 367 4.21 26.88 -13.93
N TYR D 368 3.71 25.72 -13.50
CA TYR D 368 4.34 24.94 -12.43
C TYR D 368 4.91 23.63 -12.96
N SER D 369 5.19 23.56 -14.26
CA SER D 369 5.86 22.41 -14.83
C SER D 369 7.20 22.18 -14.15
N LEU D 370 7.46 20.92 -13.81
CA LEU D 370 8.75 20.52 -13.27
C LEU D 370 9.69 20.01 -14.35
N HIS D 371 9.26 20.01 -15.61
CA HIS D 371 10.05 19.54 -16.71
C HIS D 371 10.90 20.68 -17.25
N HIS D 372 12.21 20.47 -17.34
CA HIS D 372 13.12 21.48 -17.87
C HIS D 372 14.29 20.87 -18.66
N ASN D 385 25.44 15.82 -14.23
CA ASN D 385 26.88 15.57 -14.24
C ASN D 385 27.20 14.07 -14.34
N GLN D 386 28.33 13.76 -14.99
CA GLN D 386 28.74 12.36 -15.16
C GLN D 386 29.31 11.80 -13.85
N LYS D 387 30.04 12.62 -13.09
CA LYS D 387 30.56 12.16 -11.81
C LYS D 387 29.42 11.90 -10.82
N ASP D 388 28.36 12.72 -10.86
CA ASP D 388 27.24 12.49 -9.96
C ASP D 388 26.60 11.14 -10.21
N ALA D 389 26.41 10.79 -11.50
CA ALA D 389 25.78 9.53 -11.84
C ALA D 389 26.54 8.34 -11.28
N GLU D 390 27.87 8.35 -11.41
CA GLU D 390 28.65 7.23 -10.91
C GLU D 390 28.45 7.04 -9.41
N GLY D 391 28.44 8.14 -8.66
CA GLY D 391 28.21 8.02 -7.23
C GLY D 391 26.82 7.53 -6.91
N PHE D 392 25.82 8.00 -7.65
CA PHE D 392 24.46 7.53 -7.43
C PHE D 392 24.35 6.02 -7.73
N ILE D 393 24.90 5.59 -8.88
CA ILE D 393 24.84 4.19 -9.25
C ILE D 393 25.44 3.31 -8.16
N ASN D 394 26.60 3.70 -7.64
CA ASN D 394 27.30 2.86 -6.69
C ASN D 394 26.51 2.72 -5.38
N LEU D 395 25.91 3.81 -4.88
CA LEU D 395 25.15 3.67 -3.65
C LEU D 395 23.78 3.04 -3.90
N PHE D 396 23.17 3.31 -5.05
CA PHE D 396 21.87 2.70 -5.33
C PHE D 396 21.97 1.20 -5.48
N SER D 397 23.09 0.70 -6.00
CA SER D 397 23.28 -0.73 -6.22
CA SER D 397 23.30 -0.73 -6.23
C SER D 397 24.08 -1.40 -5.11
N LEU D 398 24.40 -0.69 -4.03
CA LEU D 398 25.28 -1.26 -3.01
C LEU D 398 24.64 -2.48 -2.36
N SER D 399 23.36 -2.38 -2.01
CA SER D 399 22.66 -3.51 -1.40
C SER D 399 22.71 -4.73 -2.30
N ALA D 400 22.44 -4.54 -3.60
CA ALA D 400 22.48 -5.68 -4.51
C ALA D 400 23.86 -6.31 -4.55
N LYS D 401 24.91 -5.47 -4.51
CA LYS D 401 26.27 -6.01 -4.53
C LYS D 401 26.56 -6.82 -3.28
N ILE D 402 26.21 -6.27 -2.11
CA ILE D 402 26.44 -6.98 -0.85
CA ILE D 402 26.44 -6.97 -0.85
C ILE D 402 25.63 -8.27 -0.81
N TYR D 403 24.37 -8.20 -1.23
CA TYR D 403 23.52 -9.40 -1.23
C TYR D 403 24.13 -10.49 -2.11
N SER D 404 24.62 -10.11 -3.30
CA SER D 404 25.17 -11.12 -4.20
CA SER D 404 25.18 -11.10 -4.21
C SER D 404 26.49 -11.67 -3.69
N GLN D 405 27.29 -10.87 -2.98
CA GLN D 405 28.53 -11.42 -2.41
C GLN D 405 28.24 -12.42 -1.31
N VAL D 406 27.23 -12.13 -0.48
CA VAL D 406 26.82 -13.02 0.59
C VAL D 406 26.23 -14.31 0.01
N HIS D 407 25.43 -14.21 -1.04
CA HIS D 407 24.80 -15.39 -1.63
C HIS D 407 25.50 -15.81 -2.92
N GLN D 408 26.83 -15.91 -2.86
CA GLN D 408 27.63 -16.20 -4.04
C GLN D 408 27.25 -17.56 -4.63
N GLY D 409 27.08 -17.59 -5.95
CA GLY D 409 26.65 -18.79 -6.64
C GLY D 409 25.15 -18.96 -6.72
N GLY D 410 24.36 -18.02 -6.18
CA GLY D 410 22.93 -18.15 -6.18
C GLY D 410 22.26 -17.53 -7.40
N ASN D 411 21.01 -17.93 -7.61
CA ASN D 411 20.23 -17.55 -8.79
C ASN D 411 19.18 -16.50 -8.41
N TYR D 412 18.57 -15.92 -9.45
CA TYR D 412 17.39 -15.06 -9.28
C TYR D 412 16.23 -15.56 -10.15
C1 EDO E . 2.91 -3.62 42.20
O1 EDO E . 2.11 -3.24 41.07
C2 EDO E . 4.13 -2.72 42.27
O2 EDO E . 3.72 -1.35 42.20
C1 EDO F . 20.65 35.06 20.65
O1 EDO F . 21.16 33.86 21.22
C2 EDO F . 21.53 35.44 19.47
O2 EDO F . 21.52 34.36 18.53
C1 EDO G . 30.17 17.63 13.61
O1 EDO G . 30.89 16.59 12.93
C2 EDO G . 30.50 17.59 15.10
O2 EDO G . 31.30 18.74 15.46
S SO4 H . -16.41 3.26 8.44
O1 SO4 H . -17.39 2.64 7.55
O2 SO4 H . -15.80 4.43 7.81
O3 SO4 H . -15.38 2.25 8.77
O4 SO4 H . -17.06 3.66 9.67
S SO4 I . -12.46 -13.88 -1.15
O1 SO4 I . -12.50 -12.55 -1.80
O2 SO4 I . -13.15 -14.85 -1.99
O3 SO4 I . -13.15 -13.83 0.14
O4 SO4 I . -11.09 -14.35 -0.98
S SO4 J . -19.16 -24.49 31.02
O1 SO4 J . -17.89 -23.87 30.67
O2 SO4 J . -20.21 -23.92 30.18
O3 SO4 J . -19.49 -24.19 32.41
O4 SO4 J . -19.06 -25.94 30.86
C1 EDO K . 20.32 -8.10 35.99
O1 EDO K . 19.70 -7.83 34.72
C2 EDO K . 19.62 -9.26 36.70
O2 EDO K . 19.77 -10.48 35.95
C1 EDO L . -6.64 -35.70 8.96
O1 EDO L . -5.33 -35.12 9.03
C2 EDO L . -6.88 -36.58 10.17
O2 EDO L . -7.26 -35.81 11.30
C1 EDO M . -11.05 -31.64 3.45
O1 EDO M . -11.00 -30.21 3.60
C2 EDO M . -9.93 -32.11 2.52
O2 EDO M . -8.66 -31.81 3.10
C1 EDO N . -19.27 -23.03 23.24
O1 EDO N . -20.61 -22.56 23.01
C2 EDO N . -19.07 -23.38 24.71
O2 EDO N . -19.57 -24.69 24.95
C1 EDO O . -36.79 -22.91 19.60
O1 EDO O . -36.63 -23.26 18.21
C2 EDO O . -35.65 -23.52 20.39
O2 EDO O . -35.13 -22.55 21.31
S SO4 P . 17.86 -4.16 -3.12
O1 SO4 P . 18.27 -3.22 -4.16
O2 SO4 P . 16.94 -5.15 -3.68
O3 SO4 P . 17.26 -3.40 -2.00
O4 SO4 P . 19.04 -4.88 -2.64
S SO4 Q . 25.09 5.14 -35.40
O1 SO4 Q . 24.94 6.12 -36.46
O2 SO4 Q . 23.79 4.57 -35.07
O3 SO4 Q . 25.97 4.08 -35.87
O4 SO4 Q . 25.65 5.78 -34.21
C1 EDO R . -17.82 -1.91 -37.67
O1 EDO R . -17.03 -1.67 -36.50
C2 EDO R . -17.01 -1.61 -38.94
O2 EDO R . -15.93 -2.54 -39.07
C1 EDO S . 26.79 -17.03 -33.22
O1 EDO S . 25.77 -16.05 -33.39
C2 EDO S . 28.03 -16.37 -32.59
O2 EDO S . 27.83 -16.29 -31.17
C1 EDO T . 25.53 3.23 -27.78
O1 EDO T . 25.80 4.52 -27.17
C2 EDO T . 25.21 3.36 -29.26
O2 EDO T . 26.15 2.62 -30.04
C1 EDO U . 40.47 10.79 -22.26
O1 EDO U . 40.32 10.21 -20.97
C2 EDO U . 39.73 9.92 -23.27
O2 EDO U . 38.83 10.72 -24.05
S SO4 V . 10.69 14.66 -4.00
O1 SO4 V . 10.28 13.56 -4.89
O2 SO4 V . 10.79 15.88 -4.79
O3 SO4 V . 11.99 14.32 -3.41
O4 SO4 V . 9.69 14.89 -2.97
S SO4 W . -40.33 2.09 -15.46
O1 SO4 W . -40.21 1.61 -16.82
O2 SO4 W . -41.61 2.78 -15.32
O3 SO4 W . -39.23 3.02 -15.17
O4 SO4 W . -40.27 0.96 -14.53
C1 EDO X . -6.85 13.29 -39.41
O1 EDO X . -5.92 14.02 -38.60
C2 EDO X . -8.08 14.15 -39.67
O2 EDO X . -8.31 15.00 -38.53
C1 EDO Y . -30.49 22.68 0.37
O1 EDO Y . -31.07 21.75 -0.55
C2 EDO Y . -28.98 22.72 0.15
O2 EDO Y . -28.28 22.06 1.23
C1 EDO Z . -36.43 3.06 -9.28
O1 EDO Z . -36.74 1.96 -8.40
C2 EDO Z . -37.42 3.06 -10.45
O2 EDO Z . -38.68 3.58 -9.98
#